data_1FZW
#
_entry.id   1FZW
#
_cell.length_a   71.656
_cell.length_b   73.656
_cell.length_c   134.469
_cell.angle_alpha   89.98
_cell.angle_beta   80.91
_cell.angle_gamma   80.91
#
_symmetry.space_group_name_H-M   'P 1'
#
loop_
_entity.id
_entity.type
_entity.pdbx_description
1 polymer 'GLUCOSE-1-PHOSPHATE THYMIDYLYLTRANSFERASE'
2 non-polymer 'SULFATE ION'
3 water water
#
_entity_poly.entity_id   1
_entity_poly.type   'polypeptide(L)'
_entity_poly.pdbx_seq_one_letter_code
;MKRKGIILAGGSGTRLHPATLAISKQLLPVYDKPMIYYPLSTLMLAGIREILIISTPQDTPRFQQLLGDGSNWGLDLQYA
VQPSPDGLAQAFLIGESFIGNDLSALVLGDNLYYGHDFHELLGSASQRQTGASVFAYHVLDPERYGVVEFDQGGKAISLE
EKPLEPKSNYAVTGLYFYDQQVVDIARDLKPSPRGELEITDVNRAYLERGQLSVEIMGRGYAWLDTGTHDSLLEAGQFIA
TLENRQGLKVACPEEIAYRQKWIDAAQLEKLAAPLAKNGYGQYLKRLLTETVY
;
_entity_poly.pdbx_strand_id   A,B,C,D,E,F,G,H
#
loop_
_chem_comp.id
_chem_comp.type
_chem_comp.name
_chem_comp.formula
SO4 non-polymer 'SULFATE ION' 'O4 S -2'
#
# COMPACT_ATOMS: atom_id res chain seq x y z
N LYS A 2 64.21 -39.88 0.97
CA LYS A 2 62.67 -39.73 0.99
C LYS A 2 62.37 -38.68 1.99
N ARG A 3 61.42 -37.84 1.73
CA ARG A 3 60.99 -36.99 2.78
C ARG A 3 59.57 -37.22 3.03
N LYS A 4 59.16 -37.10 4.31
CA LYS A 4 57.81 -37.26 4.71
C LYS A 4 57.08 -35.89 4.89
N GLY A 5 55.80 -35.86 4.61
CA GLY A 5 55.05 -34.60 4.60
C GLY A 5 53.98 -34.59 5.66
N ILE A 6 53.69 -33.39 6.12
CA ILE A 6 52.62 -33.13 7.03
C ILE A 6 51.79 -31.93 6.59
N ILE A 7 50.48 -32.13 6.62
CA ILE A 7 49.55 -31.02 6.38
C ILE A 7 48.80 -30.77 7.70
N LEU A 8 48.96 -29.57 8.20
CA LEU A 8 48.28 -29.17 9.40
C LEU A 8 47.06 -28.36 8.96
N ALA A 9 45.94 -29.01 9.10
CA ALA A 9 44.66 -28.47 8.57
C ALA A 9 43.77 -28.25 9.64
N GLY A 10 44.17 -27.60 10.68
CA GLY A 10 43.29 -27.54 11.81
C GLY A 10 42.75 -26.14 12.08
N GLY A 11 42.59 -25.84 13.36
CA GLY A 11 42.16 -24.52 13.82
C GLY A 11 40.67 -24.27 13.65
N SER A 12 40.28 -23.10 14.19
CA SER A 12 38.91 -22.62 14.28
C SER A 12 38.41 -22.04 12.96
N GLY A 13 39.20 -21.14 12.38
CA GLY A 13 38.78 -20.38 11.19
C GLY A 13 37.71 -19.34 11.63
N THR A 14 37.93 -18.72 12.81
CA THR A 14 36.97 -17.75 13.40
C THR A 14 36.82 -16.52 12.51
N ARG A 15 37.89 -16.13 11.84
CA ARG A 15 37.77 -15.05 10.88
C ARG A 15 36.72 -15.43 9.81
N LEU A 16 36.37 -16.74 9.74
CA LEU A 16 35.46 -17.27 8.73
C LEU A 16 34.08 -17.61 9.28
N HIS A 17 33.77 -17.19 10.49
CA HIS A 17 32.43 -17.39 10.99
C HIS A 17 31.48 -16.40 10.27
N PRO A 18 30.24 -16.85 10.08
CA PRO A 18 29.73 -18.16 10.48
C PRO A 18 29.80 -19.09 9.26
N ALA A 19 30.55 -18.71 8.23
CA ALA A 19 30.59 -19.52 7.06
C ALA A 19 31.15 -20.88 7.48
N THR A 20 32.18 -20.91 8.31
CA THR A 20 32.76 -22.21 8.64
C THR A 20 32.05 -22.89 9.81
N LEU A 21 31.02 -22.25 10.35
CA LEU A 21 30.27 -22.93 11.38
C LEU A 21 29.85 -24.29 10.78
N ALA A 22 29.50 -24.22 9.50
CA ALA A 22 29.00 -25.35 8.72
C ALA A 22 30.14 -26.33 8.39
N ILE A 23 31.11 -25.83 7.66
CA ILE A 23 32.24 -26.67 7.23
C ILE A 23 33.62 -26.02 7.47
N SER A 24 34.57 -26.86 7.84
CA SER A 24 35.92 -26.42 8.17
C SER A 24 36.54 -25.71 7.00
N LYS A 25 37.29 -24.67 7.26
CA LYS A 25 37.91 -23.88 6.21
C LYS A 25 38.62 -24.75 5.17
N GLN A 26 39.38 -25.77 5.63
CA GLN A 26 40.22 -26.50 4.63
C GLN A 26 39.39 -27.46 3.79
N LEU A 27 38.11 -27.58 4.14
CA LEU A 27 37.17 -28.40 3.36
C LEU A 27 36.42 -27.54 2.42
N LEU A 28 36.40 -26.23 2.66
CA LEU A 28 35.71 -25.33 1.73
C LEU A 28 36.43 -25.38 0.42
N PRO A 29 35.74 -25.19 -0.71
CA PRO A 29 36.47 -25.22 -1.94
C PRO A 29 37.04 -23.90 -2.26
N VAL A 30 38.10 -24.01 -3.07
CA VAL A 30 38.65 -22.85 -3.67
C VAL A 30 38.34 -23.06 -5.15
N TYR A 31 37.33 -22.34 -5.67
CA TYR A 31 36.81 -22.48 -7.03
C TYR A 31 36.19 -23.90 -7.28
N ASP A 32 36.91 -24.88 -7.73
CA ASP A 32 36.41 -26.15 -8.15
C ASP A 32 36.88 -27.33 -7.42
N LYS A 33 37.69 -27.20 -6.37
CA LYS A 33 38.16 -28.41 -5.67
C LYS A 33 38.38 -28.01 -4.20
N PRO A 34 38.29 -28.98 -3.30
CA PRO A 34 38.47 -28.75 -1.88
C PRO A 34 39.86 -28.08 -1.63
N MET A 35 39.92 -27.17 -0.67
N MET A 35 39.91 -27.16 -0.67
CA MET A 35 41.08 -26.35 -0.34
CA MET A 35 41.07 -26.36 -0.35
C MET A 35 42.30 -27.21 -0.06
C MET A 35 42.30 -27.20 -0.07
N ILE A 36 42.10 -28.33 0.58
CA ILE A 36 43.15 -29.20 0.96
C ILE A 36 43.84 -29.75 -0.24
N TYR A 37 43.19 -29.80 -1.43
CA TYR A 37 43.87 -30.30 -2.58
C TYR A 37 45.18 -29.50 -2.94
N TYR A 38 45.15 -28.21 -2.62
CA TYR A 38 46.25 -27.28 -2.92
C TYR A 38 47.57 -27.58 -2.16
N PRO A 39 47.57 -27.59 -0.82
CA PRO A 39 48.71 -28.01 -0.05
C PRO A 39 49.06 -29.45 -0.31
N LEU A 40 48.09 -30.34 -0.53
CA LEU A 40 48.45 -31.70 -0.92
C LEU A 40 49.26 -31.73 -2.25
N SER A 41 48.76 -31.04 -3.26
CA SER A 41 49.39 -31.02 -4.52
C SER A 41 50.84 -30.49 -4.40
N THR A 42 50.99 -29.42 -3.60
CA THR A 42 52.28 -28.88 -3.20
C THR A 42 53.27 -29.91 -2.71
N LEU A 43 52.92 -30.65 -1.66
CA LEU A 43 53.72 -31.84 -1.25
C LEU A 43 54.04 -32.76 -2.36
N MET A 44 53.05 -33.12 -3.18
CA MET A 44 53.26 -34.05 -4.34
C MET A 44 54.25 -33.52 -5.38
N LEU A 45 54.20 -32.24 -5.56
CA LEU A 45 55.11 -31.62 -6.49
C LEU A 45 56.53 -31.61 -5.89
N ALA A 46 56.63 -31.62 -4.59
CA ALA A 46 57.92 -31.74 -3.92
C ALA A 46 58.52 -33.20 -3.92
N GLY A 47 57.80 -34.11 -4.45
CA GLY A 47 58.15 -35.51 -4.53
C GLY A 47 57.75 -36.30 -3.34
N ILE A 48 56.81 -35.81 -2.59
CA ILE A 48 56.48 -36.44 -1.32
C ILE A 48 55.24 -37.26 -1.48
N ARG A 49 55.26 -38.54 -1.05
CA ARG A 49 54.12 -39.45 -1.21
C ARG A 49 53.46 -39.96 0.10
N GLU A 50 54.19 -39.91 1.19
CA GLU A 50 53.77 -40.41 2.52
C GLU A 50 53.46 -39.18 3.29
N ILE A 51 52.19 -38.94 3.62
CA ILE A 51 51.81 -37.67 4.22
C ILE A 51 50.93 -37.80 5.38
N LEU A 52 51.15 -36.99 6.45
CA LEU A 52 50.28 -37.06 7.62
C LEU A 52 49.30 -35.82 7.65
N ILE A 53 47.96 -36.05 7.70
CA ILE A 53 47.00 -35.01 7.79
C ILE A 53 46.51 -34.92 9.28
N ILE A 54 46.82 -33.78 9.84
CA ILE A 54 46.51 -33.43 11.21
C ILE A 54 45.40 -32.38 11.18
N SER A 55 44.30 -32.62 11.89
CA SER A 55 43.19 -31.74 11.94
C SER A 55 42.51 -31.90 13.29
N THR A 56 41.37 -31.23 13.43
CA THR A 56 40.62 -31.23 14.68
C THR A 56 39.99 -32.60 14.88
N PRO A 57 39.60 -32.88 16.11
CA PRO A 57 38.94 -34.17 16.36
C PRO A 57 37.66 -34.31 15.50
N GLN A 58 36.98 -33.19 15.24
CA GLN A 58 35.74 -33.25 14.50
C GLN A 58 36.01 -33.37 13.00
N ASP A 59 37.04 -32.67 12.48
CA ASP A 59 37.28 -32.71 11.05
C ASP A 59 38.06 -33.94 10.64
N THR A 60 38.91 -34.43 11.50
CA THR A 60 39.76 -35.56 11.03
C THR A 60 39.05 -36.65 10.32
N PRO A 61 38.01 -37.13 10.87
CA PRO A 61 37.25 -38.19 10.14
C PRO A 61 36.70 -37.78 8.80
N ARG A 62 36.42 -36.48 8.62
CA ARG A 62 35.92 -35.95 7.39
C ARG A 62 37.03 -35.92 6.31
N PHE A 63 38.23 -35.45 6.71
CA PHE A 63 39.34 -35.50 5.81
C PHE A 63 39.49 -36.97 5.36
N GLN A 64 39.43 -37.87 6.32
CA GLN A 64 39.61 -39.29 6.11
C GLN A 64 38.59 -39.80 5.11
N GLN A 65 37.38 -39.36 5.28
CA GLN A 65 36.28 -39.70 4.36
C GLN A 65 36.56 -39.22 2.95
N LEU A 66 37.02 -37.96 2.80
CA LEU A 66 37.34 -37.35 1.53
C LEU A 66 38.54 -37.95 0.78
N LEU A 67 39.66 -38.19 1.44
CA LEU A 67 40.86 -38.60 0.75
C LEU A 67 41.33 -40.02 0.88
N GLY A 68 40.76 -40.75 1.81
CA GLY A 68 41.13 -42.13 1.94
C GLY A 68 42.55 -42.32 2.32
N ASP A 69 43.03 -43.54 2.10
CA ASP A 69 44.39 -43.88 2.44
C ASP A 69 45.40 -43.42 1.42
N GLY A 70 44.90 -42.85 0.34
CA GLY A 70 45.74 -42.28 -0.74
C GLY A 70 46.18 -43.17 -1.86
N SER A 71 45.93 -44.45 -1.63
CA SER A 71 46.27 -45.49 -2.57
C SER A 71 45.75 -45.18 -3.94
N ASN A 72 44.57 -44.57 -4.04
CA ASN A 72 43.98 -44.25 -5.34
C ASN A 72 44.84 -43.29 -6.16
N TRP A 73 45.63 -42.49 -5.46
CA TRP A 73 46.48 -41.53 -6.09
C TRP A 73 48.00 -41.85 -5.98
N GLY A 74 48.32 -43.09 -5.59
CA GLY A 74 49.70 -43.54 -5.41
C GLY A 74 50.38 -43.00 -4.14
N LEU A 75 49.56 -42.57 -3.21
CA LEU A 75 50.07 -42.00 -2.00
C LEU A 75 49.80 -42.92 -0.81
N ASP A 76 50.43 -42.56 0.32
CA ASP A 76 50.30 -43.08 1.67
C ASP A 76 49.96 -41.98 2.63
N LEU A 77 48.66 -41.87 2.88
CA LEU A 77 48.01 -40.91 3.69
C LEU A 77 47.66 -41.57 4.99
N GLN A 78 47.97 -40.90 6.06
CA GLN A 78 47.64 -41.24 7.41
C GLN A 78 47.10 -39.97 8.09
N TYR A 79 46.56 -40.14 9.30
CA TYR A 79 45.79 -39.13 9.99
C TYR A 79 46.06 -39.11 11.48
N ALA A 80 46.13 -37.92 12.06
CA ALA A 80 46.23 -37.70 13.50
C ALA A 80 45.43 -36.47 13.92
N VAL A 81 45.09 -36.44 15.20
CA VAL A 81 44.26 -35.36 15.70
C VAL A 81 45.08 -34.44 16.51
N GLN A 82 44.78 -33.16 16.36
CA GLN A 82 45.27 -32.13 17.27
C GLN A 82 44.08 -31.70 18.14
N PRO A 83 44.15 -32.02 19.43
CA PRO A 83 43.09 -31.68 20.40
C PRO A 83 42.75 -30.22 20.57
N SER A 84 43.67 -29.26 20.49
CA SER A 84 43.36 -27.81 20.59
C SER A 84 44.38 -26.99 19.82
N PRO A 85 43.99 -25.89 19.19
CA PRO A 85 44.92 -25.12 18.34
C PRO A 85 46.01 -24.48 19.16
N ASP A 86 46.92 -25.33 19.60
CA ASP A 86 48.05 -24.94 20.40
C ASP A 86 49.38 -24.59 19.69
N GLY A 87 49.36 -24.38 18.37
CA GLY A 87 50.56 -23.91 17.64
C GLY A 87 51.00 -24.86 16.52
N LEU A 88 51.43 -24.31 15.41
CA LEU A 88 51.84 -25.14 14.29
C LEU A 88 52.99 -26.04 14.69
N ALA A 89 53.91 -25.57 15.55
CA ALA A 89 54.99 -26.44 15.92
C ALA A 89 54.61 -27.72 16.56
N GLN A 90 53.37 -27.80 17.10
CA GLN A 90 52.83 -29.08 17.64
C GLN A 90 52.79 -30.19 16.63
N ALA A 91 52.71 -29.90 15.34
CA ALA A 91 52.70 -30.96 14.33
C ALA A 91 53.85 -31.98 14.54
N PHE A 92 54.93 -31.46 15.05
CA PHE A 92 56.15 -32.26 15.15
C PHE A 92 56.09 -33.22 16.34
N LEU A 93 55.41 -32.86 17.43
CA LEU A 93 55.15 -33.73 18.55
C LEU A 93 54.03 -34.75 18.21
N ILE A 94 52.88 -34.27 17.75
CA ILE A 94 51.81 -35.13 17.25
C ILE A 94 52.39 -36.08 16.25
N GLY A 95 53.21 -35.56 15.35
CA GLY A 95 53.68 -36.40 14.27
C GLY A 95 54.99 -37.06 14.53
N GLU A 96 55.41 -37.03 15.79
CA GLU A 96 56.67 -37.59 16.16
C GLU A 96 56.95 -38.97 15.64
N SER A 97 56.01 -39.87 15.91
CA SER A 97 56.24 -41.22 15.48
C SER A 97 56.10 -41.37 13.95
N PHE A 98 55.17 -40.63 13.30
CA PHE A 98 55.03 -40.72 11.82
C PHE A 98 56.39 -40.35 11.14
N ILE A 99 57.09 -39.33 11.62
CA ILE A 99 58.29 -38.88 11.05
C ILE A 99 59.44 -39.85 11.27
N GLY A 100 59.53 -40.38 12.47
CA GLY A 100 60.64 -41.26 12.78
C GLY A 100 61.96 -40.54 12.56
N ASN A 101 62.84 -41.20 11.82
CA ASN A 101 64.16 -40.71 11.63
C ASN A 101 64.28 -40.23 10.21
N ASP A 102 63.34 -39.47 9.83
CA ASP A 102 63.35 -39.07 8.41
C ASP A 102 63.32 -37.53 8.27
N LEU A 103 63.67 -37.03 7.06
CA LEU A 103 63.48 -35.66 6.68
C LEU A 103 61.95 -35.45 6.67
N SER A 104 61.54 -34.22 6.97
CA SER A 104 60.15 -33.85 6.81
C SER A 104 59.83 -32.48 6.16
N ALA A 105 58.55 -32.29 5.90
CA ALA A 105 58.06 -31.01 5.37
C ALA A 105 56.65 -30.81 5.96
N LEU A 106 56.33 -29.56 6.31
CA LEU A 106 55.05 -29.18 6.85
C LEU A 106 54.50 -28.09 5.97
N VAL A 107 53.26 -28.27 5.54
CA VAL A 107 52.60 -27.17 4.86
C VAL A 107 51.31 -26.79 5.51
N LEU A 108 50.91 -25.50 5.51
CA LEU A 108 49.65 -25.06 6.10
C LEU A 108 48.50 -25.46 5.08
N GLY A 109 47.44 -25.84 5.67
CA GLY A 109 46.23 -26.23 4.94
C GLY A 109 45.58 -25.14 4.19
N ASP A 110 45.86 -23.84 4.43
CA ASP A 110 45.07 -22.85 3.72
C ASP A 110 45.93 -22.02 2.78
N ASN A 111 47.08 -22.53 2.43
CA ASN A 111 48.00 -21.79 1.59
C ASN A 111 47.94 -22.40 0.20
N LEU A 112 47.98 -21.57 -0.81
CA LEU A 112 47.94 -21.96 -2.18
C LEU A 112 49.15 -21.26 -2.87
N TYR A 113 49.74 -21.97 -3.84
CA TYR A 113 50.89 -21.53 -4.57
C TYR A 113 50.70 -21.78 -6.03
N TYR A 114 51.10 -20.86 -6.83
CA TYR A 114 51.13 -21.00 -8.28
C TYR A 114 52.32 -20.38 -8.92
N GLY A 115 52.84 -20.97 -9.98
CA GLY A 115 53.88 -20.31 -10.73
C GLY A 115 54.80 -21.13 -11.54
N HIS A 116 55.53 -20.56 -12.46
CA HIS A 116 56.41 -21.31 -13.39
C HIS A 116 57.62 -21.88 -12.74
N ASP A 117 57.88 -23.19 -12.93
CA ASP A 117 59.03 -23.83 -12.32
C ASP A 117 58.87 -24.03 -10.78
N PHE A 118 57.67 -23.97 -10.23
CA PHE A 118 57.40 -24.22 -8.81
C PHE A 118 57.93 -25.55 -8.46
N HIS A 119 57.70 -26.43 -9.37
CA HIS A 119 58.18 -27.81 -9.24
C HIS A 119 59.63 -27.89 -8.93
N GLU A 120 60.43 -27.18 -9.68
CA GLU A 120 61.89 -27.11 -9.48
C GLU A 120 62.32 -26.32 -8.22
N LEU A 121 61.54 -25.30 -7.90
CA LEU A 121 61.73 -24.53 -6.67
C LEU A 121 61.53 -25.34 -5.40
N LEU A 122 60.51 -26.16 -5.37
CA LEU A 122 60.26 -27.12 -4.36
C LEU A 122 61.29 -28.24 -4.28
N GLY A 123 61.49 -28.87 -5.44
CA GLY A 123 62.38 -30.05 -5.62
C GLY A 123 63.75 -29.74 -5.09
N SER A 124 64.16 -28.49 -5.30
CA SER A 124 65.39 -28.02 -4.74
C SER A 124 65.44 -28.04 -3.24
N ALA A 125 64.41 -27.46 -2.60
CA ALA A 125 64.40 -27.47 -1.12
C ALA A 125 64.25 -28.90 -0.62
N SER A 126 63.41 -29.69 -1.22
CA SER A 126 63.20 -31.09 -0.84
C SER A 126 64.39 -32.02 -0.90
N GLN A 127 65.28 -31.74 -1.78
CA GLN A 127 66.37 -32.59 -2.09
C GLN A 127 67.55 -32.26 -1.15
N ARG A 128 67.45 -31.16 -0.41
CA ARG A 128 68.44 -30.80 0.55
C ARG A 128 68.36 -31.82 1.65
N GLN A 129 69.46 -32.21 2.26
CA GLN A 129 69.45 -33.30 3.21
C GLN A 129 69.93 -32.82 4.55
N THR A 130 69.87 -31.55 4.75
CA THR A 130 70.39 -30.95 5.95
C THR A 130 69.74 -29.58 6.16
N GLY A 131 69.78 -29.17 7.42
CA GLY A 131 69.15 -27.96 7.86
C GLY A 131 67.63 -27.83 7.65
N ALA A 132 67.21 -26.57 7.55
CA ALA A 132 65.80 -26.23 7.35
C ALA A 132 65.72 -25.32 6.14
N SER A 133 64.59 -25.39 5.39
CA SER A 133 64.40 -24.48 4.24
C SER A 133 62.97 -23.84 4.37
N VAL A 134 62.89 -22.52 4.15
CA VAL A 134 61.68 -21.69 4.16
C VAL A 134 61.79 -20.74 3.03
N PHE A 135 60.68 -20.17 2.65
CA PHE A 135 60.63 -19.33 1.53
C PHE A 135 60.07 -17.96 2.02
N ALA A 136 60.70 -16.93 1.47
CA ALA A 136 60.38 -15.57 1.81
C ALA A 136 59.70 -14.96 0.60
N TYR A 137 58.61 -14.31 0.88
CA TYR A 137 57.77 -13.66 -0.15
C TYR A 137 57.35 -12.24 0.14
N HIS A 138 57.56 -11.35 -0.81
CA HIS A 138 57.20 -9.93 -0.67
C HIS A 138 55.67 -9.72 -0.54
N VAL A 139 55.23 -9.18 0.60
CA VAL A 139 53.81 -8.87 0.84
C VAL A 139 53.58 -7.47 1.32
N LEU A 140 52.34 -7.03 1.15
CA LEU A 140 51.93 -5.67 1.60
C LEU A 140 51.72 -5.66 3.11
N ASP A 141 51.40 -6.80 3.70
CA ASP A 141 51.10 -6.83 5.16
C ASP A 141 51.93 -7.87 5.95
N PRO A 142 53.19 -7.59 6.11
CA PRO A 142 54.06 -8.54 6.77
C PRO A 142 53.73 -8.69 8.24
N GLU A 143 53.06 -7.73 8.82
CA GLU A 143 52.74 -7.86 10.25
C GLU A 143 51.93 -9.08 10.52
N ARG A 144 51.29 -9.63 9.51
CA ARG A 144 50.46 -10.87 9.73
C ARG A 144 51.16 -12.18 9.68
N TYR A 145 52.47 -12.19 9.48
CA TYR A 145 53.24 -13.42 9.33
C TYR A 145 54.52 -13.40 10.05
N GLY A 146 55.27 -14.50 9.95
CA GLY A 146 56.66 -14.48 10.32
C GLY A 146 57.37 -13.59 9.29
N VAL A 147 58.24 -12.70 9.79
CA VAL A 147 59.01 -11.80 9.00
C VAL A 147 60.46 -12.04 9.08
N VAL A 148 61.09 -12.13 7.89
CA VAL A 148 62.51 -12.27 7.77
C VAL A 148 63.24 -10.98 7.40
N GLU A 149 64.25 -10.67 8.15
CA GLU A 149 65.14 -9.58 7.80
C GLU A 149 66.45 -10.06 7.18
N PHE A 150 66.86 -9.38 6.13
CA PHE A 150 68.16 -9.64 5.47
C PHE A 150 69.19 -8.55 5.70
N ASP A 151 70.44 -8.95 5.82
CA ASP A 151 71.52 -7.93 5.80
C ASP A 151 71.73 -7.41 4.38
N GLN A 152 72.75 -6.56 4.24
CA GLN A 152 72.98 -5.86 2.99
C GLN A 152 73.44 -6.80 1.90
N GLY A 153 74.06 -7.90 2.28
CA GLY A 153 74.39 -8.92 1.32
C GLY A 153 73.36 -9.94 0.95
N GLY A 154 72.14 -9.82 1.48
CA GLY A 154 71.06 -10.79 1.20
C GLY A 154 70.96 -11.98 2.08
N LYS A 155 71.77 -11.97 3.11
CA LYS A 155 71.77 -12.99 4.12
C LYS A 155 70.69 -12.77 5.20
N ALA A 156 69.97 -13.82 5.53
CA ALA A 156 68.93 -13.71 6.60
C ALA A 156 69.54 -13.50 7.93
N ILE A 157 69.09 -12.45 8.61
CA ILE A 157 69.65 -12.21 9.88
C ILE A 157 68.68 -12.20 11.08
N SER A 158 67.39 -12.06 10.86
CA SER A 158 66.42 -12.10 12.00
C SER A 158 65.05 -12.60 11.58
N LEU A 159 64.33 -13.18 12.54
CA LEU A 159 63.02 -13.63 12.29
C LEU A 159 62.11 -13.20 13.41
N GLU A 160 60.94 -12.71 13.06
CA GLU A 160 60.03 -12.27 14.05
C GLU A 160 58.64 -12.70 13.76
N GLU A 161 57.89 -13.00 14.82
CA GLU A 161 56.54 -13.48 14.61
C GLU A 161 55.50 -12.35 14.77
N LYS A 162 54.81 -12.03 13.69
CA LYS A 162 53.86 -10.92 13.71
C LYS A 162 54.28 -9.59 14.39
N PRO A 163 55.38 -9.04 13.97
CA PRO A 163 55.92 -7.82 14.56
C PRO A 163 55.01 -6.61 14.28
N LEU A 164 54.80 -5.77 15.26
CA LEU A 164 54.01 -4.58 14.97
C LEU A 164 54.75 -3.66 14.06
N GLU A 165 56.08 -3.72 14.10
CA GLU A 165 56.90 -2.93 13.22
C GLU A 165 57.88 -3.85 12.48
N PRO A 166 57.45 -4.41 11.41
CA PRO A 166 58.30 -5.34 10.67
C PRO A 166 59.50 -4.74 10.14
N LYS A 167 60.59 -5.45 10.19
CA LYS A 167 61.83 -5.01 9.70
C LYS A 167 61.97 -5.18 8.22
N SER A 168 61.05 -5.88 7.56
CA SER A 168 61.03 -5.97 6.17
C SER A 168 59.64 -6.26 5.67
N ASN A 169 59.51 -6.34 4.34
CA ASN A 169 58.20 -6.73 3.82
C ASN A 169 58.18 -8.21 3.43
N TYR A 170 59.16 -8.94 3.88
CA TYR A 170 59.26 -10.38 3.47
C TYR A 170 58.73 -11.32 4.53
N ALA A 171 57.64 -11.93 4.21
CA ALA A 171 57.00 -12.93 4.96
C ALA A 171 57.48 -14.30 4.61
N VAL A 172 57.52 -15.13 5.65
CA VAL A 172 57.83 -16.55 5.60
C VAL A 172 56.58 -17.30 5.25
N THR A 173 56.62 -17.95 4.14
CA THR A 173 55.39 -18.67 3.65
C THR A 173 55.11 -19.96 4.45
N GLY A 174 53.88 -20.47 4.28
CA GLY A 174 53.41 -21.70 5.06
C GLY A 174 53.89 -23.00 4.50
N LEU A 175 55.20 -23.06 4.18
CA LEU A 175 55.81 -24.24 3.62
C LEU A 175 57.21 -24.30 4.27
N TYR A 176 57.48 -25.40 4.92
CA TYR A 176 58.67 -25.63 5.67
C TYR A 176 59.30 -27.01 5.41
N PHE A 177 60.65 -27.06 5.27
CA PHE A 177 61.34 -28.33 5.03
C PHE A 177 62.41 -28.47 6.22
N TYR A 178 62.47 -29.64 6.84
CA TYR A 178 63.31 -29.90 8.00
C TYR A 178 64.07 -31.20 7.95
N ASP A 179 65.30 -31.13 8.43
CA ASP A 179 66.12 -32.36 8.62
C ASP A 179 65.71 -33.07 9.92
N GLN A 180 66.55 -33.98 10.36
CA GLN A 180 66.29 -34.75 11.64
C GLN A 180 66.35 -34.03 12.95
N GLN A 181 66.71 -32.78 12.93
CA GLN A 181 66.81 -31.95 14.12
C GLN A 181 65.47 -31.40 14.70
N VAL A 182 64.39 -31.49 13.95
CA VAL A 182 63.17 -30.68 14.24
C VAL A 182 62.42 -31.22 15.43
N VAL A 183 62.21 -32.54 15.53
CA VAL A 183 61.41 -33.11 16.57
C VAL A 183 62.04 -32.63 17.90
N ASP A 184 63.32 -32.88 18.09
CA ASP A 184 64.00 -32.46 19.32
C ASP A 184 64.01 -30.96 19.56
N ILE A 185 64.12 -30.12 18.53
CA ILE A 185 63.92 -28.65 18.72
C ILE A 185 62.48 -28.40 19.19
N ALA A 186 61.48 -29.04 18.58
CA ALA A 186 60.13 -28.70 18.96
C ALA A 186 59.82 -29.18 20.39
N ARG A 187 60.42 -30.30 20.80
CA ARG A 187 60.25 -30.88 22.15
C ARG A 187 60.65 -29.97 23.26
N ASP A 188 61.60 -29.08 22.97
CA ASP A 188 62.09 -28.10 23.91
C ASP A 188 61.42 -26.76 23.74
N LEU A 189 60.47 -26.60 22.81
CA LEU A 189 59.83 -25.32 22.74
C LEU A 189 58.89 -25.09 23.92
N LYS A 190 58.72 -23.82 24.28
CA LYS A 190 57.73 -23.38 25.28
C LYS A 190 56.77 -22.46 24.61
N PRO A 191 55.59 -22.33 25.19
CA PRO A 191 54.51 -21.56 24.59
C PRO A 191 54.93 -20.17 24.45
N SER A 192 54.24 -19.50 23.58
CA SER A 192 54.51 -18.10 23.40
C SER A 192 53.32 -17.41 24.07
N PRO A 193 53.37 -16.08 24.06
CA PRO A 193 52.26 -15.21 24.44
C PRO A 193 50.89 -15.57 23.84
N ARG A 194 50.72 -15.67 22.50
CA ARG A 194 49.44 -16.08 21.87
C ARG A 194 48.98 -17.26 22.70
N GLY A 195 49.99 -18.00 23.16
CA GLY A 195 49.89 -19.25 23.88
C GLY A 195 50.21 -20.44 22.97
N GLU A 196 50.97 -20.20 21.88
CA GLU A 196 51.21 -21.18 20.82
C GLU A 196 52.68 -21.77 20.84
N LEU A 197 52.89 -23.03 20.45
CA LEU A 197 54.24 -23.53 20.17
C LEU A 197 54.43 -22.99 18.70
N GLU A 198 55.31 -22.01 18.55
CA GLU A 198 55.57 -21.30 17.27
C GLU A 198 56.54 -21.87 16.28
N ILE A 199 56.14 -21.93 15.05
CA ILE A 199 57.04 -22.50 14.01
C ILE A 199 58.23 -21.51 13.87
N THR A 200 57.94 -20.23 14.06
CA THR A 200 59.01 -19.22 14.01
C THR A 200 60.12 -19.50 15.00
N ASP A 201 59.79 -19.95 16.20
CA ASP A 201 60.84 -20.30 17.15
C ASP A 201 61.63 -21.49 16.68
N VAL A 202 61.01 -22.42 15.94
CA VAL A 202 61.74 -23.58 15.47
C VAL A 202 62.79 -23.03 14.37
N ASN A 203 62.25 -22.32 13.43
CA ASN A 203 63.04 -21.70 12.43
C ASN A 203 64.19 -20.75 12.96
N ARG A 204 63.93 -19.95 13.97
CA ARG A 204 65.04 -19.21 14.61
C ARG A 204 66.11 -20.14 15.23
N ALA A 205 65.70 -21.34 15.66
CA ALA A 205 66.65 -22.23 16.24
C ALA A 205 67.64 -22.76 15.15
N TYR A 206 67.14 -23.00 13.93
CA TYR A 206 67.95 -23.33 12.87
C TYR A 206 68.85 -22.09 12.43
N LEU A 207 68.31 -20.89 12.44
CA LEU A 207 68.97 -19.67 12.04
C LEU A 207 70.18 -19.42 12.97
N GLU A 208 69.96 -19.63 14.23
CA GLU A 208 71.03 -19.49 15.28
C GLU A 208 72.19 -20.42 14.98
N ARG A 209 71.92 -21.62 14.47
CA ARG A 209 73.01 -22.53 14.18
C ARG A 209 73.51 -22.37 12.77
N GLY A 210 73.14 -21.27 12.11
CA GLY A 210 73.51 -21.12 10.71
C GLY A 210 73.04 -22.23 9.79
N GLN A 211 71.89 -22.78 10.13
CA GLN A 211 71.37 -23.85 9.30
C GLN A 211 70.02 -23.66 8.67
N LEU A 212 69.53 -22.48 8.70
CA LEU A 212 68.32 -22.11 7.99
C LEU A 212 68.56 -21.52 6.57
N SER A 213 68.09 -22.20 5.58
CA SER A 213 68.17 -21.71 4.19
C SER A 213 66.85 -20.94 3.88
N VAL A 214 66.92 -19.66 3.56
CA VAL A 214 65.75 -18.88 3.21
C VAL A 214 65.91 -18.56 1.74
N GLU A 215 65.02 -19.04 0.91
CA GLU A 215 65.07 -18.77 -0.53
C GLU A 215 63.97 -17.84 -0.85
N ILE A 216 64.26 -16.90 -1.68
CA ILE A 216 63.23 -15.94 -2.13
C ILE A 216 62.32 -16.61 -3.17
N MET A 217 61.06 -16.48 -2.91
CA MET A 217 60.04 -16.86 -3.84
C MET A 217 59.64 -15.55 -4.47
N GLY A 218 60.06 -15.41 -5.73
CA GLY A 218 59.84 -14.22 -6.53
C GLY A 218 58.41 -13.74 -6.71
N ARG A 219 58.29 -12.48 -7.15
CA ARG A 219 56.98 -11.89 -7.37
C ARG A 219 56.24 -12.55 -8.53
N GLY A 220 57.01 -13.21 -9.43
CA GLY A 220 56.40 -14.02 -10.48
C GLY A 220 55.61 -15.27 -10.08
N TYR A 221 55.66 -15.62 -8.78
CA TYR A 221 54.84 -16.59 -8.12
C TYR A 221 53.70 -15.87 -7.34
N ALA A 222 52.53 -16.52 -7.35
CA ALA A 222 51.43 -16.20 -6.46
C ALA A 222 51.42 -17.14 -5.27
N TRP A 223 51.44 -16.51 -4.12
CA TRP A 223 51.29 -17.24 -2.86
C TRP A 223 50.08 -16.52 -2.27
N LEU A 224 49.01 -17.22 -2.09
CA LEU A 224 47.84 -16.64 -1.52
C LEU A 224 47.39 -17.40 -0.33
N ASP A 225 46.81 -16.77 0.63
CA ASP A 225 46.17 -17.70 1.62
C ASP A 225 44.69 -17.36 1.71
N THR A 226 43.90 -18.39 2.04
CA THR A 226 42.51 -18.28 2.12
C THR A 226 41.94 -18.15 3.48
N GLY A 227 42.49 -17.39 4.35
CA GLY A 227 41.96 -17.34 5.72
C GLY A 227 40.97 -16.25 6.10
N THR A 228 40.56 -15.41 5.13
CA THR A 228 39.50 -14.47 5.34
C THR A 228 38.44 -14.64 4.26
N HIS A 229 37.23 -14.18 4.56
CA HIS A 229 36.23 -14.16 3.50
C HIS A 229 36.76 -13.48 2.22
N ASP A 230 37.43 -12.34 2.35
CA ASP A 230 37.84 -11.61 1.17
C ASP A 230 38.87 -12.39 0.41
N SER A 231 39.80 -12.97 1.13
CA SER A 231 40.92 -13.70 0.56
C SER A 231 40.53 -15.02 -0.17
N LEU A 232 39.52 -15.66 0.33
CA LEU A 232 38.99 -16.88 -0.24
C LEU A 232 38.32 -16.58 -1.52
N LEU A 233 37.51 -15.54 -1.55
CA LEU A 233 36.98 -14.98 -2.81
C LEU A 233 38.01 -14.64 -3.88
N GLU A 234 38.98 -13.82 -3.54
CA GLU A 234 40.09 -13.50 -4.42
C GLU A 234 40.82 -14.75 -4.95
N ALA A 235 41.09 -15.74 -4.09
CA ALA A 235 41.76 -16.97 -4.48
C ALA A 235 40.91 -17.76 -5.41
N GLY A 236 39.63 -17.93 -5.10
CA GLY A 236 38.76 -18.62 -6.10
C GLY A 236 38.69 -17.95 -7.50
N GLN A 237 38.62 -16.63 -7.55
N GLN A 237 38.63 -16.63 -7.56
CA GLN A 237 38.64 -15.94 -8.86
CA GLN A 237 38.63 -15.95 -8.85
C GLN A 237 39.93 -16.15 -9.64
C GLN A 237 39.93 -16.12 -9.64
N PHE A 238 41.04 -16.11 -8.92
CA PHE A 238 42.38 -16.23 -9.50
C PHE A 238 42.51 -17.56 -10.23
N ILE A 239 42.15 -18.61 -9.53
CA ILE A 239 42.13 -19.98 -10.06
C ILE A 239 41.19 -20.09 -11.20
N ALA A 240 39.97 -19.58 -11.02
CA ALA A 240 38.95 -19.57 -12.10
C ALA A 240 39.55 -19.01 -13.39
N THR A 241 40.17 -17.83 -13.28
CA THR A 241 40.62 -17.13 -14.41
C THR A 241 41.77 -17.92 -15.16
N LEU A 242 42.67 -18.52 -14.38
CA LEU A 242 43.74 -19.30 -14.97
C LEU A 242 43.12 -20.56 -15.70
N GLU A 243 42.30 -21.32 -14.99
CA GLU A 243 41.76 -22.61 -15.50
C GLU A 243 40.82 -22.35 -16.72
N ASN A 244 40.00 -21.31 -16.68
CA ASN A 244 39.11 -20.98 -17.78
C ASN A 244 39.91 -20.47 -19.05
N ARG A 245 41.00 -19.79 -18.81
CA ARG A 245 41.90 -19.42 -19.95
C ARG A 245 42.66 -20.57 -20.58
N GLN A 246 43.23 -21.41 -19.68
CA GLN A 246 44.11 -22.43 -20.11
C GLN A 246 43.38 -23.72 -20.60
N GLY A 247 42.22 -24.03 -20.00
CA GLY A 247 41.51 -25.26 -20.16
C GLY A 247 42.33 -26.32 -19.42
N LEU A 248 43.17 -25.95 -18.45
CA LEU A 248 43.85 -26.87 -17.58
C LEU A 248 43.46 -26.55 -16.14
N LYS A 249 43.73 -27.46 -15.22
CA LYS A 249 43.44 -27.21 -13.85
C LYS A 249 44.73 -26.98 -13.04
N VAL A 250 44.68 -26.13 -12.00
CA VAL A 250 45.71 -25.98 -11.02
C VAL A 250 45.48 -26.89 -9.86
N ALA A 251 46.54 -27.53 -9.48
CA ALA A 251 46.57 -28.38 -8.26
C ALA A 251 45.61 -29.57 -8.28
N CYS A 252 45.56 -30.28 -9.39
CA CYS A 252 44.76 -31.47 -9.56
C CYS A 252 45.61 -32.66 -9.20
N PRO A 253 45.31 -33.24 -8.07
CA PRO A 253 46.14 -34.35 -7.62
C PRO A 253 46.13 -35.58 -8.55
N GLU A 254 45.02 -35.91 -9.17
CA GLU A 254 45.02 -37.08 -10.02
C GLU A 254 46.00 -36.78 -11.12
N GLU A 255 46.05 -35.49 -11.59
CA GLU A 255 46.94 -35.15 -12.76
C GLU A 255 48.40 -35.34 -12.39
N ILE A 256 48.74 -34.76 -11.28
CA ILE A 256 50.05 -34.80 -10.79
C ILE A 256 50.54 -36.21 -10.58
N ALA A 257 49.72 -37.01 -9.90
CA ALA A 257 50.06 -38.37 -9.67
C ALA A 257 50.29 -39.10 -11.01
N TYR A 258 49.50 -38.81 -12.08
CA TYR A 258 49.67 -39.42 -13.39
C TYR A 258 50.92 -38.93 -14.11
N ARG A 259 51.31 -37.68 -13.85
CA ARG A 259 52.47 -37.09 -14.54
C ARG A 259 53.79 -37.65 -13.89
N GLN A 260 53.78 -37.87 -12.60
CA GLN A 260 54.92 -38.35 -11.88
C GLN A 260 55.00 -39.84 -11.97
N LYS A 261 54.02 -40.45 -12.65
CA LYS A 261 54.02 -41.85 -12.89
C LYS A 261 53.68 -42.65 -11.63
N TRP A 262 52.97 -42.05 -10.71
CA TRP A 262 52.60 -42.71 -9.48
C TRP A 262 51.36 -43.62 -9.67
N ILE A 263 50.65 -43.37 -10.76
CA ILE A 263 49.47 -44.17 -11.18
C ILE A 263 49.53 -44.20 -12.65
N ASP A 264 48.90 -45.21 -13.27
CA ASP A 264 48.91 -45.37 -14.73
C ASP A 264 47.60 -45.04 -15.38
N ALA A 265 47.56 -45.23 -16.70
CA ALA A 265 46.43 -44.85 -17.52
C ALA A 265 45.22 -45.57 -17.02
N ALA A 266 45.39 -46.85 -16.80
CA ALA A 266 44.32 -47.67 -16.31
C ALA A 266 43.78 -47.05 -15.04
N GLN A 267 44.67 -46.89 -14.08
CA GLN A 267 44.28 -46.35 -12.77
C GLN A 267 43.61 -44.99 -12.93
N LEU A 268 44.12 -44.20 -13.87
CA LEU A 268 43.53 -42.89 -14.12
C LEU A 268 42.13 -42.96 -14.70
N GLU A 269 41.96 -43.70 -15.80
CA GLU A 269 40.62 -43.82 -16.43
C GLU A 269 39.57 -44.21 -15.36
N LYS A 270 39.96 -45.07 -14.43
CA LYS A 270 39.05 -45.52 -13.41
C LYS A 270 38.69 -44.43 -12.38
N LEU A 271 39.59 -43.46 -12.15
CA LEU A 271 39.32 -42.39 -11.23
C LEU A 271 38.35 -41.43 -11.86
N ALA A 272 38.41 -41.33 -13.19
CA ALA A 272 37.60 -40.41 -13.98
C ALA A 272 36.10 -40.80 -14.14
N ALA A 273 35.86 -42.12 -14.27
CA ALA A 273 34.57 -42.70 -14.56
C ALA A 273 33.48 -42.25 -13.63
N PRO A 274 33.63 -42.40 -12.34
CA PRO A 274 32.57 -41.91 -11.46
C PRO A 274 32.36 -40.38 -11.53
N LEU A 275 33.29 -39.62 -12.16
CA LEU A 275 33.14 -38.18 -12.31
C LEU A 275 32.85 -37.77 -13.75
N ALA A 276 32.43 -38.73 -14.57
CA ALA A 276 32.25 -38.53 -15.98
C ALA A 276 31.18 -37.51 -16.37
N LYS A 277 30.10 -37.39 -15.61
CA LYS A 277 29.06 -36.43 -15.90
C LYS A 277 29.51 -34.99 -15.56
N ASN A 278 30.73 -34.77 -14.98
CA ASN A 278 31.14 -33.40 -14.68
C ASN A 278 32.44 -33.07 -15.35
N GLY A 279 32.78 -31.79 -15.33
CA GLY A 279 33.96 -31.33 -16.03
C GLY A 279 35.27 -31.90 -15.47
N TYR A 280 35.24 -32.30 -14.21
CA TYR A 280 36.43 -32.81 -13.53
C TYR A 280 36.81 -34.13 -14.11
N GLY A 281 35.78 -34.98 -14.24
CA GLY A 281 35.96 -36.30 -14.77
C GLY A 281 36.40 -36.21 -16.21
N GLN A 282 35.73 -35.33 -16.91
CA GLN A 282 36.02 -35.11 -18.32
C GLN A 282 37.44 -34.69 -18.44
N TYR A 283 37.88 -33.88 -17.46
CA TYR A 283 39.21 -33.35 -17.48
C TYR A 283 40.18 -34.50 -17.30
N LEU A 284 39.94 -35.33 -16.31
CA LEU A 284 40.91 -36.39 -16.12
C LEU A 284 40.94 -37.23 -17.41
N LYS A 285 39.80 -37.40 -18.05
CA LYS A 285 39.75 -38.26 -19.24
C LYS A 285 40.56 -37.71 -20.39
N ARG A 286 40.44 -36.42 -20.63
CA ARG A 286 41.21 -35.79 -21.70
C ARG A 286 42.76 -35.97 -21.47
N LEU A 287 43.21 -36.03 -20.22
CA LEU A 287 44.63 -36.20 -19.97
C LEU A 287 45.24 -37.47 -20.54
N LEU A 288 44.39 -38.47 -20.80
CA LEU A 288 44.92 -39.71 -21.34
C LEU A 288 45.33 -39.54 -22.72
N THR A 289 44.64 -38.70 -23.46
CA THR A 289 44.92 -38.63 -24.86
C THR A 289 45.72 -37.40 -25.26
N GLU A 290 45.80 -36.41 -24.35
CA GLU A 290 46.49 -35.15 -24.63
C GLU A 290 47.85 -35.01 -24.07
N THR A 291 48.79 -34.59 -24.90
CA THR A 291 50.06 -34.27 -24.44
C THR A 291 50.07 -32.78 -23.96
N VAL A 292 50.51 -32.55 -22.74
CA VAL A 292 50.57 -31.18 -22.11
C VAL A 292 51.99 -30.94 -21.66
N TYR A 293 52.65 -29.93 -22.23
CA TYR A 293 53.97 -29.65 -21.97
C TYR A 293 54.09 -28.80 -20.72
N LYS B 2 -1.07 -17.73 9.40
CA LYS B 2 0.29 -18.33 9.48
C LYS B 2 0.62 -19.21 8.26
N ARG B 3 1.82 -19.11 7.75
CA ARG B 3 2.16 -19.93 6.60
C ARG B 3 3.39 -20.73 6.91
N LYS B 4 3.41 -21.99 6.54
CA LYS B 4 4.52 -22.87 6.87
C LYS B 4 5.57 -22.91 5.75
N GLY B 5 6.89 -22.93 6.07
CA GLY B 5 7.90 -22.81 5.00
C GLY B 5 8.68 -24.08 4.90
N ILE B 6 9.11 -24.42 3.69
CA ILE B 6 9.98 -25.54 3.41
C ILE B 6 11.16 -25.08 2.63
N ILE B 7 12.34 -25.56 3.07
CA ILE B 7 13.56 -25.29 2.29
C ILE B 7 13.98 -26.61 1.74
N LEU B 8 14.03 -26.68 0.40
CA LEU B 8 14.56 -27.86 -0.23
C LEU B 8 16.01 -27.72 -0.54
N ALA B 9 16.81 -28.39 0.28
CA ALA B 9 18.25 -28.26 0.23
C ALA B 9 18.86 -29.54 -0.14
N GLY B 10 18.49 -30.12 -1.23
CA GLY B 10 18.96 -31.49 -1.39
C GLY B 10 19.91 -31.58 -2.56
N GLY B 11 19.72 -32.63 -3.36
CA GLY B 11 20.39 -32.76 -4.64
C GLY B 11 21.83 -33.13 -4.42
N SER B 12 22.42 -33.58 -5.53
CA SER B 12 23.76 -34.14 -5.58
C SER B 12 24.83 -33.04 -5.56
N GLY B 13 24.65 -32.08 -6.49
CA GLY B 13 25.63 -31.05 -6.76
C GLY B 13 26.70 -31.49 -7.79
N THR B 14 26.38 -32.48 -8.61
CA THR B 14 27.35 -32.97 -9.60
C THR B 14 28.13 -31.82 -10.24
N ARG B 15 27.43 -30.84 -10.84
CA ARG B 15 28.11 -29.65 -11.46
C ARG B 15 29.24 -29.13 -10.55
N LEU B 16 29.00 -29.19 -9.22
CA LEU B 16 29.95 -28.78 -8.18
C LEU B 16 31.10 -29.76 -7.73
N HIS B 17 31.22 -30.96 -8.28
CA HIS B 17 32.34 -31.81 -7.84
C HIS B 17 33.72 -31.24 -8.29
N PRO B 18 34.79 -31.66 -7.61
CA PRO B 18 34.79 -32.58 -6.47
C PRO B 18 34.71 -31.72 -5.18
N ALA B 19 34.48 -30.46 -5.47
CA ALA B 19 34.35 -29.44 -4.49
C ALA B 19 33.41 -29.89 -3.37
N THR B 20 32.31 -30.54 -3.68
CA THR B 20 31.34 -30.89 -2.68
C THR B 20 31.42 -32.25 -2.15
N LEU B 21 32.50 -32.98 -2.45
CA LEU B 21 32.67 -34.27 -1.87
C LEU B 21 32.61 -34.13 -0.36
N ALA B 22 33.33 -33.11 0.09
CA ALA B 22 33.45 -32.88 1.54
C ALA B 22 32.09 -32.41 2.15
N ILE B 23 31.49 -31.48 1.46
CA ILE B 23 30.32 -30.88 2.03
C ILE B 23 29.21 -30.64 1.02
N SER B 24 27.96 -30.81 1.39
CA SER B 24 26.84 -30.28 0.55
C SER B 24 26.95 -28.80 -0.02
N LYS B 25 26.28 -28.49 -1.15
CA LYS B 25 26.40 -27.14 -1.78
C LYS B 25 25.73 -26.10 -0.99
N GLN B 26 24.63 -26.49 -0.28
CA GLN B 26 23.94 -25.47 0.60
C GLN B 26 24.62 -25.12 1.91
N LEU B 27 25.76 -25.76 2.20
CA LEU B 27 26.61 -25.46 3.33
C LEU B 27 27.75 -24.62 2.90
N LEU B 28 28.09 -24.64 1.62
CA LEU B 28 29.16 -23.81 1.16
C LEU B 28 28.86 -22.28 1.40
N PRO B 29 29.83 -21.50 1.69
CA PRO B 29 29.63 -20.07 1.86
C PRO B 29 29.37 -19.24 0.60
N VAL B 30 28.51 -18.25 0.72
CA VAL B 30 28.41 -17.22 -0.31
C VAL B 30 28.95 -16.04 0.39
N TYR B 31 30.18 -15.72 0.09
CA TYR B 31 31.03 -14.68 0.68
C TYR B 31 31.33 -14.96 2.18
N ASP B 32 30.41 -14.63 3.03
CA ASP B 32 30.61 -14.57 4.44
C ASP B 32 29.66 -15.33 5.27
N LYS B 33 28.74 -16.14 4.70
CA LYS B 33 27.79 -16.89 5.52
C LYS B 33 27.31 -18.07 4.72
N PRO B 34 26.85 -19.11 5.35
CA PRO B 34 26.44 -20.32 4.60
C PRO B 34 25.27 -20.16 3.57
N MET B 35 25.34 -20.81 2.44
N MET B 35 25.36 -20.81 2.43
CA MET B 35 24.42 -20.59 1.37
CA MET B 35 24.40 -20.61 1.37
C MET B 35 22.98 -20.67 1.94
C MET B 35 22.98 -20.67 1.92
N ILE B 36 22.74 -21.64 2.80
CA ILE B 36 21.39 -21.83 3.36
C ILE B 36 20.80 -20.62 4.10
N TYR B 37 21.67 -19.78 4.68
CA TYR B 37 21.20 -18.50 5.30
C TYR B 37 20.26 -17.64 4.38
N TYR B 38 20.48 -17.69 3.03
CA TYR B 38 19.90 -16.87 2.06
C TYR B 38 18.36 -17.21 1.86
N PRO B 39 18.03 -18.44 1.53
CA PRO B 39 16.63 -18.87 1.45
C PRO B 39 15.94 -18.86 2.80
N LEU B 40 16.69 -19.13 3.84
CA LEU B 40 16.17 -19.03 5.22
C LEU B 40 15.69 -17.58 5.46
N SER B 41 16.58 -16.64 5.13
N SER B 41 16.58 -16.64 5.13
CA SER B 41 16.27 -15.23 5.22
CA SER B 41 16.27 -15.23 5.22
C SER B 41 15.02 -14.82 4.40
C SER B 41 15.02 -14.82 4.40
N THR B 42 14.88 -15.40 3.22
CA THR B 42 13.80 -15.08 2.35
C THR B 42 12.49 -15.49 2.99
N LEU B 43 12.47 -16.68 3.58
CA LEU B 43 11.24 -17.12 4.24
C LEU B 43 10.89 -16.26 5.47
N MET B 44 11.88 -16.03 6.33
CA MET B 44 11.75 -15.07 7.40
C MET B 44 11.21 -13.68 6.95
N LEU B 45 11.72 -13.09 5.86
CA LEU B 45 11.24 -11.82 5.30
C LEU B 45 9.74 -11.92 4.87
N ALA B 46 9.30 -13.09 4.46
CA ALA B 46 7.91 -13.37 4.16
C ALA B 46 7.00 -13.49 5.41
N GLY B 47 7.56 -13.29 6.59
CA GLY B 47 6.95 -13.49 7.85
C GLY B 47 6.79 -14.96 8.28
N ILE B 48 7.66 -15.86 7.80
CA ILE B 48 7.52 -17.30 8.10
C ILE B 48 8.52 -17.73 9.19
N ARG B 49 8.02 -18.23 10.32
CA ARG B 49 8.86 -18.68 11.38
C ARG B 49 8.91 -20.19 11.59
N GLU B 50 8.05 -20.96 10.93
CA GLU B 50 7.98 -22.40 11.17
C GLU B 50 8.44 -23.03 9.82
N ILE B 51 9.64 -23.62 9.83
CA ILE B 51 10.25 -24.09 8.58
C ILE B 51 10.75 -25.48 8.69
N LEU B 52 10.51 -26.24 7.62
CA LEU B 52 11.00 -27.61 7.44
C LEU B 52 12.15 -27.60 6.44
N ILE B 53 13.33 -27.97 6.90
CA ILE B 53 14.54 -28.15 6.04
C ILE B 53 14.62 -29.61 5.57
N ILE B 54 14.42 -29.80 4.27
CA ILE B 54 14.54 -31.11 3.65
C ILE B 54 15.87 -31.22 2.95
N SER B 55 16.61 -32.27 3.26
N SER B 55 16.61 -32.27 3.26
CA SER B 55 17.92 -32.51 2.69
CA SER B 55 17.92 -32.51 2.69
C SER B 55 18.19 -34.02 2.49
C SER B 55 18.19 -34.02 2.49
N THR B 56 19.37 -34.36 1.97
CA THR B 56 19.72 -35.74 1.75
C THR B 56 19.94 -36.42 3.14
N PRO B 57 19.95 -37.75 3.23
CA PRO B 57 20.23 -38.33 4.54
C PRO B 57 21.59 -37.96 5.07
N GLN B 58 22.64 -37.88 4.24
CA GLN B 58 23.95 -37.45 4.79
C GLN B 58 24.01 -35.97 5.27
N ASP B 59 23.33 -35.09 4.53
CA ASP B 59 23.36 -33.65 4.92
C ASP B 59 22.40 -33.24 6.06
N THR B 60 21.39 -34.06 6.33
CA THR B 60 20.45 -33.70 7.39
C THR B 60 21.13 -33.37 8.72
N PRO B 61 21.96 -34.21 9.20
CA PRO B 61 22.66 -33.91 10.45
C PRO B 61 23.52 -32.69 10.44
N ARG B 62 24.03 -32.31 9.27
CA ARG B 62 24.90 -31.19 9.19
C ARG B 62 24.08 -29.91 9.23
N PHE B 63 22.91 -29.95 8.63
CA PHE B 63 22.10 -28.76 8.75
C PHE B 63 21.63 -28.63 10.20
N GLN B 64 21.32 -29.76 10.83
CA GLN B 64 20.84 -29.77 12.25
C GLN B 64 21.90 -29.20 13.18
N GLN B 65 23.15 -29.57 12.96
CA GLN B 65 24.23 -29.05 13.74
C GLN B 65 24.43 -27.51 13.53
N LEU B 66 24.27 -27.04 12.32
CA LEU B 66 24.39 -25.60 12.03
C LEU B 66 23.22 -24.85 12.59
N LEU B 67 21.95 -25.23 12.34
CA LEU B 67 20.79 -24.34 12.70
C LEU B 67 20.07 -24.68 13.95
N GLY B 68 20.22 -25.92 14.34
CA GLY B 68 19.53 -26.41 15.50
C GLY B 68 18.06 -26.31 15.27
N ASP B 69 17.31 -26.14 16.38
CA ASP B 69 15.90 -26.11 16.34
C ASP B 69 15.33 -24.76 16.01
N GLY B 70 16.19 -23.76 15.84
CA GLY B 70 15.77 -22.43 15.59
C GLY B 70 15.35 -21.51 16.67
N SER B 71 15.27 -22.02 17.90
CA SER B 71 14.78 -21.22 18.97
C SER B 71 15.62 -20.03 19.32
N ASN B 72 16.91 -20.12 19.03
CA ASN B 72 17.79 -18.97 19.26
C ASN B 72 17.50 -17.76 18.36
N TRP B 73 16.89 -18.04 17.21
CA TRP B 73 16.45 -17.01 16.27
C TRP B 73 14.94 -16.77 16.29
N GLY B 74 14.25 -17.29 17.33
CA GLY B 74 12.81 -17.16 17.42
C GLY B 74 11.98 -18.01 16.38
N LEU B 75 12.63 -19.01 15.83
CA LEU B 75 12.03 -19.82 14.74
C LEU B 75 11.72 -21.17 15.28
N ASP B 76 10.97 -21.94 14.47
CA ASP B 76 10.74 -23.30 14.80
C ASP B 76 11.16 -24.15 13.59
N LEU B 77 12.36 -24.76 13.72
CA LEU B 77 12.90 -25.51 12.59
C LEU B 77 12.76 -27.02 12.84
N GLN B 78 12.47 -27.72 11.75
CA GLN B 78 12.38 -29.18 11.71
C GLN B 78 13.06 -29.64 10.48
N TYR B 79 13.26 -30.94 10.44
CA TYR B 79 14.06 -31.57 9.46
C TYR B 79 13.44 -32.87 8.95
N ALA B 80 13.67 -33.14 7.67
CA ALA B 80 13.26 -34.39 7.01
C ALA B 80 14.17 -34.70 5.88
N VAL B 81 14.17 -35.94 5.44
CA VAL B 81 15.10 -36.38 4.43
C VAL B 81 14.37 -36.62 3.11
N GLN B 82 15.04 -36.34 2.01
CA GLN B 82 14.65 -36.64 0.66
C GLN B 82 15.51 -37.81 0.31
N PRO B 83 14.95 -39.02 0.26
CA PRO B 83 15.75 -40.22 -0.09
C PRO B 83 16.61 -40.02 -1.35
N SER B 84 15.99 -39.64 -2.45
CA SER B 84 16.78 -39.41 -3.67
C SER B 84 16.30 -38.12 -4.35
N PRO B 85 17.12 -37.45 -5.14
CA PRO B 85 16.68 -36.21 -5.75
C PRO B 85 15.80 -36.48 -6.92
N ASP B 86 14.53 -36.83 -6.69
CA ASP B 86 13.59 -37.12 -7.72
C ASP B 86 12.52 -36.02 -7.96
N GLY B 87 12.81 -34.75 -7.67
CA GLY B 87 11.85 -33.66 -7.88
C GLY B 87 11.49 -32.75 -6.72
N LEU B 88 11.42 -31.46 -7.01
CA LEU B 88 11.07 -30.49 -6.09
C LEU B 88 9.69 -30.86 -5.52
N ALA B 89 8.82 -31.42 -6.33
CA ALA B 89 7.41 -31.67 -5.89
C ALA B 89 7.28 -32.84 -4.80
N GLN B 90 8.33 -33.63 -4.65
CA GLN B 90 8.37 -34.59 -3.52
C GLN B 90 8.31 -33.87 -2.20
N ALA B 91 8.68 -32.59 -2.21
CA ALA B 91 8.76 -31.88 -0.94
C ALA B 91 7.40 -31.84 -0.25
N PHE B 92 6.38 -31.87 -1.06
CA PHE B 92 5.00 -31.76 -0.51
C PHE B 92 4.48 -33.14 0.10
N LEU B 93 5.02 -34.22 -0.35
CA LEU B 93 4.72 -35.55 0.16
C LEU B 93 5.59 -35.72 1.43
N ILE B 94 6.89 -35.47 1.34
CA ILE B 94 7.73 -35.53 2.51
C ILE B 94 7.25 -34.65 3.60
N GLY B 95 6.85 -33.44 3.24
CA GLY B 95 6.34 -32.50 4.21
C GLY B 95 4.86 -32.47 4.49
N GLU B 96 4.13 -33.51 4.08
CA GLU B 96 2.68 -33.60 4.25
C GLU B 96 2.25 -33.33 5.67
N SER B 97 2.88 -34.07 6.62
CA SER B 97 2.41 -33.95 8.00
C SER B 97 2.76 -32.63 8.58
N PHE B 98 3.94 -32.11 8.16
CA PHE B 98 4.45 -30.81 8.67
C PHE B 98 3.48 -29.68 8.24
N ILE B 99 3.04 -29.63 6.96
CA ILE B 99 2.15 -28.61 6.38
C ILE B 99 0.82 -28.68 7.07
N GLY B 100 0.38 -29.90 7.39
CA GLY B 100 -0.92 -30.12 7.95
C GLY B 100 -2.00 -29.38 7.13
N ASN B 101 -2.84 -28.60 7.78
CA ASN B 101 -3.86 -27.95 7.06
C ASN B 101 -3.57 -26.50 6.89
N ASP B 102 -2.36 -26.15 6.61
CA ASP B 102 -2.02 -24.75 6.53
C ASP B 102 -1.54 -24.39 5.12
N LEU B 103 -1.56 -23.05 4.82
CA LEU B 103 -0.77 -22.44 3.75
C LEU B 103 0.69 -22.72 3.90
N SER B 104 1.33 -22.82 2.76
CA SER B 104 2.76 -23.18 2.77
C SER B 104 3.53 -22.42 1.70
N ALA B 105 4.85 -22.51 1.87
CA ALA B 105 5.73 -21.94 0.86
C ALA B 105 6.94 -22.81 0.69
N LEU B 106 7.56 -22.80 -0.52
CA LEU B 106 8.75 -23.58 -0.79
C LEU B 106 9.78 -22.74 -1.42
N VAL B 107 11.00 -22.86 -0.91
CA VAL B 107 12.16 -22.23 -1.48
C VAL B 107 13.34 -23.16 -1.72
N LEU B 108 14.09 -22.98 -2.83
CA LEU B 108 15.18 -23.89 -3.16
C LEU B 108 16.37 -23.45 -2.39
N GLY B 109 17.18 -24.41 -1.96
CA GLY B 109 18.28 -24.03 -1.07
C GLY B 109 19.41 -23.24 -1.60
N ASP B 110 19.54 -23.21 -2.89
CA ASP B 110 20.66 -22.49 -3.56
C ASP B 110 20.21 -21.21 -4.24
N ASN B 111 19.04 -20.73 -3.96
CA ASN B 111 18.58 -19.46 -4.63
C ASN B 111 18.78 -18.24 -3.70
N LEU B 112 19.34 -17.19 -4.20
CA LEU B 112 19.58 -15.97 -3.42
C LEU B 112 18.78 -14.87 -4.12
N TYR B 113 18.19 -14.03 -3.32
CA TYR B 113 17.38 -12.91 -3.79
C TYR B 113 17.90 -11.62 -3.17
N TYR B 114 17.87 -10.55 -3.92
CA TYR B 114 18.17 -9.28 -3.36
C TYR B 114 17.49 -8.09 -4.10
N GLY B 115 17.02 -7.12 -3.36
CA GLY B 115 16.56 -5.83 -3.93
C GLY B 115 15.51 -5.09 -3.09
N HIS B 116 15.27 -3.90 -3.48
CA HIS B 116 14.44 -2.93 -2.74
C HIS B 116 12.99 -3.35 -2.69
N ASP B 117 12.41 -3.33 -1.48
CA ASP B 117 11.01 -3.74 -1.26
C ASP B 117 10.65 -5.24 -1.49
N PHE B 118 11.62 -6.11 -1.33
CA PHE B 118 11.56 -7.54 -1.55
C PHE B 118 10.68 -7.95 -0.45
N HIS B 119 10.93 -7.34 0.65
CA HIS B 119 10.09 -7.51 1.82
C HIS B 119 8.60 -7.47 1.51
N GLU B 120 8.17 -6.42 0.83
CA GLU B 120 6.80 -6.17 0.41
C GLU B 120 6.28 -7.11 -0.76
N LEU B 121 7.18 -7.38 -1.73
CA LEU B 121 6.96 -8.31 -2.87
C LEU B 121 6.64 -9.74 -2.33
N LEU B 122 7.38 -10.16 -1.36
CA LEU B 122 7.15 -11.43 -0.61
C LEU B 122 5.88 -11.40 0.15
N GLY B 123 5.80 -10.44 1.06
CA GLY B 123 4.64 -10.29 1.95
C GLY B 123 3.27 -10.22 1.20
N SER B 124 3.17 -9.48 0.09
CA SER B 124 2.04 -9.68 -0.79
C SER B 124 1.72 -11.08 -1.26
N ALA B 125 2.67 -11.85 -1.85
CA ALA B 125 2.35 -13.25 -2.11
C ALA B 125 1.96 -14.01 -0.79
N SER B 126 2.64 -13.79 0.30
CA SER B 126 2.47 -14.65 1.45
C SER B 126 1.16 -14.42 2.07
N GLN B 127 0.66 -13.20 1.95
CA GLN B 127 -0.53 -12.78 2.68
C GLN B 127 -1.80 -13.23 1.93
N ARG B 128 -1.66 -13.62 0.69
CA ARG B 128 -2.72 -14.18 -0.06
C ARG B 128 -3.19 -15.52 0.56
N GLN B 129 -4.48 -15.86 0.46
CA GLN B 129 -5.00 -17.01 1.17
C GLN B 129 -5.60 -18.07 0.26
N THR B 130 -5.29 -17.99 -1.02
CA THR B 130 -5.82 -18.89 -1.95
C THR B 130 -4.89 -18.99 -3.12
N GLY B 131 -5.07 -20.10 -3.81
CA GLY B 131 -4.32 -20.38 -5.05
C GLY B 131 -2.84 -20.56 -4.76
N ALA B 132 -2.02 -20.35 -5.78
CA ALA B 132 -0.59 -20.51 -5.91
C ALA B 132 0.03 -19.21 -6.36
N SER B 133 1.19 -18.85 -5.84
CA SER B 133 1.92 -17.67 -6.39
C SER B 133 3.36 -18.03 -6.72
N VAL B 134 3.81 -17.61 -7.89
CA VAL B 134 5.21 -17.80 -8.36
C VAL B 134 5.67 -16.50 -8.94
N PHE B 135 6.96 -16.44 -9.16
CA PHE B 135 7.59 -15.24 -9.67
C PHE B 135 8.41 -15.59 -10.98
N ALA B 136 8.25 -14.71 -11.93
CA ALA B 136 8.88 -14.84 -13.20
C ALA B 136 9.94 -13.77 -13.34
N TYR B 137 11.07 -14.16 -13.89
CA TYR B 137 12.31 -13.30 -13.95
C TYR B 137 13.05 -13.49 -15.27
N HIS B 138 13.29 -12.39 -15.91
CA HIS B 138 14.00 -12.42 -17.25
C HIS B 138 15.44 -12.94 -17.06
N VAL B 139 15.81 -14.03 -17.73
CA VAL B 139 17.15 -14.62 -17.72
C VAL B 139 17.73 -14.75 -19.11
N LEU B 140 19.04 -14.95 -19.13
CA LEU B 140 19.71 -15.20 -20.43
C LEU B 140 19.48 -16.65 -20.88
N ASP B 141 19.32 -17.57 -19.92
CA ASP B 141 19.21 -19.00 -20.27
C ASP B 141 18.04 -19.68 -19.66
N PRO B 142 16.85 -19.40 -20.18
CA PRO B 142 15.63 -19.95 -19.60
C PRO B 142 15.51 -21.43 -19.78
N GLU B 143 16.26 -22.03 -20.67
CA GLU B 143 16.22 -23.48 -20.86
C GLU B 143 16.60 -24.29 -19.62
N ARG B 144 17.25 -23.62 -18.67
CA ARG B 144 17.61 -24.31 -17.52
C ARG B 144 16.46 -24.33 -16.47
N TYR B 145 15.35 -23.62 -16.71
CA TYR B 145 14.32 -23.43 -15.66
C TYR B 145 12.97 -23.82 -16.18
N GLY B 146 12.00 -23.76 -15.29
CA GLY B 146 10.58 -23.79 -15.72
C GLY B 146 10.39 -22.44 -16.39
N VAL B 147 9.70 -22.43 -17.53
CA VAL B 147 9.57 -21.18 -18.30
C VAL B 147 8.09 -20.79 -18.45
N VAL B 148 7.76 -19.52 -18.19
CA VAL B 148 6.41 -19.03 -18.34
C VAL B 148 6.21 -18.25 -19.60
N GLU B 149 5.15 -18.57 -20.35
CA GLU B 149 4.78 -17.88 -21.57
C GLU B 149 3.55 -16.99 -21.26
N PHE B 150 3.58 -15.75 -21.72
CA PHE B 150 2.43 -14.87 -21.51
C PHE B 150 1.81 -14.56 -22.81
N ASP B 151 0.50 -14.28 -22.77
CA ASP B 151 -0.21 -13.73 -23.93
C ASP B 151 0.14 -12.23 -24.13
N GLN B 152 -0.42 -11.73 -25.19
CA GLN B 152 -0.27 -10.34 -25.58
C GLN B 152 -0.71 -9.33 -24.51
N GLY B 153 -1.59 -9.72 -23.62
CA GLY B 153 -2.00 -8.91 -22.49
C GLY B 153 -1.33 -9.13 -21.19
N GLY B 154 -0.27 -9.93 -21.21
CA GLY B 154 0.55 -10.12 -19.99
C GLY B 154 0.08 -11.23 -19.12
N LYS B 155 -0.91 -11.97 -19.61
CA LYS B 155 -1.43 -13.12 -18.86
C LYS B 155 -0.68 -14.45 -19.10
N ALA B 156 -0.16 -15.08 -18.02
CA ALA B 156 0.44 -16.37 -18.15
C ALA B 156 -0.48 -17.29 -18.78
N ILE B 157 -0.06 -17.94 -19.89
CA ILE B 157 -0.78 -19.01 -20.44
C ILE B 157 -0.19 -20.44 -20.49
N SER B 158 1.13 -20.66 -20.36
CA SER B 158 1.71 -22.03 -20.38
C SER B 158 3.00 -22.11 -19.58
N LEU B 159 3.40 -23.30 -19.15
CA LEU B 159 4.55 -23.53 -18.36
C LEU B 159 5.19 -24.73 -18.94
N GLU B 160 6.49 -24.72 -19.07
CA GLU B 160 7.23 -25.84 -19.58
C GLU B 160 8.46 -25.98 -18.72
N GLU B 161 8.82 -27.23 -18.44
CA GLU B 161 9.96 -27.53 -17.66
C GLU B 161 11.20 -27.73 -18.62
N LYS B 162 12.23 -26.89 -18.46
CA LYS B 162 13.45 -26.96 -19.22
C LYS B 162 13.23 -27.23 -20.71
N PRO B 163 12.50 -26.37 -21.42
CA PRO B 163 12.28 -26.58 -22.85
C PRO B 163 13.55 -26.26 -23.66
N LEU B 164 13.82 -27.09 -24.64
CA LEU B 164 14.91 -26.84 -25.63
C LEU B 164 14.70 -25.57 -26.41
N GLU B 165 13.45 -25.18 -26.61
CA GLU B 165 13.08 -23.98 -27.37
C GLU B 165 12.11 -23.23 -26.49
N PRO B 166 12.63 -22.47 -25.51
CA PRO B 166 11.78 -21.68 -24.66
C PRO B 166 10.90 -20.69 -25.35
N LYS B 167 9.66 -20.61 -24.86
CA LYS B 167 8.66 -19.80 -25.46
C LYS B 167 8.87 -18.37 -25.02
N SER B 168 9.72 -18.14 -23.98
CA SER B 168 10.05 -16.78 -23.60
C SER B 168 11.30 -16.80 -22.82
N ASN B 169 11.71 -15.64 -22.33
CA ASN B 169 12.92 -15.61 -21.53
C ASN B 169 12.60 -15.47 -20.07
N TYR B 170 11.36 -15.61 -19.70
CA TYR B 170 10.92 -15.58 -18.28
C TYR B 170 10.96 -16.93 -17.57
N ALA B 171 11.87 -17.06 -16.63
CA ALA B 171 11.97 -18.22 -15.82
C ALA B 171 11.16 -17.98 -14.54
N VAL B 172 10.70 -19.11 -14.00
CA VAL B 172 10.08 -19.32 -12.67
C VAL B 172 11.18 -19.46 -11.63
N THR B 173 11.21 -18.55 -10.70
CA THR B 173 12.26 -18.61 -9.77
C THR B 173 11.99 -19.72 -8.74
N GLY B 174 12.91 -19.93 -7.79
CA GLY B 174 12.78 -21.08 -6.88
C GLY B 174 12.05 -20.71 -5.60
N LEU B 175 10.93 -19.95 -5.67
CA LEU B 175 10.21 -19.54 -4.51
C LEU B 175 8.75 -19.67 -4.95
N TYR B 176 8.00 -20.40 -4.17
CA TYR B 176 6.67 -20.81 -4.48
C TYR B 176 5.73 -20.72 -3.26
N PHE B 177 4.54 -20.15 -3.42
CA PHE B 177 3.58 -20.03 -2.33
C PHE B 177 2.28 -20.86 -2.73
N TYR B 178 1.78 -21.64 -1.79
CA TYR B 178 0.56 -22.47 -2.02
C TYR B 178 -0.49 -22.42 -0.95
N ASP B 179 -1.74 -22.65 -1.37
CA ASP B 179 -2.86 -22.79 -0.46
C ASP B 179 -2.94 -24.27 -0.08
N GLN B 180 -4.05 -24.67 0.55
CA GLN B 180 -4.23 -26.04 0.97
C GLN B 180 -4.45 -27.12 -0.07
N GLN B 181 -4.44 -26.75 -1.31
CA GLN B 181 -4.63 -27.67 -2.37
C GLN B 181 -3.38 -28.45 -2.80
N VAL B 182 -2.22 -27.96 -2.39
CA VAL B 182 -0.94 -28.45 -2.90
C VAL B 182 -0.69 -29.89 -2.61
N VAL B 183 -0.88 -30.32 -1.36
CA VAL B 183 -0.54 -31.68 -1.02
C VAL B 183 -1.33 -32.70 -1.88
N ASP B 184 -2.62 -32.49 -2.04
CA ASP B 184 -3.45 -33.42 -2.82
C ASP B 184 -3.09 -33.40 -4.30
N ILE B 185 -2.72 -32.24 -4.80
CA ILE B 185 -2.22 -32.12 -6.17
C ILE B 185 -0.90 -32.89 -6.29
N ALA B 186 0.02 -32.76 -5.34
CA ALA B 186 1.31 -33.45 -5.43
C ALA B 186 1.08 -34.99 -5.41
N ARG B 187 0.08 -35.38 -4.64
CA ARG B 187 -0.32 -36.79 -4.42
C ARG B 187 -0.70 -37.46 -5.70
N ASP B 188 -1.33 -36.72 -6.61
CA ASP B 188 -1.66 -37.18 -7.95
C ASP B 188 -0.59 -37.09 -9.06
N LEU B 189 0.51 -36.36 -8.87
CA LEU B 189 1.47 -36.31 -9.96
C LEU B 189 2.12 -37.68 -10.27
N LYS B 190 2.56 -37.84 -11.53
CA LYS B 190 3.32 -38.99 -12.06
C LYS B 190 4.66 -38.51 -12.61
N PRO B 191 5.73 -39.25 -12.33
CA PRO B 191 7.06 -38.85 -12.76
C PRO B 191 7.10 -38.52 -14.16
N SER B 192 7.93 -37.53 -14.38
CA SER B 192 8.18 -37.04 -15.68
C SER B 192 9.08 -37.92 -16.49
N PRO B 193 9.29 -37.39 -17.67
CA PRO B 193 10.21 -37.91 -18.66
C PRO B 193 11.57 -37.86 -17.98
N ARG B 194 11.87 -36.59 -17.63
CA ARG B 194 13.09 -36.20 -16.94
C ARG B 194 13.25 -37.25 -15.84
N GLY B 195 12.11 -37.71 -15.29
CA GLY B 195 12.12 -38.76 -14.26
C GLY B 195 11.82 -38.23 -12.86
N GLU B 196 11.26 -37.02 -12.80
CA GLU B 196 10.98 -36.38 -11.53
C GLU B 196 9.46 -36.06 -11.34
N LEU B 197 9.10 -35.87 -10.10
CA LEU B 197 7.80 -35.29 -9.78
C LEU B 197 8.09 -33.76 -9.84
N GLU B 198 7.55 -33.16 -10.84
CA GLU B 198 7.88 -31.82 -11.17
C GLU B 198 7.08 -30.71 -10.48
N ILE B 199 7.78 -29.69 -10.03
CA ILE B 199 7.07 -28.54 -9.44
C ILE B 199 6.30 -27.85 -10.54
N THR B 200 6.89 -27.85 -11.73
CA THR B 200 6.20 -27.28 -12.82
C THR B 200 4.81 -27.88 -13.06
N ASP B 201 4.61 -29.18 -12.85
CA ASP B 201 3.33 -29.81 -13.02
C ASP B 201 2.36 -29.44 -11.95
N VAL B 202 2.83 -29.24 -10.73
CA VAL B 202 1.94 -28.71 -9.69
C VAL B 202 1.44 -27.32 -10.09
N ASN B 203 2.36 -26.49 -10.49
CA ASN B 203 2.01 -25.12 -10.92
C ASN B 203 1.04 -25.07 -12.11
N ARG B 204 1.23 -25.97 -13.03
CA ARG B 204 0.28 -26.07 -14.19
C ARG B 204 -1.09 -26.51 -13.75
N ALA B 205 -1.17 -27.28 -12.67
CA ALA B 205 -2.48 -27.69 -12.22
C ALA B 205 -3.21 -26.53 -11.65
N TYR B 206 -2.47 -25.67 -10.90
CA TYR B 206 -3.11 -24.46 -10.49
C TYR B 206 -3.49 -23.54 -11.68
N LEU B 207 -2.63 -23.41 -12.68
CA LEU B 207 -2.90 -22.60 -13.86
C LEU B 207 -4.16 -23.08 -14.60
N GLU B 208 -4.36 -24.37 -14.71
CA GLU B 208 -5.55 -24.94 -15.40
C GLU B 208 -6.83 -24.56 -14.67
N ARG B 209 -6.75 -24.41 -13.36
CA ARG B 209 -7.95 -23.95 -12.63
C ARG B 209 -8.04 -22.46 -12.53
N GLY B 210 -7.15 -21.73 -13.20
CA GLY B 210 -7.12 -20.28 -13.13
C GLY B 210 -6.69 -19.75 -11.77
N GLN B 211 -5.83 -20.51 -11.12
CA GLN B 211 -5.52 -20.18 -9.72
C GLN B 211 -4.05 -20.01 -9.44
N LEU B 212 -3.30 -19.89 -10.50
CA LEU B 212 -1.85 -19.52 -10.45
C LEU B 212 -1.62 -18.02 -10.67
N SER B 213 -1.16 -17.31 -9.63
CA SER B 213 -0.73 -15.95 -9.72
C SER B 213 0.81 -15.91 -10.11
N VAL B 214 1.11 -15.38 -11.27
CA VAL B 214 2.47 -15.24 -11.76
C VAL B 214 2.83 -13.72 -11.68
N GLU B 215 3.65 -13.37 -10.72
CA GLU B 215 4.07 -11.95 -10.56
C GLU B 215 5.40 -11.81 -11.20
N ILE B 216 5.63 -10.66 -11.84
CA ILE B 216 6.96 -10.32 -12.40
C ILE B 216 7.91 -9.81 -11.28
N MET B 217 9.07 -10.40 -11.21
CA MET B 217 10.10 -9.94 -10.41
C MET B 217 10.93 -9.16 -11.37
N GLY B 218 10.97 -7.83 -11.24
CA GLY B 218 11.64 -6.97 -12.16
C GLY B 218 13.15 -7.08 -12.15
N ARG B 219 13.72 -6.48 -13.16
CA ARG B 219 15.12 -6.48 -13.44
C ARG B 219 15.94 -5.79 -12.34
N GLY B 220 15.27 -4.87 -11.64
CA GLY B 220 15.79 -4.27 -10.39
C GLY B 220 16.09 -5.14 -9.16
N TYR B 221 15.65 -6.42 -9.20
CA TYR B 221 15.98 -7.46 -8.26
C TYR B 221 17.04 -8.34 -8.85
N ALA B 222 17.95 -8.79 -8.00
CA ALA B 222 18.85 -9.82 -8.41
C ALA B 222 18.29 -11.17 -7.83
N TRP B 223 18.18 -12.09 -8.73
CA TRP B 223 17.89 -13.45 -8.40
C TRP B 223 19.08 -14.18 -8.95
N LEU B 224 19.90 -14.75 -8.06
CA LEU B 224 20.99 -15.56 -8.44
C LEU B 224 20.88 -17.03 -8.01
N ASP B 225 21.41 -17.95 -8.79
CA ASP B 225 21.56 -19.32 -8.21
C ASP B 225 23.03 -19.69 -8.14
N THR B 226 23.38 -20.53 -7.20
CA THR B 226 24.76 -20.73 -6.92
C THR B 226 25.15 -22.16 -7.18
N GLY B 227 24.41 -22.75 -8.05
CA GLY B 227 24.56 -24.18 -8.34
C GLY B 227 25.73 -24.63 -9.12
N THR B 228 26.54 -23.74 -9.73
CA THR B 228 27.78 -24.10 -10.39
C THR B 228 29.02 -23.40 -9.74
N HIS B 229 30.21 -23.93 -10.01
CA HIS B 229 31.44 -23.27 -9.47
C HIS B 229 31.47 -21.78 -9.97
N ASP B 230 31.18 -21.51 -11.22
CA ASP B 230 31.21 -20.13 -11.68
C ASP B 230 30.20 -19.26 -11.02
N SER B 231 28.98 -19.77 -10.84
CA SER B 231 27.84 -18.93 -10.34
C SER B 231 28.04 -18.61 -8.83
N LEU B 232 28.60 -19.58 -8.10
CA LEU B 232 28.94 -19.42 -6.71
C LEU B 232 29.97 -18.27 -6.50
N LEU B 233 30.96 -18.18 -7.37
N LEU B 233 30.97 -18.20 -7.38
CA LEU B 233 31.94 -17.13 -7.33
CA LEU B 233 31.95 -17.13 -7.34
C LEU B 233 31.32 -15.78 -7.60
C LEU B 233 31.32 -15.77 -7.60
N GLU B 234 30.49 -15.69 -8.63
CA GLU B 234 29.77 -14.50 -8.97
C GLU B 234 28.87 -14.03 -7.82
N ALA B 235 28.16 -14.93 -7.22
CA ALA B 235 27.26 -14.60 -6.12
C ALA B 235 28.04 -14.08 -4.94
N GLY B 236 29.11 -14.78 -4.57
CA GLY B 236 29.91 -14.24 -3.46
C GLY B 236 30.47 -12.85 -3.72
N GLN B 237 30.97 -12.60 -4.94
N GLN B 237 30.97 -12.60 -4.94
CA GLN B 237 31.49 -11.27 -5.28
CA GLN B 237 31.49 -11.27 -5.28
C GLN B 237 30.39 -10.20 -5.22
C GLN B 237 30.39 -10.20 -5.22
N PHE B 238 29.20 -10.59 -5.62
CA PHE B 238 28.00 -9.72 -5.62
C PHE B 238 27.68 -9.28 -4.19
N ILE B 239 27.54 -10.25 -3.30
CA ILE B 239 27.28 -9.99 -1.88
C ILE B 239 28.43 -9.15 -1.25
N ALA B 240 29.72 -9.42 -1.62
CA ALA B 240 30.81 -8.74 -1.06
C ALA B 240 30.77 -7.26 -1.41
N THR B 241 30.41 -6.98 -2.68
CA THR B 241 30.45 -5.66 -3.11
C THR B 241 29.36 -4.85 -2.31
N LEU B 242 28.20 -5.42 -2.21
CA LEU B 242 27.15 -4.79 -1.54
C LEU B 242 27.54 -4.48 -0.01
N GLU B 243 28.07 -5.51 0.63
CA GLU B 243 28.26 -5.51 2.11
C GLU B 243 29.38 -4.64 2.44
N ASN B 244 30.42 -4.58 1.60
CA ASN B 244 31.60 -3.71 1.80
C ASN B 244 31.32 -2.24 1.53
N ARG B 245 30.40 -1.99 0.60
CA ARG B 245 29.93 -0.61 0.25
C ARG B 245 29.07 -0.07 1.39
N GLN B 246 28.18 -0.92 1.84
CA GLN B 246 27.17 -0.51 2.77
C GLN B 246 27.53 -0.45 4.29
N GLY B 247 28.46 -1.36 4.72
CA GLY B 247 28.79 -1.67 6.10
C GLY B 247 27.59 -2.38 6.66
N LEU B 248 26.69 -3.00 5.85
CA LEU B 248 25.61 -3.81 6.34
C LEU B 248 25.72 -5.24 5.72
N LYS B 249 24.92 -6.16 6.23
CA LYS B 249 24.90 -7.55 5.79
C LYS B 249 23.58 -7.90 5.01
N VAL B 250 23.75 -8.61 3.91
CA VAL B 250 22.63 -9.17 3.26
C VAL B 250 22.28 -10.50 3.84
N ALA B 251 20.98 -10.71 4.07
CA ALA B 251 20.42 -11.99 4.61
C ALA B 251 21.09 -12.47 5.89
N CYS B 252 21.18 -11.64 6.92
CA CYS B 252 21.68 -12.03 8.22
C CYS B 252 20.47 -12.41 9.08
N PRO B 253 20.33 -13.71 9.38
CA PRO B 253 19.13 -14.15 10.08
C PRO B 253 18.89 -13.53 11.43
N GLU B 254 19.94 -13.27 12.19
CA GLU B 254 19.77 -12.71 13.52
C GLU B 254 19.23 -11.31 13.37
N GLU B 255 19.76 -10.59 12.40
CA GLU B 255 19.26 -9.26 12.19
C GLU B 255 17.78 -9.26 11.89
N ILE B 256 17.40 -10.05 10.90
CA ILE B 256 16.03 -10.02 10.49
C ILE B 256 15.13 -10.47 11.68
N ALA B 257 15.55 -11.47 12.41
CA ALA B 257 14.78 -11.90 13.61
C ALA B 257 14.58 -10.75 14.59
N TYR B 258 15.62 -9.97 14.76
CA TYR B 258 15.59 -8.87 15.69
C TYR B 258 14.68 -7.74 15.17
N ARG B 259 14.81 -7.47 13.87
CA ARG B 259 14.04 -6.44 13.28
C ARG B 259 12.53 -6.83 13.36
N GLN B 260 12.22 -8.13 13.27
CA GLN B 260 10.83 -8.47 13.22
C GLN B 260 10.27 -8.61 14.60
N LYS B 261 11.07 -8.45 15.64
CA LYS B 261 10.69 -8.59 17.04
C LYS B 261 10.50 -10.05 17.43
N TRP B 262 11.16 -10.98 16.70
CA TRP B 262 11.09 -12.35 17.02
C TRP B 262 12.07 -12.73 18.22
N ILE B 263 13.08 -11.90 18.45
CA ILE B 263 14.03 -12.08 19.51
C ILE B 263 14.20 -10.65 20.08
N ASP B 264 14.54 -10.50 21.36
CA ASP B 264 14.79 -9.21 21.91
C ASP B 264 16.27 -8.86 22.00
N ALA B 265 16.52 -7.64 22.49
CA ALA B 265 17.85 -7.07 22.67
C ALA B 265 18.74 -7.95 23.52
N ALA B 266 18.19 -8.42 24.60
CA ALA B 266 18.97 -9.29 25.42
C ALA B 266 19.32 -10.55 24.67
N GLN B 267 18.34 -11.12 23.98
CA GLN B 267 18.58 -12.36 23.24
C GLN B 267 19.65 -12.13 22.17
N LEU B 268 19.58 -10.99 21.55
CA LEU B 268 20.58 -10.73 20.50
C LEU B 268 21.97 -10.60 21.05
N GLU B 269 22.10 -9.88 22.18
CA GLU B 269 23.44 -9.61 22.72
C GLU B 269 24.02 -10.95 23.04
N LYS B 270 23.20 -11.93 23.37
CA LYS B 270 23.74 -13.26 23.69
C LYS B 270 24.22 -14.00 22.44
N LEU B 271 23.56 -13.74 21.32
CA LEU B 271 23.99 -14.32 20.06
C LEU B 271 25.32 -13.80 19.61
N ALA B 272 25.60 -12.53 19.87
CA ALA B 272 26.82 -11.90 19.40
C ALA B 272 28.11 -12.32 20.13
N ALA B 273 27.97 -12.54 21.41
CA ALA B 273 29.09 -12.87 22.30
C ALA B 273 30.09 -13.87 21.73
N PRO B 274 29.65 -15.05 21.40
CA PRO B 274 30.53 -16.08 20.83
C PRO B 274 31.18 -15.66 19.54
N LEU B 275 30.51 -14.79 18.81
CA LEU B 275 31.01 -14.32 17.55
C LEU B 275 31.80 -13.02 17.68
N ALA B 276 31.87 -12.50 18.91
CA ALA B 276 32.46 -11.17 19.17
C ALA B 276 33.87 -10.90 18.59
N LYS B 277 34.71 -11.92 18.47
CA LYS B 277 36.07 -11.73 17.95
C LYS B 277 36.15 -11.65 16.42
N ASN B 278 35.02 -11.77 15.73
CA ASN B 278 35.10 -11.64 14.27
C ASN B 278 34.07 -10.64 13.92
N GLY B 279 34.13 -10.25 12.66
CA GLY B 279 33.22 -9.29 12.08
C GLY B 279 31.75 -9.57 12.29
N TYR B 280 31.34 -10.81 12.08
CA TYR B 280 29.93 -11.09 12.11
C TYR B 280 29.35 -10.73 13.48
N GLY B 281 30.13 -11.02 14.52
CA GLY B 281 29.75 -10.77 15.88
C GLY B 281 29.71 -9.29 16.17
N GLN B 282 30.72 -8.57 15.68
CA GLN B 282 30.72 -7.12 15.87
C GLN B 282 29.47 -6.54 15.20
N TYR B 283 29.04 -7.11 14.09
CA TYR B 283 27.93 -6.58 13.40
C TYR B 283 26.66 -6.79 14.22
N LEU B 284 26.43 -7.97 14.78
CA LEU B 284 25.23 -8.10 15.56
C LEU B 284 25.24 -7.04 16.65
N LYS B 285 26.36 -6.88 17.32
CA LYS B 285 26.44 -5.91 18.40
C LYS B 285 26.11 -4.50 17.94
N ARG B 286 26.68 -4.07 16.82
CA ARG B 286 26.33 -2.74 16.32
C ARG B 286 24.81 -2.56 16.08
N LEU B 287 24.11 -3.64 15.84
CA LEU B 287 22.71 -3.46 15.50
C LEU B 287 21.89 -3.11 16.74
N LEU B 288 22.46 -3.29 17.91
CA LEU B 288 21.76 -2.92 19.14
C LEU B 288 21.70 -1.39 19.33
N THR B 289 22.70 -0.68 18.82
CA THR B 289 22.75 0.75 19.05
C THR B 289 22.44 1.63 17.81
N GLU B 290 22.55 1.07 16.61
CA GLU B 290 22.34 1.87 15.42
C GLU B 290 20.93 1.87 14.84
N THR B 291 20.43 3.02 14.44
CA THR B 291 19.20 3.03 13.72
C THR B 291 19.51 2.83 12.20
N VAL B 292 19.03 1.76 11.64
CA VAL B 292 19.15 1.51 10.17
C VAL B 292 17.77 1.60 9.51
N TYR B 293 17.57 2.55 8.58
CA TYR B 293 16.31 2.67 7.89
C TYR B 293 16.09 1.65 6.75
N MET C 1 74.29 -8.89 -32.34
CA MET C 1 73.48 -7.80 -32.87
C MET C 1 72.30 -7.23 -32.03
N LYS C 2 72.11 -5.94 -32.24
CA LYS C 2 71.03 -5.11 -31.77
C LYS C 2 69.55 -5.49 -32.22
N ARG C 3 68.66 -5.61 -31.25
CA ARG C 3 67.27 -5.92 -31.60
C ARG C 3 66.36 -4.80 -31.27
N LYS C 4 65.56 -4.40 -32.26
CA LYS C 4 64.53 -3.37 -32.11
C LYS C 4 63.15 -3.89 -31.87
N GLY C 5 62.32 -3.11 -31.22
CA GLY C 5 61.03 -3.62 -30.88
C GLY C 5 59.88 -2.83 -31.50
N ILE C 6 58.79 -3.54 -31.80
CA ILE C 6 57.52 -2.95 -32.29
C ILE C 6 56.36 -3.40 -31.36
N ILE C 7 55.46 -2.44 -31.08
CA ILE C 7 54.18 -2.73 -30.42
C ILE C 7 53.10 -2.40 -31.36
N LEU C 8 52.32 -3.40 -31.76
CA LEU C 8 51.19 -3.16 -32.63
C LEU C 8 49.99 -2.93 -31.88
N ALA C 9 49.54 -1.70 -31.82
CA ALA C 9 48.34 -1.42 -31.02
C ALA C 9 47.33 -0.75 -31.80
N GLY C 10 46.90 -1.37 -32.83
CA GLY C 10 45.97 -0.64 -33.63
C GLY C 10 44.66 -1.34 -33.53
N GLY C 11 43.93 -1.31 -34.62
CA GLY C 11 42.81 -2.21 -34.74
C GLY C 11 41.43 -1.71 -34.55
N SER C 12 40.58 -2.63 -35.05
CA SER C 12 39.13 -2.49 -35.02
C SER C 12 38.70 -2.20 -33.62
N GLY C 13 37.89 -1.15 -33.52
CA GLY C 13 37.25 -0.82 -32.27
C GLY C 13 35.81 -1.31 -32.33
N THR C 14 35.28 -1.60 -33.54
CA THR C 14 33.85 -1.97 -33.70
C THR C 14 33.39 -3.03 -32.70
N ARG C 15 34.27 -3.96 -32.36
CA ARG C 15 33.93 -4.98 -31.38
C ARG C 15 33.49 -4.47 -30.02
N LEU C 16 34.35 -3.70 -29.37
CA LEU C 16 34.09 -3.26 -27.98
C LEU C 16 33.27 -2.00 -27.86
N HIS C 17 32.65 -1.53 -28.95
CA HIS C 17 31.77 -0.37 -28.90
C HIS C 17 30.41 -0.80 -28.28
N PRO C 18 29.76 0.09 -27.52
CA PRO C 18 30.17 1.49 -27.32
C PRO C 18 31.17 1.81 -26.21
N ALA C 19 31.64 0.81 -25.47
CA ALA C 19 32.64 0.95 -24.40
C ALA C 19 33.84 1.75 -24.89
N THR C 20 34.39 1.36 -26.03
CA THR C 20 35.59 2.02 -26.51
C THR C 20 35.27 3.15 -27.46
N LEU C 21 34.09 3.75 -27.39
CA LEU C 21 33.83 4.86 -28.33
C LEU C 21 34.66 6.04 -27.92
N ALA C 22 34.96 6.18 -26.64
CA ALA C 22 35.73 7.36 -26.21
C ALA C 22 37.21 7.11 -26.02
N ILE C 23 37.54 5.83 -25.82
CA ILE C 23 38.88 5.35 -25.56
C ILE C 23 39.06 3.97 -26.19
N SER C 24 39.96 3.89 -27.16
N SER C 24 39.98 3.89 -27.15
CA SER C 24 40.32 2.63 -27.82
CA SER C 24 40.34 2.63 -27.81
C SER C 24 40.90 1.64 -26.81
C SER C 24 40.89 1.64 -26.80
N LYS C 25 40.89 0.37 -27.18
CA LYS C 25 41.28 -0.73 -26.33
C LYS C 25 42.53 -0.51 -25.53
N GLN C 26 43.67 -0.31 -26.24
CA GLN C 26 44.97 -0.27 -25.62
C GLN C 26 45.27 1.02 -24.93
N LEU C 27 44.36 1.95 -25.05
CA LEU C 27 44.43 3.11 -24.18
C LEU C 27 43.64 2.95 -22.85
N LEU C 28 42.78 1.93 -22.72
CA LEU C 28 42.03 1.70 -21.48
C LEU C 28 42.98 1.25 -20.42
N PRO C 29 42.72 1.47 -19.14
CA PRO C 29 43.57 0.87 -18.14
C PRO C 29 43.22 -0.59 -17.83
N VAL C 30 44.26 -1.33 -17.42
CA VAL C 30 44.07 -2.65 -16.87
C VAL C 30 44.38 -2.47 -15.38
N TYR C 31 43.30 -2.39 -14.59
CA TYR C 31 43.41 -2.12 -13.12
C TYR C 31 43.95 -0.73 -12.95
N ASP C 32 45.27 -0.54 -12.77
CA ASP C 32 45.87 0.72 -12.36
C ASP C 32 46.86 1.36 -13.29
N LYS C 33 46.88 0.94 -14.53
CA LYS C 33 47.81 1.58 -15.47
C LYS C 33 47.36 1.27 -16.93
N PRO C 34 47.72 2.10 -17.92
CA PRO C 34 47.33 1.87 -19.32
C PRO C 34 47.73 0.52 -19.85
N MET C 35 46.85 -0.08 -20.63
N MET C 35 46.84 -0.08 -20.63
CA MET C 35 47.07 -1.40 -21.22
CA MET C 35 47.07 -1.40 -21.22
C MET C 35 48.44 -1.50 -21.88
C MET C 35 48.44 -1.50 -21.88
N ILE C 36 48.85 -0.44 -22.57
CA ILE C 36 50.10 -0.49 -23.36
C ILE C 36 51.36 -0.69 -22.48
N TYR C 37 51.22 -0.38 -21.21
CA TYR C 37 52.36 -0.43 -20.33
C TYR C 37 52.78 -1.91 -20.18
N TYR C 38 51.81 -2.83 -20.37
CA TYR C 38 52.11 -4.24 -20.11
C TYR C 38 53.05 -4.84 -21.20
N PRO C 39 52.63 -4.77 -22.46
CA PRO C 39 53.54 -5.16 -23.52
C PRO C 39 54.76 -4.41 -23.62
N LEU C 40 54.72 -3.09 -23.34
CA LEU C 40 55.95 -2.26 -23.36
C LEU C 40 56.93 -2.89 -22.42
N SER C 41 56.45 -3.13 -21.21
CA SER C 41 57.27 -3.73 -20.19
C SER C 41 57.88 -5.12 -20.62
N THR C 42 57.07 -5.87 -21.35
CA THR C 42 57.53 -7.09 -21.95
C THR C 42 58.77 -6.88 -22.81
N LEU C 43 58.74 -5.89 -23.71
CA LEU C 43 59.83 -5.59 -24.56
C LEU C 43 61.01 -5.10 -23.64
N MET C 44 60.73 -4.31 -22.60
CA MET C 44 61.83 -3.90 -21.76
C MET C 44 62.49 -5.08 -21.09
N LEU C 45 61.65 -6.04 -20.67
CA LEU C 45 62.16 -7.21 -20.00
C LEU C 45 63.06 -8.02 -20.90
N ALA C 46 62.80 -8.04 -22.21
CA ALA C 46 63.60 -8.81 -23.18
C ALA C 46 64.94 -7.99 -23.52
N GLY C 47 65.09 -6.87 -22.85
CA GLY C 47 66.23 -5.94 -22.97
C GLY C 47 66.19 -4.98 -24.13
N ILE C 48 64.99 -4.69 -24.63
CA ILE C 48 64.84 -3.84 -25.77
C ILE C 48 64.51 -2.40 -25.39
N ARG C 49 65.24 -1.43 -25.91
CA ARG C 49 65.11 -0.05 -25.61
C ARG C 49 64.64 0.87 -26.70
N GLU C 50 64.78 0.44 -27.92
CA GLU C 50 64.34 1.17 -29.11
C GLU C 50 63.11 0.54 -29.67
N ILE C 51 62.00 1.26 -29.53
CA ILE C 51 60.71 0.69 -29.76
C ILE C 51 59.83 1.58 -30.59
N LEU C 52 59.31 0.96 -31.60
CA LEU C 52 58.32 1.61 -32.50
C LEU C 52 56.89 1.27 -32.09
N ILE C 53 56.09 2.29 -31.85
CA ILE C 53 54.66 2.14 -31.55
C ILE C 53 53.78 2.44 -32.78
N ILE C 54 53.17 1.39 -33.31
CA ILE C 54 52.24 1.44 -34.45
C ILE C 54 50.80 1.47 -34.02
N SER C 55 50.08 2.52 -34.32
CA SER C 55 48.66 2.57 -34.05
C SER C 55 47.76 3.20 -35.16
N THR C 56 46.50 3.48 -34.87
CA THR C 56 45.59 4.02 -35.87
C THR C 56 46.00 5.48 -36.04
N PRO C 57 45.60 6.13 -37.14
CA PRO C 57 45.87 7.60 -37.31
C PRO C 57 45.44 8.40 -36.13
N GLN C 58 44.25 8.06 -35.68
CA GLN C 58 43.68 8.78 -34.56
C GLN C 58 44.33 8.50 -33.24
N ASP C 59 44.83 7.29 -33.00
CA ASP C 59 45.45 6.98 -31.77
C ASP C 59 46.94 7.29 -31.64
N THR C 60 47.65 7.52 -32.75
CA THR C 60 49.09 7.68 -32.62
C THR C 60 49.46 8.77 -31.74
N PRO C 61 48.83 9.90 -31.89
CA PRO C 61 49.15 11.04 -31.06
C PRO C 61 48.79 10.87 -29.61
N ARG C 62 47.81 10.05 -29.36
CA ARG C 62 47.43 9.80 -27.98
C ARG C 62 48.55 9.04 -27.32
N PHE C 63 49.00 8.02 -27.99
CA PHE C 63 50.09 7.22 -27.46
C PHE C 63 51.31 8.18 -27.25
N GLN C 64 51.52 9.09 -28.18
CA GLN C 64 52.63 10.07 -27.99
C GLN C 64 52.42 11.01 -26.84
N GLN C 65 51.22 11.45 -26.58
CA GLN C 65 50.95 12.28 -25.37
C GLN C 65 51.26 11.46 -24.12
N LEU C 66 50.93 10.19 -24.16
CA LEU C 66 51.07 9.31 -23.00
C LEU C 66 52.47 8.95 -22.71
N LEU C 67 53.26 8.63 -23.75
CA LEU C 67 54.58 8.03 -23.60
C LEU C 67 55.78 8.93 -23.96
N GLY C 68 55.61 9.94 -24.82
CA GLY C 68 56.67 10.82 -25.28
C GLY C 68 57.73 10.16 -26.15
N ASP C 69 58.94 10.66 -26.07
CA ASP C 69 60.03 10.10 -26.83
C ASP C 69 60.74 8.94 -26.12
N GLY C 70 60.28 8.70 -24.91
CA GLY C 70 60.78 7.68 -24.05
C GLY C 70 62.04 7.90 -23.27
N SER C 71 62.64 9.09 -23.44
CA SER C 71 63.90 9.41 -22.73
C SER C 71 63.77 9.45 -21.20
N ASN C 72 62.58 9.79 -20.70
CA ASN C 72 62.32 9.78 -19.25
C ASN C 72 62.62 8.38 -18.61
N TRP C 73 62.35 7.39 -19.41
CA TRP C 73 62.46 6.01 -18.99
C TRP C 73 63.68 5.31 -19.54
N GLY C 74 64.61 6.05 -20.18
CA GLY C 74 65.77 5.41 -20.75
C GLY C 74 65.49 4.67 -22.10
N LEU C 75 64.41 5.03 -22.79
CA LEU C 75 64.02 4.40 -24.05
C LEU C 75 64.06 5.42 -25.24
N ASP C 76 63.94 4.87 -26.43
CA ASP C 76 63.89 5.63 -27.64
C ASP C 76 62.66 5.13 -28.32
N LEU C 77 61.62 5.89 -28.09
CA LEU C 77 60.29 5.56 -28.67
C LEU C 77 59.96 6.32 -29.92
N GLN C 78 59.52 5.64 -30.96
CA GLN C 78 59.08 6.31 -32.18
C GLN C 78 57.68 5.81 -32.50
N TYR C 79 56.99 6.54 -33.34
CA TYR C 79 55.64 6.30 -33.70
C TYR C 79 55.39 6.21 -35.19
N ALA C 80 54.47 5.32 -35.57
CA ALA C 80 54.04 5.20 -36.97
C ALA C 80 52.61 4.85 -37.00
N VAL C 81 51.96 5.01 -38.16
CA VAL C 81 50.56 4.81 -38.29
C VAL C 81 50.10 3.58 -39.13
N GLN C 82 49.05 2.94 -38.70
CA GLN C 82 48.48 1.90 -39.54
C GLN C 82 47.16 2.41 -40.07
N PRO C 83 47.19 2.80 -41.34
CA PRO C 83 46.06 3.55 -41.93
C PRO C 83 44.77 2.78 -41.81
N SER C 84 44.90 1.43 -41.79
CA SER C 84 43.77 0.49 -41.85
C SER C 84 44.18 -0.90 -41.30
N PRO C 85 43.30 -1.58 -40.58
CA PRO C 85 43.68 -2.81 -39.89
C PRO C 85 43.72 -3.91 -40.89
N ASP C 86 44.83 -3.94 -41.59
CA ASP C 86 44.96 -4.84 -42.70
C ASP C 86 45.94 -6.00 -42.42
N GLY C 87 46.24 -6.26 -41.15
CA GLY C 87 46.98 -7.49 -40.78
C GLY C 87 48.18 -7.21 -39.95
N LEU C 88 48.53 -8.11 -39.04
CA LEU C 88 49.58 -7.85 -38.14
C LEU C 88 50.86 -7.80 -38.92
N ALA C 89 50.92 -8.55 -40.03
CA ALA C 89 52.17 -8.59 -40.82
C ALA C 89 52.57 -7.24 -41.45
N GLN C 90 51.59 -6.35 -41.61
CA GLN C 90 51.89 -5.00 -42.15
C GLN C 90 52.84 -4.18 -41.29
N ALA C 91 52.90 -4.56 -40.04
CA ALA C 91 53.80 -3.94 -39.11
C ALA C 91 55.21 -3.92 -39.67
N PHE C 92 55.52 -4.96 -40.39
CA PHE C 92 56.88 -5.04 -40.94
C PHE C 92 57.08 -4.11 -42.17
N LEU C 93 56.00 -3.61 -42.72
CA LEU C 93 56.16 -2.83 -43.91
C LEU C 93 56.18 -1.40 -43.41
N ILE C 94 55.24 -1.09 -42.52
CA ILE C 94 55.20 0.19 -41.85
C ILE C 94 56.54 0.43 -41.17
N GLY C 95 57.09 -0.60 -40.58
CA GLY C 95 58.36 -0.46 -39.84
C GLY C 95 59.64 -0.77 -40.56
N GLU C 96 59.59 -0.90 -41.88
CA GLU C 96 60.78 -1.35 -42.59
C GLU C 96 61.95 -0.39 -42.31
N SER C 97 61.66 0.82 -42.51
CA SER C 97 62.67 1.83 -42.21
C SER C 97 63.23 1.80 -40.79
N PHE C 98 62.36 1.71 -39.79
CA PHE C 98 62.76 1.69 -38.45
C PHE C 98 63.61 0.48 -38.16
N ILE C 99 63.27 -0.68 -38.77
CA ILE C 99 64.03 -1.88 -38.52
C ILE C 99 65.41 -1.79 -39.14
N GLY C 100 65.49 -1.23 -40.36
CA GLY C 100 66.79 -1.16 -41.03
C GLY C 100 67.30 -2.57 -41.22
N ASN C 101 68.59 -2.80 -40.94
CA ASN C 101 69.19 -4.13 -41.00
C ASN C 101 69.38 -4.77 -39.66
N ASP C 102 68.55 -4.40 -38.70
CA ASP C 102 68.69 -5.00 -37.37
C ASP C 102 67.75 -6.24 -37.12
N LEU C 103 67.91 -6.93 -35.99
CA LEU C 103 66.99 -7.96 -35.57
C LEU C 103 65.80 -7.20 -34.94
N SER C 104 64.70 -7.92 -34.76
CA SER C 104 63.48 -7.33 -34.25
C SER C 104 62.65 -8.28 -33.40
N ALA C 105 61.66 -7.66 -32.78
CA ALA C 105 60.63 -8.26 -32.01
C ALA C 105 59.38 -7.46 -32.10
N LEU C 106 58.27 -8.16 -32.16
CA LEU C 106 56.94 -7.59 -32.28
C LEU C 106 56.11 -8.14 -31.15
N VAL C 107 55.36 -7.28 -30.52
CA VAL C 107 54.40 -7.67 -29.49
C VAL C 107 53.09 -6.97 -29.75
N LEU C 108 52.02 -7.65 -29.48
CA LEU C 108 50.67 -7.09 -29.61
C LEU C 108 50.28 -6.23 -28.42
N GLY C 109 49.68 -5.10 -28.72
CA GLY C 109 49.31 -4.16 -27.69
C GLY C 109 48.32 -4.60 -26.64
N ASP C 110 47.55 -5.65 -26.85
CA ASP C 110 46.63 -6.05 -25.81
C ASP C 110 47.11 -7.39 -25.16
N ASN C 111 48.37 -7.76 -25.34
CA ASN C 111 48.89 -9.01 -24.70
C ASN C 111 49.56 -8.67 -23.32
N LEU C 112 49.01 -9.23 -22.27
CA LEU C 112 49.46 -9.10 -20.88
C LEU C 112 50.07 -10.50 -20.42
N TYR C 113 51.34 -10.51 -20.12
CA TYR C 113 51.98 -11.73 -19.63
C TYR C 113 52.37 -11.47 -18.20
N TYR C 114 52.34 -12.55 -17.41
CA TYR C 114 52.79 -12.48 -16.00
C TYR C 114 53.46 -13.78 -15.62
N GLY C 115 54.57 -13.64 -14.89
CA GLY C 115 55.18 -14.80 -14.26
C GLY C 115 56.63 -14.74 -13.92
N HIS C 116 57.14 -15.89 -13.55
CA HIS C 116 58.49 -16.03 -12.96
C HIS C 116 59.53 -16.31 -13.98
N ASP C 117 60.58 -15.51 -13.92
CA ASP C 117 61.76 -15.58 -14.76
C ASP C 117 61.43 -15.35 -16.25
N PHE C 118 60.69 -14.29 -16.53
CA PHE C 118 60.22 -13.94 -17.85
C PHE C 118 61.53 -13.53 -18.49
N HIS C 119 62.52 -13.23 -17.67
CA HIS C 119 63.80 -12.92 -18.23
C HIS C 119 64.49 -14.01 -18.96
N GLU C 120 64.47 -15.19 -18.37
CA GLU C 120 65.01 -16.35 -18.96
C GLU C 120 64.13 -16.88 -20.09
N LEU C 121 62.81 -16.68 -19.97
CA LEU C 121 61.95 -17.06 -21.04
C LEU C 121 62.31 -16.24 -22.34
N LEU C 122 62.39 -14.95 -22.25
CA LEU C 122 62.63 -14.09 -23.36
C LEU C 122 64.10 -14.25 -23.87
N GLY C 123 65.04 -14.27 -22.90
CA GLY C 123 66.47 -14.24 -23.09
C GLY C 123 66.92 -15.14 -24.17
N SER C 124 66.42 -16.32 -24.10
CA SER C 124 66.78 -17.31 -25.06
C SER C 124 66.35 -16.96 -26.56
N ALA C 125 65.09 -16.62 -26.82
CA ALA C 125 64.73 -16.14 -28.15
C ALA C 125 65.47 -14.89 -28.48
N SER C 126 65.75 -14.13 -27.49
CA SER C 126 66.37 -12.82 -27.70
C SER C 126 67.75 -13.05 -28.32
N GLN C 127 68.39 -14.12 -27.93
CA GLN C 127 69.83 -14.31 -28.24
C GLN C 127 70.06 -14.96 -29.59
N ARG C 128 69.05 -15.65 -30.11
CA ARG C 128 69.12 -16.30 -31.47
C ARG C 128 69.26 -15.29 -32.54
N GLN C 129 70.39 -15.25 -33.25
CA GLN C 129 70.55 -14.24 -34.27
C GLN C 129 70.12 -14.69 -35.66
N THR C 130 69.81 -15.98 -35.86
CA THR C 130 69.20 -16.37 -37.14
C THR C 130 67.86 -17.06 -36.93
N GLY C 131 66.93 -16.85 -37.84
CA GLY C 131 65.70 -17.47 -37.64
C GLY C 131 64.68 -16.62 -36.92
N ALA C 132 63.57 -17.26 -36.55
CA ALA C 132 62.50 -16.63 -35.79
C ALA C 132 62.14 -17.51 -34.56
N SER C 133 61.65 -16.85 -33.52
CA SER C 133 61.13 -17.52 -32.31
C SER C 133 59.73 -17.05 -31.85
N VAL C 134 58.91 -18.01 -31.45
CA VAL C 134 57.55 -17.80 -31.04
C VAL C 134 57.21 -18.64 -29.85
N PHE C 135 56.14 -18.29 -29.16
CA PHE C 135 55.79 -19.00 -27.96
C PHE C 135 54.39 -19.58 -28.05
N ALA C 136 54.23 -20.84 -27.60
CA ALA C 136 53.06 -21.57 -27.62
C ALA C 136 52.56 -21.69 -26.13
N TYR C 137 51.28 -21.51 -25.95
CA TYR C 137 50.55 -21.61 -24.69
C TYR C 137 49.26 -22.34 -24.86
N HIS C 138 49.06 -23.26 -23.96
CA HIS C 138 47.90 -24.09 -23.89
C HIS C 138 46.69 -23.21 -23.45
N VAL C 139 45.71 -23.25 -24.33
CA VAL C 139 44.42 -22.57 -24.20
C VAL C 139 43.15 -23.40 -24.31
N LEU C 140 42.08 -22.91 -23.66
CA LEU C 140 40.76 -23.52 -23.88
C LEU C 140 40.17 -23.44 -25.28
N ASP C 141 40.36 -22.29 -25.94
CA ASP C 141 39.77 -22.01 -27.21
C ASP C 141 40.81 -21.69 -28.34
N PRO C 142 41.57 -22.66 -28.77
CA PRO C 142 42.62 -22.45 -29.79
C PRO C 142 42.22 -21.86 -31.07
N GLU C 143 40.94 -22.13 -31.43
CA GLU C 143 40.39 -21.60 -32.64
C GLU C 143 40.33 -20.07 -32.78
N ARG C 144 40.60 -19.33 -31.73
CA ARG C 144 40.68 -17.90 -31.85
C ARG C 144 42.03 -17.38 -32.23
N TYR C 145 42.99 -18.30 -32.26
CA TYR C 145 44.35 -18.01 -32.53
C TYR C 145 45.02 -18.68 -33.67
N GLY C 146 46.26 -18.26 -33.86
CA GLY C 146 47.22 -19.09 -34.61
C GLY C 146 47.51 -20.28 -33.69
N VAL C 147 47.47 -21.46 -34.26
CA VAL C 147 47.59 -22.68 -33.58
C VAL C 147 48.82 -23.51 -34.11
N VAL C 148 49.59 -24.02 -33.16
CA VAL C 148 50.78 -24.73 -33.52
C VAL C 148 50.62 -26.12 -33.19
N GLU C 149 50.80 -27.00 -34.15
CA GLU C 149 50.72 -28.47 -33.90
C GLU C 149 52.12 -29.04 -33.69
N PHE C 150 52.25 -29.98 -32.82
CA PHE C 150 53.51 -30.63 -32.57
C PHE C 150 53.40 -32.17 -32.81
N ASP C 151 54.44 -32.80 -33.23
CA ASP C 151 54.42 -34.26 -33.42
C ASP C 151 54.68 -34.96 -32.05
N GLN C 152 54.73 -36.29 -32.07
CA GLN C 152 54.89 -37.14 -30.85
C GLN C 152 56.06 -36.78 -30.03
N GLY C 153 57.15 -36.40 -30.63
CA GLY C 153 58.34 -36.05 -29.88
C GLY C 153 58.49 -34.56 -29.61
N GLY C 154 57.43 -33.78 -29.63
CA GLY C 154 57.58 -32.33 -29.37
C GLY C 154 57.98 -31.23 -30.32
N LYS C 155 58.28 -31.57 -31.59
N LYS C 155 58.28 -31.56 -31.57
CA LYS C 155 58.72 -30.57 -32.51
CA LYS C 155 58.71 -30.57 -32.52
C LYS C 155 57.48 -29.92 -33.17
C LYS C 155 57.49 -29.93 -33.19
N ALA C 156 57.51 -28.63 -33.37
CA ALA C 156 56.43 -28.00 -34.09
C ALA C 156 56.47 -28.52 -35.55
N ILE C 157 55.27 -28.84 -36.11
CA ILE C 157 55.12 -29.28 -37.53
C ILE C 157 54.13 -28.52 -38.41
N SER C 158 53.24 -27.76 -37.75
CA SER C 158 52.29 -26.98 -38.54
C SER C 158 51.75 -25.79 -37.80
N LEU C 159 51.43 -24.79 -38.57
CA LEU C 159 50.72 -23.66 -38.13
C LEU C 159 49.47 -23.41 -38.98
N GLU C 160 48.38 -22.96 -38.32
N GLU C 160 48.39 -22.98 -38.31
CA GLU C 160 47.09 -22.64 -38.93
CA GLU C 160 47.10 -22.64 -38.93
C GLU C 160 46.43 -21.50 -38.18
C GLU C 160 46.46 -21.49 -38.17
N GLU C 161 46.09 -20.44 -38.90
CA GLU C 161 45.42 -19.31 -38.34
C GLU C 161 43.88 -19.57 -38.12
N LYS C 162 43.45 -19.44 -36.87
CA LYS C 162 42.04 -19.62 -36.51
C LYS C 162 41.35 -20.85 -37.17
N PRO C 163 41.97 -22.00 -37.03
CA PRO C 163 41.41 -23.22 -37.61
C PRO C 163 40.02 -23.57 -37.07
N LEU C 164 39.09 -23.89 -37.97
CA LEU C 164 37.76 -24.35 -37.57
C LEU C 164 37.98 -25.65 -36.85
N GLU C 165 38.95 -26.40 -37.30
CA GLU C 165 39.24 -27.62 -36.61
C GLU C 165 40.70 -27.68 -36.05
N PRO C 166 40.95 -27.01 -34.94
CA PRO C 166 42.33 -26.93 -34.41
C PRO C 166 42.97 -28.28 -34.18
N LYS C 167 44.26 -28.37 -34.48
CA LYS C 167 44.97 -29.64 -34.39
C LYS C 167 45.56 -29.84 -33.01
N SER C 168 45.54 -28.80 -32.24
CA SER C 168 46.04 -28.89 -30.85
C SER C 168 45.45 -27.81 -30.07
N ASN C 169 45.76 -27.74 -28.79
CA ASN C 169 45.26 -26.65 -27.97
C ASN C 169 46.37 -25.57 -27.74
N TYR C 170 47.44 -25.59 -28.51
CA TYR C 170 48.50 -24.59 -28.34
C TYR C 170 48.31 -23.44 -29.26
N ALA C 171 48.07 -22.26 -28.64
CA ALA C 171 48.07 -20.98 -29.39
C ALA C 171 49.39 -20.31 -29.44
N VAL C 172 49.64 -19.63 -30.57
CA VAL C 172 50.81 -18.86 -30.70
C VAL C 172 50.51 -17.52 -30.06
N THR C 173 51.25 -17.09 -29.07
CA THR C 173 50.98 -15.83 -28.36
C THR C 173 51.39 -14.62 -29.16
N GLY C 174 51.07 -13.45 -28.68
CA GLY C 174 51.32 -12.22 -29.44
C GLY C 174 52.69 -11.62 -29.23
N LEU C 175 53.76 -12.41 -29.22
CA LEU C 175 55.13 -11.97 -28.98
C LEU C 175 56.08 -12.80 -29.85
N TYR C 176 56.77 -12.13 -30.74
CA TYR C 176 57.51 -12.82 -31.77
C TYR C 176 58.89 -12.14 -31.97
N PHE C 177 59.91 -12.92 -32.21
CA PHE C 177 61.23 -12.47 -32.40
C PHE C 177 61.64 -12.89 -33.86
N TYR C 178 62.23 -11.95 -34.55
CA TYR C 178 62.71 -12.17 -35.91
C TYR C 178 64.17 -11.72 -36.23
N ASP C 179 64.69 -12.41 -37.21
CA ASP C 179 65.97 -11.96 -37.78
C ASP C 179 65.81 -10.98 -38.88
N GLN C 180 66.91 -10.70 -39.63
CA GLN C 180 66.88 -9.75 -40.70
C GLN C 180 66.03 -10.11 -41.91
N GLN C 181 65.61 -11.36 -41.98
CA GLN C 181 64.74 -11.83 -43.10
C GLN C 181 63.31 -11.35 -43.04
N VAL C 182 62.80 -10.95 -41.85
CA VAL C 182 61.40 -10.77 -41.74
C VAL C 182 60.82 -9.73 -42.69
N VAL C 183 61.48 -8.62 -42.85
CA VAL C 183 60.88 -7.64 -43.75
C VAL C 183 60.67 -8.12 -45.26
N ASP C 184 61.65 -8.82 -45.84
CA ASP C 184 61.52 -9.42 -47.20
C ASP C 184 60.48 -10.51 -47.29
N ILE C 185 60.32 -11.27 -46.19
CA ILE C 185 59.29 -12.24 -46.14
C ILE C 185 57.96 -11.51 -46.13
N ALA C 186 57.82 -10.45 -45.34
CA ALA C 186 56.55 -9.75 -45.35
C ALA C 186 56.21 -9.10 -46.73
N ARG C 187 57.24 -8.76 -47.48
CA ARG C 187 57.10 -8.02 -48.73
C ARG C 187 56.43 -8.87 -49.73
N ASP C 188 56.76 -10.14 -49.68
CA ASP C 188 56.18 -11.07 -50.56
C ASP C 188 54.80 -11.56 -50.17
N LEU C 189 54.29 -11.24 -48.99
CA LEU C 189 52.98 -11.81 -48.65
C LEU C 189 51.76 -11.29 -49.45
N LYS C 190 50.81 -12.17 -49.75
CA LYS C 190 49.52 -11.72 -50.33
C LYS C 190 48.44 -11.90 -49.25
N PRO C 191 47.48 -11.00 -49.20
CA PRO C 191 46.47 -11.11 -48.16
C PRO C 191 45.78 -12.43 -48.24
N SER C 192 45.50 -12.97 -47.05
CA SER C 192 44.71 -14.17 -46.90
C SER C 192 43.28 -13.93 -47.49
N PRO C 193 42.41 -14.94 -47.39
CA PRO C 193 41.01 -14.80 -47.83
C PRO C 193 40.30 -13.75 -47.01
N ARG C 194 40.44 -13.84 -45.69
CA ARG C 194 39.75 -12.96 -44.77
C ARG C 194 40.27 -11.53 -44.87
N GLY C 195 40.98 -11.23 -45.98
CA GLY C 195 41.51 -9.88 -46.22
C GLY C 195 42.72 -9.36 -45.41
N GLU C 196 43.55 -10.25 -44.84
CA GLU C 196 44.65 -9.81 -43.98
C GLU C 196 46.04 -10.37 -44.35
N LEU C 197 47.02 -9.52 -44.13
CA LEU C 197 48.40 -9.91 -44.26
C LEU C 197 48.77 -10.59 -42.88
N GLU C 198 48.80 -11.91 -42.87
CA GLU C 198 48.86 -12.74 -41.65
C GLU C 198 50.24 -12.87 -41.04
N ILE C 199 50.36 -12.62 -39.71
CA ILE C 199 51.60 -12.92 -39.02
C ILE C 199 51.80 -14.47 -39.09
N THR C 200 50.72 -15.26 -39.07
CA THR C 200 50.88 -16.72 -39.14
C THR C 200 51.61 -17.05 -40.45
N ASP C 201 51.34 -16.29 -41.49
CA ASP C 201 52.03 -16.58 -42.79
C ASP C 201 53.60 -16.31 -42.74
N VAL C 202 54.01 -15.24 -42.10
CA VAL C 202 55.40 -15.00 -41.83
C VAL C 202 56.03 -16.15 -41.05
N ASN C 203 55.40 -16.49 -39.93
CA ASN C 203 55.92 -17.55 -39.10
C ASN C 203 56.01 -18.85 -39.90
N ARG C 204 55.05 -19.14 -40.69
CA ARG C 204 55.13 -20.42 -41.48
C ARG C 204 56.28 -20.36 -42.54
N ALA C 205 56.67 -19.19 -42.99
CA ALA C 205 57.63 -19.06 -44.00
C ALA C 205 58.96 -19.47 -43.35
N TYR C 206 59.21 -19.02 -42.09
CA TYR C 206 60.32 -19.54 -41.38
C TYR C 206 60.25 -21.04 -41.08
N LEU C 207 59.13 -21.47 -40.56
CA LEU C 207 58.93 -22.92 -40.28
C LEU C 207 59.33 -23.83 -41.58
N GLU C 208 58.85 -23.44 -42.77
CA GLU C 208 59.04 -24.23 -44.05
C GLU C 208 60.52 -24.18 -44.49
N ARG C 209 61.29 -23.24 -43.90
CA ARG C 209 62.76 -23.26 -44.05
C ARG C 209 63.48 -23.95 -42.88
N GLY C 210 62.76 -24.49 -41.89
CA GLY C 210 63.37 -25.13 -40.73
C GLY C 210 64.05 -24.09 -39.82
N GLN C 211 63.52 -22.91 -39.79
CA GLN C 211 64.13 -21.79 -39.09
C GLN C 211 63.18 -21.21 -38.02
N LEU C 212 62.15 -21.96 -37.65
CA LEU C 212 61.20 -21.42 -36.68
C LEU C 212 61.39 -22.19 -35.37
N SER C 213 61.73 -21.47 -34.31
N SER C 213 61.73 -21.47 -34.31
CA SER C 213 61.83 -22.11 -33.04
CA SER C 213 61.83 -22.11 -33.04
C SER C 213 60.49 -21.83 -32.31
C SER C 213 60.49 -21.83 -32.31
N VAL C 214 59.95 -22.86 -31.74
CA VAL C 214 58.68 -22.74 -31.01
C VAL C 214 58.95 -23.07 -29.60
N GLU C 215 58.98 -22.07 -28.70
CA GLU C 215 59.18 -22.30 -27.25
C GLU C 215 57.84 -22.42 -26.48
N ILE C 216 57.78 -23.34 -25.51
CA ILE C 216 56.57 -23.49 -24.68
C ILE C 216 56.54 -22.46 -23.58
N MET C 217 55.48 -21.68 -23.52
CA MET C 217 55.27 -20.83 -22.40
C MET C 217 54.36 -21.66 -21.47
N GLY C 218 54.93 -22.00 -20.38
CA GLY C 218 54.40 -23.04 -19.51
C GLY C 218 53.11 -22.53 -18.80
N ARG C 219 52.43 -23.46 -18.21
CA ARG C 219 51.12 -23.13 -17.54
C ARG C 219 51.33 -22.40 -16.25
N GLY C 220 52.55 -22.33 -15.77
CA GLY C 220 52.87 -21.53 -14.59
C GLY C 220 52.92 -20.00 -14.91
N TYR C 221 52.91 -19.68 -16.16
CA TYR C 221 52.73 -18.26 -16.67
C TYR C 221 51.28 -18.03 -17.04
N ALA C 222 50.85 -16.83 -16.79
CA ALA C 222 49.56 -16.29 -17.23
C ALA C 222 49.66 -15.39 -18.40
N TRP C 223 49.04 -15.85 -19.50
CA TRP C 223 48.96 -15.05 -20.70
C TRP C 223 47.51 -14.62 -20.79
N LEU C 224 47.24 -13.32 -20.65
CA LEU C 224 45.86 -12.81 -20.81
C LEU C 224 45.72 -11.85 -22.00
N ASP C 225 44.59 -11.82 -22.64
CA ASP C 225 44.47 -10.70 -23.64
C ASP C 225 43.18 -10.03 -23.31
N THR C 226 43.08 -8.77 -23.75
CA THR C 226 42.01 -8.01 -23.32
C THR C 226 40.90 -7.98 -24.44
N GLY C 227 40.66 -9.16 -25.05
CA GLY C 227 39.75 -9.33 -26.20
C GLY C 227 38.38 -8.68 -26.05
N THR C 228 37.71 -9.03 -24.94
CA THR C 228 36.35 -8.72 -24.65
C THR C 228 36.10 -8.02 -23.31
N HIS C 229 34.90 -7.54 -23.15
CA HIS C 229 34.54 -6.90 -21.92
C HIS C 229 34.82 -7.84 -20.71
N ASP C 230 34.48 -9.13 -20.86
CA ASP C 230 34.58 -10.10 -19.79
C ASP C 230 36.06 -10.38 -19.53
N SER C 231 36.89 -10.41 -20.55
CA SER C 231 38.31 -10.72 -20.43
C SER C 231 39.07 -9.54 -19.76
N LEU C 232 38.69 -8.29 -20.08
CA LEU C 232 39.32 -7.12 -19.49
C LEU C 232 39.06 -7.12 -17.98
N LEU C 233 37.80 -7.34 -17.57
CA LEU C 233 37.50 -7.48 -16.20
C LEU C 233 38.38 -8.57 -15.43
N GLU C 234 38.43 -9.78 -15.94
CA GLU C 234 39.30 -10.81 -15.39
C GLU C 234 40.74 -10.38 -15.37
N ALA C 235 41.21 -9.60 -16.34
CA ALA C 235 42.60 -9.26 -16.37
C ALA C 235 42.86 -8.24 -15.19
N GLY C 236 41.91 -7.32 -15.02
CA GLY C 236 41.90 -6.34 -13.94
C GLY C 236 41.87 -6.97 -12.54
N GLN C 237 40.98 -7.96 -12.30
N GLN C 237 40.96 -7.94 -12.31
CA GLN C 237 40.85 -8.63 -11.02
CA GLN C 237 40.85 -8.63 -11.03
C GLN C 237 42.15 -9.37 -10.82
C GLN C 237 42.14 -9.37 -10.82
N PHE C 238 42.71 -9.88 -11.89
CA PHE C 238 43.98 -10.71 -11.72
C PHE C 238 45.16 -9.85 -11.29
N ILE C 239 45.30 -8.70 -11.88
CA ILE C 239 46.40 -7.77 -11.54
C ILE C 239 46.19 -7.19 -10.11
N ALA C 240 44.96 -6.90 -9.77
CA ALA C 240 44.60 -6.34 -8.48
C ALA C 240 44.92 -7.27 -7.35
N THR C 241 44.64 -8.53 -7.55
CA THR C 241 44.88 -9.51 -6.50
C THR C 241 46.35 -9.70 -6.32
N LEU C 242 47.12 -9.86 -7.38
CA LEU C 242 48.59 -9.89 -7.17
C LEU C 242 49.17 -8.61 -6.52
N GLU C 243 48.78 -7.47 -7.02
CA GLU C 243 49.37 -6.20 -6.56
C GLU C 243 49.06 -5.93 -5.05
N ASN C 244 47.81 -6.17 -4.67
CA ASN C 244 47.44 -5.97 -3.38
C ASN C 244 47.99 -6.99 -2.40
N ARG C 245 48.27 -8.18 -2.83
CA ARG C 245 48.86 -9.17 -1.96
C ARG C 245 50.31 -8.87 -1.71
N GLN C 246 50.99 -8.46 -2.76
CA GLN C 246 52.46 -8.30 -2.75
C GLN C 246 52.86 -6.90 -2.26
N GLY C 247 51.95 -5.94 -2.43
CA GLY C 247 52.37 -4.53 -2.33
C GLY C 247 53.43 -4.16 -3.36
N LEU C 248 53.48 -4.85 -4.48
CA LEU C 248 54.40 -4.56 -5.58
C LEU C 248 53.52 -4.42 -6.86
N LYS C 249 54.00 -3.71 -7.89
CA LYS C 249 53.21 -3.59 -9.09
C LYS C 249 53.69 -4.54 -10.15
N VAL C 250 52.79 -4.96 -11.01
CA VAL C 250 53.15 -5.67 -12.25
C VAL C 250 53.31 -4.82 -13.41
N ALA C 251 54.44 -4.96 -14.15
CA ALA C 251 54.54 -4.18 -15.41
C ALA C 251 54.58 -2.68 -15.17
N CYS C 252 55.34 -2.21 -14.19
CA CYS C 252 55.53 -0.74 -14.02
C CYS C 252 56.80 -0.40 -14.78
N PRO C 253 56.70 0.32 -15.89
CA PRO C 253 57.88 0.62 -16.69
C PRO C 253 58.96 1.42 -15.96
N GLU C 254 58.57 2.38 -15.13
CA GLU C 254 59.61 3.16 -14.41
C GLU C 254 60.47 2.28 -13.57
N GLU C 255 59.83 1.36 -12.84
CA GLU C 255 60.54 0.38 -11.99
C GLU C 255 61.50 -0.47 -12.81
N ILE C 256 61.08 -1.01 -13.96
CA ILE C 256 61.91 -1.81 -14.81
C ILE C 256 63.12 -1.10 -15.35
N ALA C 257 62.91 0.12 -15.79
CA ALA C 257 64.00 0.90 -16.33
C ALA C 257 65.10 1.18 -15.23
N TYR C 258 64.63 1.30 -14.00
CA TYR C 258 65.44 1.56 -12.84
C TYR C 258 66.17 0.29 -12.46
N ARG C 259 65.45 -0.84 -12.48
CA ARG C 259 66.13 -2.12 -12.14
C ARG C 259 67.23 -2.50 -13.16
N GLN C 260 67.01 -2.06 -14.41
CA GLN C 260 67.89 -2.34 -15.53
C GLN C 260 69.03 -1.29 -15.67
N LYS C 261 69.06 -0.30 -14.77
CA LYS C 261 70.06 0.75 -14.90
C LYS C 261 69.84 1.59 -16.15
N TRP C 262 68.63 1.66 -16.61
CA TRP C 262 68.42 2.54 -17.77
C TRP C 262 68.20 4.00 -17.31
N ILE C 263 67.74 4.18 -16.08
CA ILE C 263 67.61 5.51 -15.46
C ILE C 263 68.20 5.35 -14.05
N ASP C 264 68.54 6.45 -13.40
CA ASP C 264 69.13 6.30 -12.06
C ASP C 264 68.17 6.83 -11.01
N ALA C 265 68.56 6.69 -9.73
CA ALA C 265 67.81 7.06 -8.57
C ALA C 265 67.29 8.44 -8.80
N ALA C 266 68.17 9.27 -9.27
CA ALA C 266 67.84 10.65 -9.42
C ALA C 266 66.78 10.87 -10.45
N GLN C 267 66.90 10.12 -11.56
CA GLN C 267 65.92 10.19 -12.66
C GLN C 267 64.56 9.70 -12.13
N LEU C 268 64.57 8.68 -11.32
CA LEU C 268 63.32 8.06 -10.85
C LEU C 268 62.60 8.99 -9.88
N GLU C 269 63.38 9.67 -9.08
CA GLU C 269 62.80 10.60 -8.10
C GLU C 269 62.09 11.74 -8.82
N LYS C 270 62.65 12.18 -9.92
CA LYS C 270 61.99 13.18 -10.77
C LYS C 270 60.66 12.67 -11.34
N LEU C 271 60.55 11.34 -11.59
CA LEU C 271 59.31 10.77 -12.13
C LEU C 271 58.28 10.65 -11.07
N ALA C 272 58.74 10.36 -9.89
CA ALA C 272 57.89 10.19 -8.71
C ALA C 272 57.20 11.50 -8.25
N ALA C 273 57.93 12.58 -8.27
CA ALA C 273 57.42 13.88 -7.72
C ALA C 273 55.98 14.28 -8.12
N PRO C 274 55.72 14.40 -9.42
CA PRO C 274 54.41 14.76 -9.90
C PRO C 274 53.34 13.74 -9.72
N LEU C 275 53.71 12.58 -9.19
CA LEU C 275 52.75 11.53 -8.91
C LEU C 275 52.65 11.38 -7.38
N ALA C 276 53.33 12.28 -6.67
CA ALA C 276 53.49 12.10 -5.26
C ALA C 276 52.19 12.02 -4.46
N LYS C 277 51.12 12.61 -4.98
CA LYS C 277 49.86 12.61 -4.24
C LYS C 277 49.16 11.22 -4.30
N ASN C 278 49.40 10.48 -5.37
CA ASN C 278 48.81 9.17 -5.49
C ASN C 278 49.72 7.99 -5.23
N GLY C 279 49.06 6.83 -5.16
CA GLY C 279 49.68 5.55 -4.95
C GLY C 279 50.75 5.23 -5.95
N TYR C 280 50.69 5.70 -7.19
CA TYR C 280 51.73 5.26 -8.19
C TYR C 280 53.01 6.02 -7.90
N GLY C 281 52.89 7.32 -7.67
CA GLY C 281 53.97 8.09 -7.18
C GLY C 281 54.57 7.59 -5.89
N GLN C 282 53.74 7.25 -4.92
CA GLN C 282 54.21 6.73 -3.63
C GLN C 282 55.03 5.43 -3.82
N TYR C 283 54.54 4.62 -4.75
CA TYR C 283 55.26 3.38 -5.09
C TYR C 283 56.68 3.65 -5.59
N LEU C 284 56.77 4.50 -6.55
CA LEU C 284 58.03 4.78 -7.16
C LEU C 284 59.00 5.30 -6.13
N LYS C 285 58.47 6.01 -5.15
CA LYS C 285 59.36 6.62 -4.17
C LYS C 285 59.86 5.50 -3.28
N ARG C 286 58.95 4.66 -2.83
CA ARG C 286 59.42 3.52 -2.02
C ARG C 286 60.52 2.71 -2.69
N LEU C 287 60.54 2.65 -4.02
CA LEU C 287 61.54 1.88 -4.70
C LEU C 287 63.00 2.30 -4.59
N LEU C 288 63.21 3.56 -4.28
CA LEU C 288 64.59 4.00 -4.10
C LEU C 288 65.14 3.63 -2.73
N THR C 289 64.26 3.35 -1.75
CA THR C 289 64.74 2.96 -0.42
C THR C 289 64.55 1.49 0.02
N GLU C 290 63.91 0.67 -0.78
CA GLU C 290 63.66 -0.69 -0.45
C GLU C 290 64.35 -1.63 -1.39
N THR C 291 65.03 -2.64 -0.85
CA THR C 291 65.51 -3.71 -1.67
C THR C 291 64.37 -4.76 -1.91
N VAL C 292 64.15 -5.06 -3.14
CA VAL C 292 63.12 -5.99 -3.61
C VAL C 292 63.85 -7.01 -4.49
N TYR C 293 63.84 -8.27 -4.10
CA TYR C 293 64.55 -9.28 -4.78
C TYR C 293 63.84 -9.76 -6.07
N LYS D 2 8.69 21.72 -15.90
CA LYS D 2 9.97 21.36 -16.62
C LYS D 2 11.24 21.22 -15.67
N ARG D 3 11.78 20.03 -15.45
CA ARG D 3 13.06 19.97 -14.81
C ARG D 3 14.21 19.75 -15.78
N LYS D 4 15.21 20.57 -15.71
CA LYS D 4 16.34 20.46 -16.58
C LYS D 4 17.37 19.70 -15.80
N GLY D 5 18.30 19.06 -16.46
CA GLY D 5 19.27 18.30 -15.77
C GLY D 5 20.68 18.70 -16.00
N ILE D 6 21.52 18.53 -14.98
CA ILE D 6 22.92 18.75 -15.13
C ILE D 6 23.69 17.53 -14.72
N ILE D 7 24.64 17.16 -15.55
CA ILE D 7 25.59 16.14 -15.18
C ILE D 7 26.92 16.79 -14.95
N LEU D 8 27.55 16.58 -13.81
CA LEU D 8 28.86 17.16 -13.58
C LEU D 8 29.91 16.10 -13.59
N ALA D 9 30.75 16.18 -14.61
CA ALA D 9 31.73 15.23 -14.85
C ALA D 9 33.06 15.83 -14.84
N GLY D 10 33.38 16.56 -13.83
CA GLY D 10 34.66 17.19 -13.83
C GLY D 10 35.53 16.29 -13.01
N GLY D 11 36.33 16.90 -12.15
CA GLY D 11 37.13 16.17 -11.16
C GLY D 11 38.63 16.07 -11.41
N SER D 12 39.40 16.59 -10.44
CA SER D 12 40.87 16.51 -10.40
C SER D 12 41.39 15.11 -10.81
N GLY D 13 42.20 15.06 -11.87
CA GLY D 13 42.71 13.80 -12.41
C GLY D 13 43.78 13.03 -11.62
N THR D 14 44.83 13.73 -11.15
CA THR D 14 46.00 13.16 -10.44
C THR D 14 45.81 11.78 -9.76
N ARG D 15 44.85 11.68 -8.84
CA ARG D 15 44.62 10.45 -8.09
C ARG D 15 44.92 9.23 -8.95
N LEU D 16 44.07 9.04 -9.97
CA LEU D 16 44.05 7.86 -10.88
C LEU D 16 45.14 7.80 -11.98
N HIS D 17 46.02 8.77 -12.06
CA HIS D 17 47.10 8.71 -13.03
C HIS D 17 48.05 7.66 -12.52
N PRO D 18 48.76 6.98 -13.40
CA PRO D 18 48.68 7.17 -14.85
C PRO D 18 47.52 6.50 -15.56
N ALA D 19 46.76 5.63 -14.89
CA ALA D 19 45.60 4.93 -15.51
C ALA D 19 44.68 5.82 -16.36
N THR D 20 44.39 7.02 -15.87
CA THR D 20 43.56 7.93 -16.60
C THR D 20 44.37 9.04 -17.28
N LEU D 21 45.64 8.81 -17.59
CA LEU D 21 46.44 9.81 -18.23
C LEU D 21 45.91 10.02 -19.64
N ALA D 22 45.50 8.90 -20.26
CA ALA D 22 45.00 8.96 -21.64
C ALA D 22 43.53 9.38 -21.63
N ILE D 23 42.80 8.85 -20.63
CA ILE D 23 41.37 9.11 -20.49
C ILE D 23 40.81 9.32 -19.11
N SER D 24 40.15 10.47 -18.98
CA SER D 24 39.34 10.85 -17.84
C SER D 24 38.43 9.69 -17.41
N LYS D 25 38.20 9.65 -16.10
CA LYS D 25 37.52 8.58 -15.39
C LYS D 25 36.11 8.40 -15.88
N GLN D 26 35.34 9.49 -16.07
CA GLN D 26 33.99 9.33 -16.51
C GLN D 26 33.87 8.94 -17.99
N LEU D 27 34.99 8.95 -18.70
CA LEU D 27 35.05 8.39 -19.99
C LEU D 27 35.39 6.90 -19.98
N LEU D 28 35.98 6.34 -18.93
CA LEU D 28 36.23 4.89 -18.85
C LEU D 28 34.95 4.00 -18.92
N PRO D 29 35.00 2.82 -19.50
CA PRO D 29 33.86 1.90 -19.36
C PRO D 29 33.62 1.29 -18.00
N VAL D 30 32.34 1.19 -17.65
CA VAL D 30 31.98 0.35 -16.56
C VAL D 30 31.41 -0.91 -17.19
N TYR D 31 32.28 -1.91 -17.32
CA TYR D 31 31.95 -3.19 -17.96
C TYR D 31 31.84 -3.11 -19.43
N ASP D 32 30.71 -2.67 -20.03
CA ASP D 32 30.46 -2.70 -21.45
C ASP D 32 29.93 -1.41 -22.02
N LYS D 33 30.04 -0.31 -21.26
CA LYS D 33 29.50 0.99 -21.70
C LYS D 33 30.14 2.11 -20.92
N PRO D 34 30.27 3.26 -21.57
CA PRO D 34 30.88 4.42 -20.96
C PRO D 34 30.25 4.76 -19.60
N MET D 35 31.09 5.20 -18.66
CA MET D 35 30.62 5.54 -17.32
C MET D 35 29.48 6.56 -17.31
N ILE D 36 29.55 7.53 -18.20
CA ILE D 36 28.55 8.58 -18.31
C ILE D 36 27.20 8.09 -18.68
N TYR D 37 27.11 6.94 -19.31
CA TYR D 37 25.81 6.42 -19.67
C TYR D 37 24.98 6.18 -18.39
N TYR D 38 25.62 5.89 -17.27
CA TYR D 38 24.89 5.52 -16.04
C TYR D 38 24.18 6.69 -15.42
N PRO D 39 24.87 7.76 -15.06
CA PRO D 39 24.15 8.96 -14.60
C PRO D 39 23.26 9.57 -15.67
N LEU D 40 23.64 9.48 -16.97
CA LEU D 40 22.68 9.96 -18.02
C LEU D 40 21.32 9.16 -17.93
N SER D 41 21.40 7.84 -17.80
CA SER D 41 20.27 7.03 -17.75
C SER D 41 19.43 7.30 -16.43
N THR D 42 20.07 7.71 -15.36
CA THR D 42 19.35 8.08 -14.10
C THR D 42 18.49 9.30 -14.39
N LEU D 43 19.06 10.32 -15.03
CA LEU D 43 18.24 11.45 -15.39
C LEU D 43 17.08 11.13 -16.34
N MET D 44 17.37 10.26 -17.33
CA MET D 44 16.35 9.85 -18.26
C MET D 44 15.20 9.17 -17.51
N LEU D 45 15.54 8.23 -16.58
CA LEU D 45 14.61 7.56 -15.74
C LEU D 45 13.82 8.51 -14.93
N ALA D 46 14.37 9.65 -14.58
CA ALA D 46 13.67 10.63 -13.82
C ALA D 46 12.74 11.43 -14.77
N GLY D 47 12.73 11.08 -16.04
CA GLY D 47 11.92 11.79 -17.03
C GLY D 47 12.53 13.11 -17.56
N ILE D 48 13.85 13.26 -17.42
CA ILE D 48 14.51 14.47 -17.87
C ILE D 48 15.22 14.29 -19.23
N ARG D 49 14.89 15.13 -20.19
CA ARG D 49 15.34 15.06 -21.58
C ARG D 49 16.32 16.13 -21.99
N GLU D 50 16.32 17.21 -21.23
CA GLU D 50 17.19 18.35 -21.53
C GLU D 50 18.25 18.45 -20.46
N ILE D 51 19.45 18.20 -20.87
CA ILE D 51 20.50 18.03 -19.98
C ILE D 51 21.73 18.74 -20.40
N LEU D 52 22.38 19.34 -19.42
CA LEU D 52 23.70 20.00 -19.53
C LEU D 52 24.82 19.19 -18.91
N ILE D 53 25.86 18.92 -19.70
CA ILE D 53 27.04 18.16 -19.35
C ILE D 53 28.24 19.15 -19.22
N ILE D 54 28.75 19.24 -18.01
CA ILE D 54 29.83 20.09 -17.58
C ILE D 54 30.98 19.26 -17.27
N SER D 55 32.01 19.51 -18.07
CA SER D 55 33.26 18.82 -17.87
C SER D 55 34.45 19.78 -17.93
N THR D 56 35.65 19.25 -18.04
CA THR D 56 36.87 20.07 -18.09
C THR D 56 37.04 20.52 -19.50
N PRO D 57 37.95 21.46 -19.74
CA PRO D 57 38.25 21.93 -21.08
C PRO D 57 38.69 20.79 -21.92
N GLN D 58 39.48 19.90 -21.35
CA GLN D 58 39.99 18.77 -22.09
C GLN D 58 38.95 17.69 -22.31
N ASP D 59 38.05 17.46 -21.36
CA ASP D 59 37.09 16.31 -21.52
C ASP D 59 35.76 16.67 -22.25
N THR D 60 35.39 17.95 -22.22
CA THR D 60 34.20 18.40 -22.91
C THR D 60 34.11 18.02 -24.32
N PRO D 61 35.16 18.22 -25.07
CA PRO D 61 35.05 17.83 -26.49
C PRO D 61 34.84 16.31 -26.66
N ARG D 62 35.38 15.55 -25.73
CA ARG D 62 35.22 14.09 -25.80
C ARG D 62 33.77 13.69 -25.52
N PHE D 63 33.19 14.27 -24.49
CA PHE D 63 31.81 13.92 -24.22
C PHE D 63 30.98 14.27 -25.46
N GLN D 64 31.21 15.47 -26.00
CA GLN D 64 30.50 15.77 -27.29
C GLN D 64 30.72 14.80 -28.40
N GLN D 65 31.90 14.27 -28.50
CA GLN D 65 32.22 13.34 -29.61
C GLN D 65 31.48 12.06 -29.41
N LEU D 66 31.34 11.68 -28.13
CA LEU D 66 30.68 10.46 -27.80
C LEU D 66 29.16 10.58 -27.92
N LEU D 67 28.61 11.68 -27.45
CA LEU D 67 27.18 11.80 -27.25
C LEU D 67 26.43 12.71 -28.19
N GLY D 68 27.12 13.63 -28.88
CA GLY D 68 26.46 14.49 -29.86
C GLY D 68 25.52 15.48 -29.18
N ASP D 69 24.45 15.78 -29.88
CA ASP D 69 23.49 16.72 -29.35
C ASP D 69 22.29 16.08 -28.71
N GLY D 70 22.26 14.76 -28.74
CA GLY D 70 21.23 14.00 -28.09
C GLY D 70 20.03 13.58 -28.88
N SER D 71 19.91 14.13 -30.07
CA SER D 71 18.67 13.96 -30.83
C SER D 71 18.48 12.50 -31.26
N ASN D 72 19.56 11.80 -31.50
CA ASN D 72 19.45 10.40 -31.82
C ASN D 72 18.69 9.63 -30.75
N TRP D 73 18.82 10.09 -29.52
CA TRP D 73 18.11 9.51 -28.40
C TRP D 73 16.92 10.24 -27.87
N GLY D 74 16.36 11.18 -28.64
CA GLY D 74 15.22 11.96 -28.15
C GLY D 74 15.54 12.96 -27.03
N LEU D 75 16.79 13.34 -26.97
CA LEU D 75 17.30 14.14 -25.89
C LEU D 75 17.77 15.44 -26.45
N ASP D 76 17.85 16.47 -25.59
CA ASP D 76 18.53 17.69 -25.90
C ASP D 76 19.67 17.90 -24.95
N LEU D 77 20.87 17.61 -25.45
CA LEU D 77 22.12 17.75 -24.70
C LEU D 77 22.92 19.02 -25.05
N GLN D 78 23.28 19.72 -24.01
CA GLN D 78 24.10 20.93 -24.16
C GLN D 78 25.39 20.70 -23.41
N TYR D 79 26.42 21.44 -23.73
CA TYR D 79 27.67 21.34 -23.09
C TYR D 79 28.14 22.70 -22.50
N ALA D 80 28.87 22.60 -21.40
CA ALA D 80 29.60 23.75 -20.81
C ALA D 80 30.85 23.24 -20.15
N VAL D 81 31.80 24.16 -19.96
CA VAL D 81 33.13 23.87 -19.40
C VAL D 81 33.36 24.43 -17.99
N GLN D 82 34.00 23.65 -17.13
CA GLN D 82 34.46 24.15 -15.83
C GLN D 82 35.99 24.28 -15.90
N PRO D 83 36.49 25.49 -16.07
CA PRO D 83 37.95 25.70 -16.22
C PRO D 83 38.82 25.18 -15.15
N SER D 84 38.31 25.09 -13.93
CA SER D 84 39.08 24.63 -12.80
C SER D 84 38.17 23.96 -11.76
N PRO D 85 38.69 22.92 -11.09
CA PRO D 85 37.91 22.15 -10.13
C PRO D 85 37.79 22.80 -8.76
N ASP D 86 36.86 23.74 -8.69
CA ASP D 86 36.66 24.54 -7.52
C ASP D 86 35.33 24.28 -6.81
N GLY D 87 34.81 23.06 -6.95
CA GLY D 87 33.61 22.67 -6.23
C GLY D 87 32.39 22.40 -7.04
N LEU D 88 31.63 21.45 -6.59
CA LEU D 88 30.52 21.05 -7.35
C LEU D 88 29.50 22.15 -7.41
N ALA D 89 29.44 23.05 -6.43
CA ALA D 89 28.40 24.06 -6.50
C ALA D 89 28.50 25.02 -7.70
N GLN D 90 29.66 24.99 -8.35
CA GLN D 90 29.94 25.86 -9.49
C GLN D 90 29.01 25.54 -10.64
N ALA D 91 28.59 24.31 -10.75
CA ALA D 91 27.66 23.89 -11.78
C ALA D 91 26.46 24.83 -11.89
N PHE D 92 25.99 25.36 -10.77
CA PHE D 92 24.85 26.23 -10.84
C PHE D 92 25.18 27.63 -11.39
N LEU D 93 26.45 28.02 -11.38
CA LEU D 93 26.86 29.35 -11.92
C LEU D 93 27.13 29.20 -13.36
N ILE D 94 27.80 28.11 -13.69
CA ILE D 94 28.04 27.77 -15.11
C ILE D 94 26.73 27.44 -15.78
N GLY D 95 25.80 26.79 -15.08
CA GLY D 95 24.54 26.42 -15.64
C GLY D 95 23.40 27.39 -15.45
N GLU D 96 23.65 28.59 -14.91
CA GLU D 96 22.58 29.56 -14.69
C GLU D 96 21.66 29.81 -15.89
N SER D 97 22.25 30.11 -17.04
CA SER D 97 21.42 30.43 -18.21
C SER D 97 20.72 29.19 -18.68
N PHE D 98 21.40 28.05 -18.70
CA PHE D 98 20.71 26.78 -19.10
C PHE D 98 19.49 26.55 -18.18
N ILE D 99 19.66 26.74 -16.89
CA ILE D 99 18.59 26.49 -15.98
C ILE D 99 17.42 27.45 -16.20
N GLY D 100 17.76 28.73 -16.36
CA GLY D 100 16.76 29.81 -16.58
C GLY D 100 15.85 29.92 -15.35
N ASN D 101 14.57 29.75 -15.55
CA ASN D 101 13.62 29.85 -14.47
C ASN D 101 13.02 28.46 -14.20
N ASP D 102 13.74 27.39 -14.46
CA ASP D 102 13.03 26.10 -14.27
C ASP D 102 13.55 25.38 -13.04
N LEU D 103 12.92 24.28 -12.70
CA LEU D 103 13.44 23.32 -11.74
C LEU D 103 14.66 22.64 -12.27
N SER D 104 15.39 22.00 -11.37
CA SER D 104 16.54 21.27 -11.81
C SER D 104 16.86 20.05 -11.06
N ALA D 105 17.85 19.35 -11.62
CA ALA D 105 18.42 18.13 -11.07
C ALA D 105 19.85 18.08 -11.54
N LEU D 106 20.70 17.74 -10.58
CA LEU D 106 22.11 17.57 -10.76
C LEU D 106 22.52 16.12 -10.39
N VAL D 107 23.35 15.56 -11.23
CA VAL D 107 23.91 14.33 -10.85
C VAL D 107 25.35 14.33 -11.14
N LEU D 108 26.08 13.62 -10.32
CA LEU D 108 27.49 13.51 -10.49
C LEU D 108 27.85 12.43 -11.48
N GLY D 109 28.85 12.70 -12.32
CA GLY D 109 29.13 11.84 -13.45
C GLY D 109 29.69 10.46 -13.19
N ASP D 110 30.20 10.22 -11.99
CA ASP D 110 30.73 8.89 -11.54
C ASP D 110 29.87 8.11 -10.47
N ASN D 111 28.65 8.54 -10.31
CA ASN D 111 27.61 7.83 -9.47
C ASN D 111 26.81 6.82 -10.33
N LEU D 112 26.90 5.54 -9.96
CA LEU D 112 26.12 4.51 -10.58
C LEU D 112 25.00 4.04 -9.56
N TYR D 113 23.78 4.04 -9.97
CA TYR D 113 22.64 3.52 -9.19
C TYR D 113 21.97 2.31 -9.85
N TYR D 114 21.52 1.31 -9.03
CA TYR D 114 20.78 0.14 -9.56
C TYR D 114 19.72 -0.29 -8.56
N GLY D 115 18.53 -0.69 -9.09
CA GLY D 115 17.50 -1.33 -8.29
C GLY D 115 16.14 -1.13 -8.73
N HIS D 116 15.24 -1.66 -7.94
CA HIS D 116 13.84 -1.76 -8.28
C HIS D 116 13.06 -0.52 -7.98
N ASP D 117 12.35 -0.06 -9.03
CA ASP D 117 11.45 1.06 -8.95
C ASP D 117 12.16 2.39 -8.66
N PHE D 118 13.31 2.54 -9.28
CA PHE D 118 14.22 3.67 -9.17
C PHE D 118 13.33 4.71 -9.77
N HIS D 119 12.49 4.34 -10.73
CA HIS D 119 11.64 5.37 -11.39
C HIS D 119 10.58 6.01 -10.48
N GLU D 120 10.11 5.26 -9.52
CA GLU D 120 9.30 5.79 -8.52
C GLU D 120 10.09 6.45 -7.42
N LEU D 121 11.28 5.89 -7.00
CA LEU D 121 12.10 6.60 -6.04
C LEU D 121 12.35 8.05 -6.56
N LEU D 122 12.72 8.23 -7.80
CA LEU D 122 12.98 9.56 -8.35
C LEU D 122 11.70 10.46 -8.47
N GLY D 123 10.67 9.94 -9.16
CA GLY D 123 9.45 10.68 -9.48
C GLY D 123 8.99 11.34 -8.19
N SER D 124 9.22 10.63 -7.13
CA SER D 124 8.89 11.21 -5.86
C SER D 124 9.56 12.62 -5.70
N ALA D 125 10.90 12.71 -5.64
CA ALA D 125 11.55 14.01 -5.58
C ALA D 125 11.29 14.86 -6.81
N SER D 126 11.15 14.26 -7.92
CA SER D 126 10.93 14.98 -9.17
C SER D 126 9.71 15.89 -9.10
N GLN D 127 8.75 15.47 -8.30
CA GLN D 127 7.45 16.07 -8.36
C GLN D 127 7.24 17.07 -7.25
N ARG D 128 8.19 17.30 -6.36
CA ARG D 128 7.97 18.35 -5.40
C ARG D 128 8.57 19.61 -5.99
N GLN D 129 7.74 20.59 -6.17
CA GLN D 129 8.11 21.81 -6.86
C GLN D 129 8.65 22.95 -5.94
N THR D 130 8.65 22.75 -4.62
CA THR D 130 9.30 23.77 -3.84
C THR D 130 10.32 23.07 -2.95
N GLY D 131 11.40 23.72 -2.75
CA GLY D 131 12.40 23.09 -1.97
C GLY D 131 13.41 22.31 -2.77
N ALA D 132 14.15 21.54 -2.01
CA ALA D 132 15.17 20.62 -2.55
C ALA D 132 15.00 19.22 -1.96
N SER D 133 15.43 18.18 -2.70
CA SER D 133 15.41 16.82 -2.27
C SER D 133 16.74 16.12 -2.59
N VAL D 134 17.11 15.24 -1.67
CA VAL D 134 18.38 14.50 -1.76
C VAL D 134 18.14 13.15 -1.16
N PHE D 135 19.11 12.30 -1.33
CA PHE D 135 18.96 10.90 -0.92
C PHE D 135 20.09 10.54 -0.01
N ALA D 136 19.79 9.74 1.01
CA ALA D 136 20.71 9.34 2.02
C ALA D 136 20.80 7.77 1.95
N TYR D 137 22.04 7.27 2.01
CA TYR D 137 22.30 5.89 1.84
C TYR D 137 23.35 5.47 2.82
N HIS D 138 23.09 4.32 3.46
CA HIS D 138 23.93 3.76 4.51
C HIS D 138 25.23 3.19 3.86
N VAL D 139 26.34 3.74 4.31
CA VAL D 139 27.70 3.30 3.85
C VAL D 139 28.64 2.90 4.90
N LEU D 140 29.74 2.17 4.54
CA LEU D 140 30.82 1.79 5.52
C LEU D 140 31.69 3.07 5.85
N ASP D 141 31.89 3.99 4.88
CA ASP D 141 32.82 5.06 5.07
C ASP D 141 32.24 6.51 4.90
N PRO D 142 31.33 6.87 5.79
CA PRO D 142 30.66 8.17 5.74
C PRO D 142 31.55 9.36 5.61
N GLU D 143 32.75 9.24 6.21
CA GLU D 143 33.71 10.34 6.17
C GLU D 143 34.15 10.82 4.81
N ARG D 144 33.92 10.04 3.77
CA ARG D 144 34.30 10.37 2.44
C ARG D 144 33.25 11.21 1.72
N TYR D 145 32.18 11.47 2.42
CA TYR D 145 31.00 12.08 1.86
C TYR D 145 30.40 13.15 2.71
N GLY D 146 29.41 13.81 2.12
CA GLY D 146 28.47 14.57 2.92
C GLY D 146 27.61 13.60 3.75
N VAL D 147 27.40 13.94 4.98
CA VAL D 147 26.76 13.07 5.91
C VAL D 147 25.55 13.82 6.52
N VAL D 148 24.45 13.12 6.56
CA VAL D 148 23.21 13.56 7.15
C VAL D 148 22.92 12.93 8.43
N GLU D 149 22.64 13.72 9.44
CA GLU D 149 22.32 13.21 10.78
C GLU D 149 20.79 13.26 10.94
N PHE D 150 20.20 12.24 11.53
CA PHE D 150 18.81 12.26 11.80
C PHE D 150 18.55 12.28 13.32
N ASP D 151 17.43 12.91 13.71
CA ASP D 151 16.92 12.84 15.07
C ASP D 151 16.23 11.48 15.37
N GLN D 152 16.02 11.23 16.67
CA GLN D 152 15.42 10.00 17.11
C GLN D 152 14.18 9.67 16.30
N GLY D 153 13.49 10.65 15.82
CA GLY D 153 12.31 10.40 15.00
C GLY D 153 12.53 10.25 13.52
N GLY D 154 13.78 10.25 13.07
CA GLY D 154 14.11 10.17 11.67
C GLY D 154 14.08 11.38 10.76
N LYS D 155 14.01 12.58 11.34
CA LYS D 155 14.05 13.79 10.62
C LYS D 155 15.48 14.25 10.50
N ALA D 156 15.81 14.72 9.31
CA ALA D 156 17.16 15.21 9.08
C ALA D 156 17.43 16.47 9.91
N ILE D 157 18.55 16.50 10.63
CA ILE D 157 18.91 17.69 11.41
C ILE D 157 20.22 18.37 11.08
N SER D 158 21.09 17.73 10.34
CA SER D 158 22.37 18.42 10.06
C SER D 158 23.00 17.70 8.88
N LEU D 159 23.86 18.43 8.24
CA LEU D 159 24.76 18.01 7.19
C LEU D 159 26.20 18.54 7.49
N GLU D 160 27.17 17.68 7.28
CA GLU D 160 28.59 17.98 7.32
C GLU D 160 29.32 17.31 6.21
N GLU D 161 30.13 18.10 5.52
CA GLU D 161 30.96 17.69 4.44
C GLU D 161 32.28 16.99 4.93
N LYS D 162 32.44 15.73 4.56
CA LYS D 162 33.62 14.96 4.94
C LYS D 162 34.01 15.17 6.42
N PRO D 163 33.12 14.86 7.32
CA PRO D 163 33.43 15.09 8.71
C PRO D 163 34.49 14.11 9.26
N LEU D 164 35.35 14.57 10.17
CA LEU D 164 36.33 13.77 10.84
C LEU D 164 35.61 12.77 11.73
N GLU D 165 34.55 13.23 12.38
CA GLU D 165 33.74 12.43 13.29
C GLU D 165 32.29 12.40 12.79
N PRO D 166 32.01 11.47 11.90
CA PRO D 166 30.69 11.45 11.31
C PRO D 166 29.66 11.19 12.32
N LYS D 167 28.54 11.83 12.22
CA LYS D 167 27.45 11.65 13.19
C LYS D 167 26.48 10.52 12.83
N SER D 168 26.66 9.92 11.67
CA SER D 168 25.89 8.75 11.28
C SER D 168 26.63 8.11 10.21
N ASN D 169 26.07 6.95 9.73
CA ASN D 169 26.60 6.29 8.56
C ASN D 169 25.84 6.61 7.26
N TYR D 170 25.05 7.68 7.18
CA TYR D 170 24.24 8.03 6.05
C TYR D 170 24.90 9.09 5.22
N ALA D 171 25.37 8.70 4.03
CA ALA D 171 26.00 9.63 3.12
C ALA D 171 24.93 10.20 2.22
N VAL D 172 25.09 11.49 1.79
CA VAL D 172 24.23 12.10 0.81
C VAL D 172 24.73 11.66 -0.52
N THR D 173 23.88 11.04 -1.33
CA THR D 173 24.37 10.55 -2.61
C THR D 173 24.55 11.67 -3.63
N GLY D 174 25.04 11.36 -4.85
CA GLY D 174 25.37 12.35 -5.82
C GLY D 174 24.25 12.76 -6.79
N LEU D 175 23.02 12.80 -6.31
CA LEU D 175 21.85 13.09 -7.06
C LEU D 175 21.02 14.08 -6.29
N TYR D 176 20.64 15.20 -6.91
CA TYR D 176 20.14 16.34 -6.14
C TYR D 176 19.00 16.97 -6.98
N PHE D 177 17.88 17.31 -6.33
CA PHE D 177 16.73 17.89 -6.99
C PHE D 177 16.52 19.28 -6.39
N TYR D 178 16.44 20.31 -7.25
CA TYR D 178 16.35 21.73 -6.82
C TYR D 178 15.24 22.50 -7.48
N ASP D 179 14.70 23.37 -6.71
CA ASP D 179 13.69 24.33 -7.23
C ASP D 179 14.43 25.54 -7.68
N GLN D 180 13.68 26.58 -8.04
CA GLN D 180 14.31 27.78 -8.56
C GLN D 180 15.25 28.62 -7.67
N GLN D 181 15.27 28.37 -6.39
CA GLN D 181 16.07 29.11 -5.44
C GLN D 181 17.53 28.80 -5.58
N VAL D 182 17.87 27.66 -6.17
CA VAL D 182 19.28 27.19 -6.15
C VAL D 182 20.34 28.13 -6.73
N VAL D 183 20.09 28.69 -7.90
CA VAL D 183 21.16 29.52 -8.44
C VAL D 183 21.56 30.66 -7.51
N ASP D 184 20.60 31.34 -6.92
CA ASP D 184 20.95 32.45 -6.00
C ASP D 184 21.57 32.03 -4.70
N ILE D 185 21.15 30.89 -4.19
CA ILE D 185 21.79 30.34 -3.05
C ILE D 185 23.25 30.09 -3.43
N ALA D 186 23.50 29.48 -4.56
CA ALA D 186 24.86 29.24 -4.89
C ALA D 186 25.58 30.58 -5.11
N ARG D 187 24.89 31.62 -5.61
CA ARG D 187 25.56 32.90 -5.88
C ARG D 187 26.20 33.49 -4.65
N ASP D 188 25.53 33.32 -3.52
CA ASP D 188 25.99 33.80 -2.21
C ASP D 188 26.82 32.86 -1.35
N LEU D 189 27.43 31.83 -1.93
CA LEU D 189 28.31 30.99 -1.11
C LEU D 189 29.77 31.45 -1.28
N LYS D 190 30.58 31.32 -0.21
CA LYS D 190 32.03 31.59 -0.26
C LYS D 190 32.72 30.23 -0.21
N PRO D 191 33.90 30.09 -0.79
CA PRO D 191 34.63 28.83 -0.69
C PRO D 191 34.74 28.36 0.76
N SER D 192 34.93 27.05 0.89
CA SER D 192 35.17 26.36 2.13
C SER D 192 36.72 26.29 2.39
N PRO D 193 37.13 25.77 3.56
CA PRO D 193 38.55 25.60 3.88
C PRO D 193 39.20 24.43 3.11
N ARG D 194 38.41 23.73 2.30
CA ARG D 194 39.00 22.79 1.36
C ARG D 194 39.33 23.64 0.12
N GLY D 195 38.77 24.86 0.12
CA GLY D 195 38.93 25.80 -0.99
C GLY D 195 37.89 25.56 -2.11
N GLU D 196 36.72 25.02 -1.77
CA GLU D 196 35.69 24.71 -2.76
C GLU D 196 34.33 25.36 -2.51
N LEU D 197 33.57 25.41 -3.59
CA LEU D 197 32.22 25.91 -3.52
C LEU D 197 31.36 24.60 -3.34
N GLU D 198 30.93 24.30 -2.08
CA GLU D 198 30.38 23.01 -1.68
C GLU D 198 28.91 22.71 -1.85
N ILE D 199 28.65 21.52 -2.38
CA ILE D 199 27.26 21.21 -2.68
C ILE D 199 26.56 21.06 -1.30
N THR D 200 27.33 20.64 -0.30
CA THR D 200 26.80 20.47 1.05
C THR D 200 26.30 21.82 1.58
N ASP D 201 26.89 22.89 1.10
CA ASP D 201 26.53 24.23 1.54
C ASP D 201 25.22 24.62 0.96
N VAL D 202 24.98 24.33 -0.33
CA VAL D 202 23.69 24.57 -0.98
C VAL D 202 22.58 23.75 -0.30
N ASN D 203 22.82 22.48 -0.06
CA ASN D 203 21.85 21.62 0.61
C ASN D 203 21.52 22.07 2.08
N ARG D 204 22.54 22.52 2.76
CA ARG D 204 22.34 23.05 4.13
C ARG D 204 21.54 24.38 4.15
N ALA D 205 21.68 25.14 3.09
CA ALA D 205 20.98 26.41 3.00
C ALA D 205 19.52 26.14 2.90
N TYR D 206 19.17 25.07 2.14
CA TYR D 206 17.83 24.63 2.05
C TYR D 206 17.33 23.98 3.41
N LEU D 207 18.16 23.16 4.00
CA LEU D 207 17.85 22.63 5.35
C LEU D 207 17.55 23.75 6.37
N GLU D 208 18.31 24.84 6.36
CA GLU D 208 18.17 25.87 7.36
C GLU D 208 16.87 26.69 7.14
N ARG D 209 16.23 26.48 5.99
CA ARG D 209 14.91 27.12 5.68
C ARG D 209 13.75 26.14 5.84
N GLY D 210 13.99 24.91 6.28
CA GLY D 210 13.01 23.90 6.48
C GLY D 210 12.55 23.43 5.13
N GLN D 211 13.39 23.56 4.09
CA GLN D 211 12.99 23.23 2.75
C GLN D 211 13.81 22.11 2.10
N LEU D 212 14.46 21.32 2.92
CA LEU D 212 15.19 20.13 2.43
C LEU D 212 14.45 18.81 2.76
N SER D 213 14.25 17.99 1.76
CA SER D 213 13.58 16.71 1.92
C SER D 213 14.76 15.72 1.83
N VAL D 214 14.92 14.84 2.78
CA VAL D 214 15.95 13.81 2.69
C VAL D 214 15.23 12.46 2.62
N GLU D 215 15.28 11.82 1.47
CA GLU D 215 14.62 10.54 1.30
C GLU D 215 15.66 9.46 1.50
N ILE D 216 15.27 8.40 2.12
CA ILE D 216 16.19 7.24 2.35
C ILE D 216 16.29 6.36 1.08
N MET D 217 17.51 6.19 0.54
CA MET D 217 17.70 5.27 -0.51
C MET D 217 18.02 3.98 0.23
N GLY D 218 17.06 3.08 0.19
CA GLY D 218 17.14 1.77 0.92
C GLY D 218 18.33 0.87 0.57
N ARG D 219 18.64 -0.01 1.47
CA ARG D 219 19.77 -0.97 1.23
C ARG D 219 19.48 -1.96 0.09
N GLY D 220 18.28 -2.03 -0.39
CA GLY D 220 18.00 -2.90 -1.62
C GLY D 220 18.40 -2.26 -2.99
N TYR D 221 18.83 -1.00 -3.00
CA TYR D 221 19.43 -0.30 -4.07
C TYR D 221 20.95 -0.37 -3.88
N ALA D 222 21.68 -0.49 -4.98
CA ALA D 222 23.11 -0.42 -4.98
C ALA D 222 23.53 0.97 -5.47
N TRP D 223 24.26 1.67 -4.69
CA TRP D 223 24.78 3.00 -5.04
C TRP D 223 26.23 2.70 -5.06
N LEU D 224 26.80 2.69 -6.25
CA LEU D 224 28.25 2.48 -6.37
C LEU D 224 29.06 3.74 -6.90
N ASP D 225 30.25 3.91 -6.35
CA ASP D 225 31.19 5.07 -6.65
C ASP D 225 32.33 4.37 -7.53
N THR D 226 32.66 4.93 -8.68
CA THR D 226 33.59 4.27 -9.58
C THR D 226 34.86 4.95 -9.72
N GLY D 227 35.24 5.69 -8.70
CA GLY D 227 36.35 6.56 -8.89
C GLY D 227 37.71 6.18 -8.31
N THR D 228 37.88 4.97 -7.71
CA THR D 228 39.19 4.36 -7.38
C THR D 228 39.35 3.15 -8.28
N HIS D 229 40.56 2.68 -8.43
CA HIS D 229 40.81 1.55 -9.27
C HIS D 229 40.01 0.34 -8.75
N ASP D 230 40.06 0.12 -7.45
CA ASP D 230 39.39 -1.00 -6.85
C ASP D 230 37.88 -0.90 -6.99
N SER D 231 37.36 0.34 -6.91
CA SER D 231 35.88 0.45 -6.85
C SER D 231 35.31 0.36 -8.25
N LEU D 232 36.09 0.82 -9.26
CA LEU D 232 35.69 0.65 -10.60
C LEU D 232 35.66 -0.83 -10.99
N LEU D 233 36.62 -1.61 -10.50
CA LEU D 233 36.61 -3.02 -10.82
C LEU D 233 35.29 -3.72 -10.26
N GLU D 234 34.97 -3.40 -8.99
CA GLU D 234 33.79 -3.98 -8.35
C GLU D 234 32.53 -3.62 -9.05
N ALA D 235 32.50 -2.41 -9.53
CA ALA D 235 31.33 -1.93 -10.27
C ALA D 235 31.18 -2.65 -11.64
N GLY D 236 32.30 -2.84 -12.38
CA GLY D 236 32.28 -3.53 -13.61
C GLY D 236 31.77 -5.01 -13.37
N GLN D 237 32.29 -5.64 -12.35
N GLN D 237 32.29 -5.64 -12.35
CA GLN D 237 31.89 -7.02 -11.98
CA GLN D 237 31.89 -7.02 -11.98
C GLN D 237 30.42 -7.06 -11.61
C GLN D 237 30.42 -7.06 -11.61
N PHE D 238 29.97 -6.05 -10.90
CA PHE D 238 28.55 -6.01 -10.43
C PHE D 238 27.63 -5.94 -11.64
N ILE D 239 27.96 -5.08 -12.56
CA ILE D 239 27.13 -4.89 -13.80
C ILE D 239 27.18 -6.15 -14.64
N ALA D 240 28.38 -6.76 -14.73
CA ALA D 240 28.62 -7.96 -15.48
C ALA D 240 27.78 -9.12 -14.99
N THR D 241 27.70 -9.28 -13.70
CA THR D 241 26.93 -10.35 -13.10
C THR D 241 25.39 -10.17 -13.36
N LEU D 242 24.93 -8.97 -13.29
CA LEU D 242 23.54 -8.67 -13.51
C LEU D 242 23.21 -8.87 -14.99
N GLU D 243 24.02 -8.33 -15.92
CA GLU D 243 23.70 -8.46 -17.36
C GLU D 243 23.77 -9.88 -17.92
N ASN D 244 24.75 -10.68 -17.46
CA ASN D 244 24.88 -11.98 -17.86
C ASN D 244 23.84 -12.94 -17.29
N ARG D 245 23.34 -12.64 -16.11
CA ARG D 245 22.29 -13.39 -15.51
C ARG D 245 20.94 -13.16 -16.27
N GLN D 246 20.64 -11.92 -16.53
CA GLN D 246 19.36 -11.46 -17.07
C GLN D 246 19.25 -11.48 -18.60
N GLY D 247 20.39 -11.45 -19.31
CA GLY D 247 20.47 -11.18 -20.74
C GLY D 247 19.85 -9.75 -21.04
N LEU D 248 19.86 -8.81 -20.11
CA LEU D 248 19.34 -7.42 -20.25
C LEU D 248 20.47 -6.50 -19.84
N LYS D 249 20.43 -5.27 -20.27
CA LYS D 249 21.43 -4.33 -19.94
C LYS D 249 20.99 -3.36 -18.85
N VAL D 250 21.97 -2.95 -18.03
CA VAL D 250 21.67 -1.94 -17.07
C VAL D 250 22.05 -0.56 -17.66
N ALA D 251 21.15 0.41 -17.60
CA ALA D 251 21.52 1.81 -18.00
C ALA D 251 21.89 1.93 -19.45
N CYS D 252 21.06 1.39 -20.31
CA CYS D 252 21.24 1.51 -21.80
C CYS D 252 20.34 2.63 -22.19
N PRO D 253 20.91 3.76 -22.55
CA PRO D 253 20.10 5.00 -22.84
C PRO D 253 19.17 4.77 -24.02
N GLU D 254 19.65 4.10 -25.09
CA GLU D 254 18.78 3.85 -26.20
C GLU D 254 17.48 3.13 -25.81
N GLU D 255 17.62 2.14 -24.98
CA GLU D 255 16.51 1.32 -24.48
C GLU D 255 15.55 2.21 -23.67
N ILE D 256 16.06 2.97 -22.74
CA ILE D 256 15.25 3.83 -21.90
C ILE D 256 14.49 4.88 -22.79
N ALA D 257 15.18 5.40 -23.76
CA ALA D 257 14.58 6.42 -24.62
C ALA D 257 13.40 5.79 -25.48
N TYR D 258 13.60 4.56 -25.92
CA TYR D 258 12.63 3.84 -26.66
C TYR D 258 11.44 3.54 -25.70
N ARG D 259 11.76 3.13 -24.46
CA ARG D 259 10.71 2.75 -23.51
C ARG D 259 9.83 3.94 -23.17
N GLN D 260 10.43 5.13 -23.14
CA GLN D 260 9.82 6.41 -22.82
C GLN D 260 9.14 7.07 -24.01
N LYS D 261 9.26 6.45 -25.18
CA LYS D 261 8.70 6.93 -26.43
C LYS D 261 9.33 8.20 -26.92
N TRP D 262 10.55 8.44 -26.53
CA TRP D 262 11.27 9.60 -26.93
C TRP D 262 11.83 9.35 -28.28
N ILE D 263 12.01 8.10 -28.64
CA ILE D 263 12.38 7.64 -30.00
C ILE D 263 11.43 6.49 -30.43
N ASP D 264 11.18 6.35 -31.73
CA ASP D 264 10.33 5.23 -32.20
C ASP D 264 11.16 4.08 -32.72
N ALA D 265 10.45 3.05 -33.08
CA ALA D 265 11.05 1.84 -33.58
C ALA D 265 11.97 2.09 -34.75
N ALA D 266 11.58 2.94 -35.68
CA ALA D 266 12.39 3.15 -36.88
C ALA D 266 13.71 3.81 -36.44
N GLN D 267 13.60 4.70 -35.48
CA GLN D 267 14.81 5.34 -34.98
C GLN D 267 15.73 4.36 -34.24
N LEU D 268 15.18 3.46 -33.46
CA LEU D 268 15.99 2.49 -32.70
C LEU D 268 16.69 1.56 -33.64
N GLU D 269 15.95 1.11 -34.67
CA GLU D 269 16.52 0.24 -35.75
C GLU D 269 17.73 0.87 -36.36
N LYS D 270 17.66 2.19 -36.63
CA LYS D 270 18.79 3.00 -37.15
C LYS D 270 19.99 3.06 -36.18
N LEU D 271 19.70 3.13 -34.87
CA LEU D 271 20.73 3.08 -33.83
C LEU D 271 21.44 1.74 -33.75
N ALA D 272 20.70 0.65 -33.96
CA ALA D 272 21.23 -0.71 -33.90
C ALA D 272 22.13 -1.00 -35.20
N ALA D 273 21.78 -0.45 -36.35
CA ALA D 273 22.55 -0.70 -37.60
C ALA D 273 24.05 -0.74 -37.44
N PRO D 274 24.70 0.38 -37.18
CA PRO D 274 26.17 0.41 -37.03
C PRO D 274 26.72 -0.53 -36.02
N LEU D 275 25.97 -0.84 -34.95
CA LEU D 275 26.47 -1.76 -33.91
C LEU D 275 26.05 -3.20 -34.14
N ALA D 276 25.48 -3.42 -35.31
CA ALA D 276 24.94 -4.72 -35.59
C ALA D 276 25.99 -5.80 -35.41
N LYS D 277 27.24 -5.44 -35.69
CA LYS D 277 28.31 -6.42 -35.58
C LYS D 277 28.74 -6.78 -34.14
N ASN D 278 28.16 -6.20 -33.07
CA ASN D 278 28.49 -6.67 -31.74
C ASN D 278 27.26 -6.81 -30.90
N GLY D 279 27.50 -7.19 -29.65
CA GLY D 279 26.49 -7.58 -28.73
C GLY D 279 25.57 -6.46 -28.37
N TYR D 280 26.05 -5.22 -28.40
CA TYR D 280 25.20 -4.11 -28.05
C TYR D 280 24.15 -3.83 -29.13
N GLY D 281 24.60 -3.85 -30.35
CA GLY D 281 23.70 -3.74 -31.46
C GLY D 281 22.76 -4.95 -31.50
N GLN D 282 23.26 -6.11 -31.13
CA GLN D 282 22.41 -7.30 -31.19
C GLN D 282 21.24 -7.02 -30.12
N TYR D 283 21.62 -6.42 -29.00
CA TYR D 283 20.69 -6.12 -27.93
C TYR D 283 19.56 -5.16 -28.38
N LEU D 284 19.92 -4.05 -28.92
CA LEU D 284 19.00 -3.05 -29.42
C LEU D 284 17.99 -3.64 -30.41
N LYS D 285 18.49 -4.35 -31.41
CA LYS D 285 17.62 -5.07 -32.30
C LYS D 285 16.65 -5.98 -31.57
N ARG D 286 17.11 -6.72 -30.57
CA ARG D 286 16.14 -7.69 -29.91
C ARG D 286 14.99 -6.98 -29.18
N LEU D 287 15.26 -5.76 -28.72
CA LEU D 287 14.27 -5.00 -28.05
C LEU D 287 13.07 -4.53 -28.93
N LEU D 288 13.30 -4.55 -30.24
CA LEU D 288 12.17 -4.21 -31.11
C LEU D 288 11.17 -5.34 -31.07
N THR D 289 11.61 -6.57 -30.87
CA THR D 289 10.67 -7.69 -30.92
C THR D 289 10.33 -8.57 -29.65
N GLU D 290 10.96 -8.27 -28.57
CA GLU D 290 10.68 -8.88 -27.32
C GLU D 290 9.92 -7.97 -26.32
N THR D 291 8.91 -8.46 -25.69
CA THR D 291 8.29 -7.73 -24.64
C THR D 291 9.04 -8.01 -23.31
N VAL D 292 9.52 -6.98 -22.63
CA VAL D 292 10.27 -7.07 -21.37
C VAL D 292 9.52 -6.23 -20.30
N TYR D 293 9.13 -6.88 -19.22
CA TYR D 293 8.33 -6.24 -18.19
C TYR D 293 9.14 -5.42 -17.23
N LYS E 2 -31.52 -30.22 -1.80
CA LYS E 2 -32.20 -29.64 -0.56
C LYS E 2 -31.27 -28.79 0.28
N ARG E 3 -31.51 -27.50 0.29
CA ARG E 3 -30.80 -26.68 1.22
C ARG E 3 -31.59 -26.35 2.41
N LYS E 4 -31.02 -26.48 3.58
CA LYS E 4 -31.74 -26.12 4.79
C LYS E 4 -31.20 -24.74 5.28
N GLY E 5 -31.98 -24.01 6.06
CA GLY E 5 -31.55 -22.70 6.52
C GLY E 5 -31.40 -22.54 8.03
N ILE E 6 -30.56 -21.61 8.47
CA ILE E 6 -30.39 -21.28 9.85
C ILE E 6 -30.39 -19.78 9.95
N ILE E 7 -31.16 -19.25 10.93
CA ILE E 7 -31.17 -17.86 11.26
C ILE E 7 -30.48 -17.80 12.59
N LEU E 8 -29.47 -16.95 12.75
CA LEU E 8 -28.77 -16.81 14.00
C LEU E 8 -29.11 -15.51 14.71
N ALA E 9 -29.94 -15.57 15.74
CA ALA E 9 -30.49 -14.36 16.32
C ALA E 9 -30.37 -14.22 17.74
N GLY E 10 -29.23 -14.45 18.31
CA GLY E 10 -29.16 -14.26 19.76
C GLY E 10 -28.36 -12.99 20.05
N GLY E 11 -27.12 -13.24 20.43
CA GLY E 11 -26.07 -12.23 20.57
C GLY E 11 -25.88 -11.69 21.96
N SER E 12 -24.77 -10.94 22.08
CA SER E 12 -24.35 -10.21 23.29
C SER E 12 -25.45 -9.63 24.20
N GLY E 13 -26.15 -8.61 23.67
CA GLY E 13 -27.21 -7.89 24.41
C GLY E 13 -26.72 -6.49 24.81
N THR E 14 -26.02 -6.46 25.96
CA THR E 14 -25.39 -5.28 26.59
C THR E 14 -25.35 -3.95 25.87
N ARG E 15 -24.73 -3.93 24.68
CA ARG E 15 -24.62 -2.70 23.85
C ARG E 15 -25.93 -1.91 23.79
N LEU E 16 -27.03 -2.56 23.39
CA LEU E 16 -28.33 -1.89 23.22
C LEU E 16 -29.15 -1.67 24.51
N HIS E 17 -28.59 -1.91 25.68
CA HIS E 17 -29.31 -1.64 26.93
C HIS E 17 -29.19 -0.15 27.26
N PRO E 18 -30.16 0.42 27.97
CA PRO E 18 -31.32 -0.28 28.50
C PRO E 18 -32.44 -0.41 27.51
N ALA E 19 -32.31 0.10 26.29
CA ALA E 19 -33.32 0.00 25.23
C ALA E 19 -33.79 -1.46 25.03
N THR E 20 -32.88 -2.44 25.16
CA THR E 20 -33.27 -3.86 24.95
C THR E 20 -33.37 -4.63 26.30
N LEU E 21 -33.52 -3.92 27.40
CA LEU E 21 -33.63 -4.65 28.63
C LEU E 21 -34.81 -5.62 28.54
N ALA E 22 -35.95 -5.15 28.05
CA ALA E 22 -37.14 -5.99 28.10
C ALA E 22 -37.28 -6.89 26.90
N ILE E 23 -36.57 -6.60 25.80
CA ILE E 23 -36.61 -7.46 24.61
C ILE E 23 -35.43 -7.38 23.70
N SER E 24 -34.94 -8.60 23.42
CA SER E 24 -33.93 -8.89 22.49
C SER E 24 -34.16 -8.06 21.16
N LYS E 25 -33.04 -7.65 20.60
CA LYS E 25 -33.00 -6.79 19.40
C LYS E 25 -33.76 -7.37 18.26
N GLN E 26 -33.72 -8.69 18.03
CA GLN E 26 -34.30 -9.25 16.81
C GLN E 26 -35.79 -9.39 16.87
N LEU E 27 -36.33 -9.19 18.07
CA LEU E 27 -37.73 -9.18 18.24
C LEU E 27 -38.24 -7.80 18.12
N LEU E 28 -37.39 -6.77 18.02
CA LEU E 28 -37.88 -5.41 17.93
C LEU E 28 -38.35 -5.22 16.54
N PRO E 29 -39.32 -4.36 16.33
CA PRO E 29 -39.75 -4.09 14.98
C PRO E 29 -38.84 -3.15 14.26
N VAL E 30 -38.76 -3.40 12.96
CA VAL E 30 -38.18 -2.41 12.07
C VAL E 30 -39.33 -1.80 11.25
N TYR E 31 -39.68 -0.54 11.56
CA TYR E 31 -40.92 0.16 11.10
C TYR E 31 -42.13 -0.59 11.54
N ASP E 32 -42.63 -1.61 10.80
CA ASP E 32 -43.96 -2.20 10.97
C ASP E 32 -43.99 -3.67 11.20
N LYS E 33 -42.82 -4.27 11.37
CA LYS E 33 -42.76 -5.72 11.59
C LYS E 33 -41.51 -6.14 12.35
N PRO E 34 -41.55 -7.26 13.03
CA PRO E 34 -40.42 -7.76 13.75
C PRO E 34 -39.17 -7.90 12.85
N MET E 35 -38.03 -7.63 13.45
N MET E 35 -38.02 -7.63 13.46
CA MET E 35 -36.75 -7.65 12.78
CA MET E 35 -36.74 -7.66 12.78
C MET E 35 -36.51 -9.02 12.11
C MET E 35 -36.50 -9.01 12.11
N ILE E 36 -36.90 -10.09 12.77
CA ILE E 36 -36.62 -11.40 12.25
C ILE E 36 -37.31 -11.72 10.97
N TYR E 37 -38.35 -10.96 10.69
CA TYR E 37 -39.11 -11.21 9.51
C TYR E 37 -38.21 -10.91 8.31
N TYR E 38 -37.20 -10.01 8.49
CA TYR E 38 -36.47 -9.57 7.30
C TYR E 38 -35.50 -10.63 6.83
N PRO E 39 -34.63 -11.09 7.66
CA PRO E 39 -33.84 -12.25 7.25
C PRO E 39 -34.63 -13.55 6.93
N LEU E 40 -35.80 -13.78 7.59
CA LEU E 40 -36.70 -14.92 7.28
C LEU E 40 -37.12 -14.80 5.82
N SER E 41 -37.59 -13.61 5.41
N SER E 41 -37.59 -13.62 5.41
CA SER E 41 -37.97 -13.34 4.06
CA SER E 41 -37.97 -13.35 4.04
C SER E 41 -36.82 -13.69 3.05
C SER E 41 -36.83 -13.69 3.04
N THR E 42 -35.61 -13.33 3.41
CA THR E 42 -34.44 -13.60 2.57
C THR E 42 -34.23 -15.07 2.32
N LEU E 43 -34.22 -15.89 3.38
CA LEU E 43 -34.28 -17.30 3.25
C LEU E 43 -35.40 -17.83 2.30
N MET E 44 -36.61 -17.34 2.52
CA MET E 44 -37.71 -17.71 1.71
C MET E 44 -37.47 -17.37 0.29
N LEU E 45 -36.88 -16.20 0.05
CA LEU E 45 -36.63 -15.75 -1.30
C LEU E 45 -35.57 -16.61 -2.03
N ALA E 46 -34.67 -17.24 -1.28
CA ALA E 46 -33.69 -18.23 -1.68
C ALA E 46 -34.35 -19.61 -1.94
N GLY E 47 -35.60 -19.71 -1.62
CA GLY E 47 -36.31 -20.94 -1.80
C GLY E 47 -36.19 -21.97 -0.75
N ILE E 48 -35.83 -21.55 0.46
CA ILE E 48 -35.66 -22.37 1.64
C ILE E 48 -36.85 -22.31 2.58
N ARG E 49 -37.40 -23.52 2.87
CA ARG E 49 -38.61 -23.72 3.65
C ARG E 49 -38.37 -24.32 5.01
N GLU E 50 -37.29 -25.04 5.16
CA GLU E 50 -36.94 -25.68 6.41
C GLU E 50 -35.83 -24.89 7.12
N ILE E 51 -36.17 -24.26 8.22
CA ILE E 51 -35.29 -23.33 8.83
C ILE E 51 -35.16 -23.54 10.31
N LEU E 52 -33.94 -23.45 10.77
CA LEU E 52 -33.69 -23.56 12.19
C LEU E 52 -33.33 -22.17 12.70
N ILE E 53 -34.10 -21.75 13.67
CA ILE E 53 -33.92 -20.57 14.41
C ILE E 53 -33.17 -20.84 15.70
N ILE E 54 -31.95 -20.36 15.75
CA ILE E 54 -31.03 -20.40 16.91
C ILE E 54 -31.11 -19.06 17.70
N SER E 55 -31.25 -19.14 19.04
CA SER E 55 -31.15 -17.95 19.85
C SER E 55 -30.71 -18.26 21.28
N THR E 56 -30.83 -17.29 22.17
CA THR E 56 -30.33 -17.50 23.52
C THR E 56 -31.38 -18.31 24.25
N PRO E 57 -31.10 -18.86 25.41
CA PRO E 57 -32.12 -19.68 26.11
C PRO E 57 -33.35 -18.91 26.49
N GLN E 58 -33.21 -17.65 26.83
CA GLN E 58 -34.36 -16.87 27.20
C GLN E 58 -35.08 -16.41 25.94
N ASP E 59 -34.38 -16.20 24.82
CA ASP E 59 -35.12 -15.79 23.65
C ASP E 59 -35.65 -16.88 22.73
N THR E 60 -35.06 -18.07 22.77
CA THR E 60 -35.59 -19.08 21.86
C THR E 60 -37.07 -19.33 22.14
N PRO E 61 -37.50 -19.52 23.37
CA PRO E 61 -38.97 -19.62 23.62
C PRO E 61 -39.80 -18.47 22.97
N ARG E 62 -39.28 -17.27 22.90
CA ARG E 62 -40.10 -16.16 22.38
C ARG E 62 -40.19 -16.14 20.85
N PHE E 63 -39.11 -16.57 20.14
CA PHE E 63 -39.19 -16.66 18.68
C PHE E 63 -40.24 -17.76 18.37
N GLN E 64 -40.13 -18.89 19.04
CA GLN E 64 -41.10 -20.00 18.90
C GLN E 64 -42.52 -19.51 19.17
N GLN E 65 -42.69 -18.64 20.14
CA GLN E 65 -44.02 -18.05 20.36
C GLN E 65 -44.50 -17.25 19.18
N LEU E 66 -43.62 -16.40 18.68
CA LEU E 66 -43.90 -15.46 17.60
C LEU E 66 -44.17 -16.15 16.28
N LEU E 67 -43.37 -17.15 15.97
CA LEU E 67 -43.36 -17.72 14.62
C LEU E 67 -44.01 -19.15 14.48
N GLY E 68 -44.09 -19.88 15.60
CA GLY E 68 -44.62 -21.22 15.56
C GLY E 68 -43.81 -22.20 14.73
N ASP E 69 -44.47 -23.29 14.40
CA ASP E 69 -43.78 -24.29 13.63
C ASP E 69 -43.65 -23.88 12.16
N GLY E 70 -44.33 -22.81 11.80
CA GLY E 70 -44.19 -22.22 10.50
C GLY E 70 -45.19 -22.70 9.44
N SER E 71 -45.89 -23.75 9.76
CA SER E 71 -46.88 -24.39 8.88
C SER E 71 -47.93 -23.43 8.39
N ASN E 72 -48.33 -22.48 9.26
CA ASN E 72 -49.20 -21.38 8.84
C ASN E 72 -48.63 -20.65 7.59
N TRP E 73 -47.32 -20.73 7.33
CA TRP E 73 -46.70 -19.97 6.23
C TRP E 73 -45.96 -20.86 5.19
N GLY E 74 -46.28 -22.13 5.23
CA GLY E 74 -45.76 -23.13 4.36
C GLY E 74 -44.35 -23.59 4.73
N LEU E 75 -43.88 -23.19 5.89
CA LEU E 75 -42.54 -23.42 6.37
C LEU E 75 -42.47 -24.59 7.36
N ASP E 76 -41.26 -25.07 7.64
CA ASP E 76 -40.98 -26.02 8.66
C ASP E 76 -39.91 -25.38 9.50
N LEU E 77 -40.39 -24.67 10.50
CA LEU E 77 -39.52 -24.01 11.43
C LEU E 77 -39.22 -24.81 12.69
N GLN E 78 -37.95 -24.91 13.05
CA GLN E 78 -37.48 -25.59 14.26
C GLN E 78 -36.67 -24.66 15.15
N TYR E 79 -36.40 -25.05 16.37
CA TYR E 79 -35.73 -24.17 17.28
C TYR E 79 -34.59 -24.83 17.99
N ALA E 80 -33.57 -24.05 18.28
CA ALA E 80 -32.40 -24.57 18.98
C ALA E 80 -31.84 -23.49 19.85
N VAL E 81 -31.12 -23.85 20.90
CA VAL E 81 -30.64 -22.84 21.81
C VAL E 81 -29.13 -22.63 21.72
N GLN E 82 -28.66 -21.45 22.10
CA GLN E 82 -27.24 -21.19 22.13
C GLN E 82 -26.89 -20.74 23.52
N PRO E 83 -26.34 -21.64 24.32
CA PRO E 83 -26.07 -21.32 25.74
C PRO E 83 -25.33 -20.03 25.99
N SER E 84 -24.29 -19.77 25.22
CA SER E 84 -23.51 -18.54 25.37
C SER E 84 -23.00 -18.09 24.01
N PRO E 85 -22.76 -16.79 23.82
CA PRO E 85 -22.33 -16.30 22.50
C PRO E 85 -20.85 -16.58 22.35
N ASP E 86 -20.50 -17.81 22.02
CA ASP E 86 -19.10 -18.11 21.87
C ASP E 86 -18.58 -17.91 20.40
N GLY E 87 -19.35 -17.22 19.52
CA GLY E 87 -19.02 -17.03 18.09
C GLY E 87 -20.10 -17.46 17.06
N LEU E 88 -20.18 -16.80 15.92
CA LEU E 88 -21.21 -17.13 14.97
C LEU E 88 -21.07 -18.60 14.45
N ALA E 89 -19.87 -19.18 14.39
CA ALA E 89 -19.74 -20.49 13.76
C ALA E 89 -20.27 -21.65 14.57
N GLN E 90 -20.55 -21.37 15.83
CA GLN E 90 -21.18 -22.38 16.74
C GLN E 90 -22.48 -22.94 16.12
N ALA E 91 -23.16 -22.10 15.38
CA ALA E 91 -24.43 -22.40 14.76
C ALA E 91 -24.37 -23.65 13.95
N PHE E 92 -23.20 -23.96 13.40
CA PHE E 92 -23.12 -25.24 12.72
C PHE E 92 -22.97 -26.39 13.72
N LEU E 93 -22.54 -26.08 14.94
CA LEU E 93 -22.36 -27.15 15.93
C LEU E 93 -23.77 -27.41 16.53
N ILE E 94 -24.37 -26.32 16.98
CA ILE E 94 -25.75 -26.35 17.44
C ILE E 94 -26.69 -27.02 16.40
N GLY E 95 -26.54 -26.67 15.12
CA GLY E 95 -27.43 -27.18 14.07
C GLY E 95 -26.97 -28.44 13.39
N GLU E 96 -25.92 -29.07 13.91
CA GLU E 96 -25.35 -30.23 13.23
C GLU E 96 -26.41 -31.30 12.85
N SER E 97 -27.20 -31.67 13.83
CA SER E 97 -28.19 -32.70 13.60
C SER E 97 -29.28 -32.16 12.67
N PHE E 98 -29.64 -30.86 12.79
CA PHE E 98 -30.62 -30.28 11.93
C PHE E 98 -30.15 -30.37 10.48
N ILE E 99 -28.87 -30.02 10.27
CA ILE E 99 -28.34 -30.05 8.92
C ILE E 99 -28.30 -31.43 8.32
N GLY E 100 -27.81 -32.41 9.07
CA GLY E 100 -27.75 -33.71 8.46
C GLY E 100 -26.65 -33.74 7.42
N ASN E 101 -26.97 -34.25 6.25
CA ASN E 101 -26.08 -34.40 5.16
C ASN E 101 -26.58 -33.47 4.10
N ASP E 102 -27.22 -32.40 4.50
CA ASP E 102 -27.80 -31.52 3.49
C ASP E 102 -26.86 -30.28 3.26
N LEU E 103 -27.04 -29.62 2.16
CA LEU E 103 -26.52 -28.30 1.92
C LEU E 103 -27.20 -27.31 2.88
N SER E 104 -26.60 -26.14 3.08
CA SER E 104 -27.27 -25.21 3.99
C SER E 104 -26.99 -23.78 3.71
N ALA E 105 -27.60 -22.93 4.54
CA ALA E 105 -27.52 -21.48 4.45
C ALA E 105 -27.75 -20.88 5.80
N LEU E 106 -26.95 -19.90 6.12
CA LEU E 106 -26.99 -19.16 7.37
C LEU E 106 -27.14 -17.68 7.13
N VAL E 107 -28.14 -17.11 7.78
CA VAL E 107 -28.31 -15.70 7.77
C VAL E 107 -28.29 -15.13 9.15
N LEU E 108 -27.79 -13.92 9.28
CA LEU E 108 -27.86 -13.31 10.61
C LEU E 108 -29.13 -12.59 10.87
N GLY E 109 -29.60 -12.68 12.12
CA GLY E 109 -30.91 -12.20 12.56
C GLY E 109 -31.13 -10.69 12.41
N ASP E 110 -30.07 -9.88 12.47
CA ASP E 110 -30.24 -8.45 12.26
C ASP E 110 -29.84 -7.91 10.87
N ASN E 111 -29.75 -8.78 9.90
CA ASN E 111 -29.36 -8.29 8.56
C ASN E 111 -30.60 -8.07 7.67
N LEU E 112 -30.76 -6.89 7.09
CA LEU E 112 -31.89 -6.58 6.35
C LEU E 112 -31.39 -6.27 4.92
N TYR E 113 -31.91 -6.95 3.94
CA TYR E 113 -31.60 -6.67 2.58
C TYR E 113 -32.80 -6.14 1.76
N TYR E 114 -32.54 -5.10 0.92
CA TYR E 114 -33.57 -4.53 -0.01
C TYR E 114 -33.07 -4.46 -1.40
N GLY E 115 -33.85 -4.92 -2.43
CA GLY E 115 -33.44 -4.63 -3.78
C GLY E 115 -34.01 -5.52 -4.86
N HIS E 116 -33.64 -5.19 -6.08
CA HIS E 116 -34.18 -5.78 -7.29
C HIS E 116 -33.56 -7.10 -7.71
N ASP E 117 -34.42 -8.08 -7.93
CA ASP E 117 -34.04 -9.36 -8.40
C ASP E 117 -33.13 -10.16 -7.42
N PHE E 118 -33.39 -10.00 -6.18
CA PHE E 118 -32.58 -10.53 -5.09
C PHE E 118 -32.87 -12.00 -5.27
N HIS E 119 -34.08 -12.20 -5.62
CA HIS E 119 -34.39 -13.57 -5.80
C HIS E 119 -33.48 -14.20 -6.84
N GLU E 120 -32.91 -13.48 -7.79
CA GLU E 120 -31.87 -14.08 -8.70
C GLU E 120 -30.37 -13.83 -8.23
N LEU E 121 -30.19 -12.86 -7.38
CA LEU E 121 -28.91 -12.76 -6.73
C LEU E 121 -28.63 -14.05 -5.85
N LEU E 122 -29.58 -14.48 -5.05
CA LEU E 122 -29.48 -15.66 -4.19
C LEU E 122 -29.40 -17.03 -4.94
N GLY E 123 -30.10 -17.12 -6.08
CA GLY E 123 -30.31 -18.34 -6.81
C GLY E 123 -29.02 -18.90 -7.31
N SER E 124 -28.18 -18.00 -7.69
CA SER E 124 -26.92 -18.43 -8.17
C SER E 124 -26.18 -19.19 -7.05
N ALA E 125 -26.08 -18.58 -5.87
CA ALA E 125 -25.43 -19.26 -4.76
C ALA E 125 -26.22 -20.51 -4.34
N SER E 126 -27.50 -20.41 -4.47
CA SER E 126 -28.40 -21.44 -4.03
C SER E 126 -28.05 -22.72 -4.79
N GLN E 127 -27.69 -22.54 -6.02
CA GLN E 127 -27.55 -23.71 -6.86
C GLN E 127 -26.16 -24.38 -6.91
N ARG E 128 -25.11 -23.74 -6.42
CA ARG E 128 -23.79 -24.34 -6.33
C ARG E 128 -23.90 -25.46 -5.33
N GLN E 129 -23.68 -26.68 -5.79
CA GLN E 129 -23.65 -27.81 -4.90
C GLN E 129 -22.30 -28.10 -4.26
N THR E 130 -21.23 -27.50 -4.72
CA THR E 130 -19.97 -27.70 -4.05
C THR E 130 -19.35 -26.39 -3.61
N GLY E 131 -18.72 -26.40 -2.44
CA GLY E 131 -18.14 -25.19 -1.95
C GLY E 131 -19.08 -24.37 -1.12
N ALA E 132 -18.69 -23.13 -0.91
CA ALA E 132 -19.43 -22.14 -0.19
C ALA E 132 -19.52 -20.78 -1.01
N SER E 133 -20.58 -20.02 -0.79
CA SER E 133 -20.77 -18.69 -1.38
C SER E 133 -21.09 -17.66 -0.35
N VAL E 134 -20.51 -16.48 -0.56
CA VAL E 134 -20.76 -15.38 0.29
C VAL E 134 -20.86 -14.11 -0.61
N PHE E 135 -21.23 -13.00 0.03
CA PHE E 135 -21.52 -11.83 -0.73
C PHE E 135 -20.71 -10.70 -0.14
N ALA E 136 -20.16 -9.82 -0.99
CA ALA E 136 -19.30 -8.75 -0.63
C ALA E 136 -20.08 -7.45 -0.98
N TYR E 137 -19.98 -6.50 -0.07
CA TYR E 137 -20.62 -5.26 -0.18
C TYR E 137 -19.80 -4.05 0.32
N HIS E 138 -19.77 -2.99 -0.51
CA HIS E 138 -18.98 -1.75 -0.30
C HIS E 138 -19.60 -0.99 0.82
N VAL E 139 -18.86 -0.82 1.90
CA VAL E 139 -19.26 -0.05 3.05
C VAL E 139 -18.32 1.06 3.46
N LEU E 140 -18.81 2.00 4.27
CA LEU E 140 -18.00 3.10 4.78
C LEU E 140 -16.98 2.60 5.88
N ASP E 141 -17.40 1.66 6.73
N ASP E 141 -17.39 1.67 6.74
CA ASP E 141 -16.55 1.18 7.83
CA ASP E 141 -16.54 1.20 7.83
C ASP E 141 -16.27 -0.31 7.78
C ASP E 141 -16.27 -0.31 7.77
N PRO E 142 -15.41 -0.74 6.88
CA PRO E 142 -15.12 -2.14 6.75
C PRO E 142 -14.61 -2.83 7.99
N GLU E 143 -13.97 -2.02 8.82
CA GLU E 143 -13.32 -2.52 10.01
C GLU E 143 -14.26 -3.12 11.02
N ARG E 144 -15.55 -2.91 10.83
CA ARG E 144 -16.52 -3.43 11.74
C ARG E 144 -16.93 -4.86 11.28
N TYR E 145 -16.47 -5.30 10.11
CA TYR E 145 -16.90 -6.57 9.55
C TYR E 145 -15.79 -7.50 9.16
N GLY E 146 -16.20 -8.69 8.68
CA GLY E 146 -15.32 -9.48 7.91
C GLY E 146 -15.07 -8.71 6.62
N VAL E 147 -13.80 -8.68 6.18
CA VAL E 147 -13.39 -7.92 4.99
C VAL E 147 -12.74 -8.83 3.97
N VAL E 148 -13.10 -8.60 2.72
CA VAL E 148 -12.65 -9.43 1.65
C VAL E 148 -11.85 -8.58 0.74
N GLU E 149 -10.59 -8.99 0.50
CA GLU E 149 -9.65 -8.40 -0.43
C GLU E 149 -9.71 -9.07 -1.77
N PHE E 150 -9.68 -8.30 -2.84
CA PHE E 150 -9.69 -8.80 -4.19
C PHE E 150 -8.36 -8.41 -4.90
N ASP E 151 -7.92 -9.16 -5.83
CA ASP E 151 -6.74 -8.75 -6.58
C ASP E 151 -7.13 -7.84 -7.77
N GLN E 152 -6.17 -7.39 -8.57
CA GLN E 152 -6.45 -6.42 -9.69
C GLN E 152 -7.48 -6.97 -10.67
N GLY E 153 -7.54 -8.28 -10.78
CA GLY E 153 -8.58 -8.92 -11.59
C GLY E 153 -9.89 -9.21 -10.95
N GLY E 154 -10.11 -8.70 -9.74
CA GLY E 154 -11.39 -8.97 -9.05
C GLY E 154 -11.67 -10.35 -8.42
N LYS E 155 -10.59 -11.18 -8.24
CA LYS E 155 -10.66 -12.47 -7.63
C LYS E 155 -10.40 -12.26 -6.14
N ALA E 156 -11.21 -12.88 -5.31
CA ALA E 156 -11.07 -12.77 -3.85
C ALA E 156 -9.73 -13.46 -3.47
N ILE E 157 -8.94 -12.82 -2.67
CA ILE E 157 -7.65 -13.36 -2.23
C ILE E 157 -7.43 -13.45 -0.73
N SER E 158 -8.23 -12.77 0.07
N SER E 158 -8.23 -12.77 0.07
CA SER E 158 -8.01 -12.82 1.53
CA SER E 158 -8.01 -12.82 1.53
C SER E 158 -9.23 -12.33 2.27
C SER E 158 -9.23 -12.33 2.27
N LEU E 159 -9.37 -12.84 3.50
CA LEU E 159 -10.39 -12.47 4.40
C LEU E 159 -9.70 -12.18 5.73
N GLU E 160 -10.20 -11.16 6.42
CA GLU E 160 -9.74 -10.78 7.75
C GLU E 160 -10.94 -10.34 8.53
N GLU E 161 -11.09 -10.83 9.73
CA GLU E 161 -12.18 -10.39 10.60
C GLU E 161 -11.79 -9.09 11.38
N LYS E 162 -12.59 -8.05 11.16
CA LYS E 162 -12.50 -6.74 11.85
C LYS E 162 -11.09 -6.24 11.91
N PRO E 163 -10.45 -6.10 10.75
CA PRO E 163 -9.08 -5.59 10.65
C PRO E 163 -8.88 -4.13 11.03
N LEU E 164 -7.91 -3.86 11.87
CA LEU E 164 -7.46 -2.54 12.16
C LEU E 164 -7.08 -1.81 10.89
N GLU E 165 -6.53 -2.48 9.89
CA GLU E 165 -6.15 -1.76 8.69
C GLU E 165 -6.72 -2.54 7.50
N PRO E 166 -7.98 -2.33 7.26
CA PRO E 166 -8.69 -3.07 6.21
C PRO E 166 -8.10 -2.90 4.86
N LYS E 167 -8.06 -4.01 4.11
CA LYS E 167 -7.42 -4.06 2.79
C LYS E 167 -8.32 -3.61 1.65
N SER E 168 -9.56 -3.41 1.97
CA SER E 168 -10.50 -2.81 0.96
C SER E 168 -11.69 -2.38 1.73
N ASN E 169 -12.66 -1.83 1.04
CA ASN E 169 -13.89 -1.44 1.64
C ASN E 169 -15.06 -2.45 1.43
N TYR E 170 -14.75 -3.73 1.17
CA TYR E 170 -15.77 -4.74 0.88
C TYR E 170 -15.95 -5.60 2.14
N ALA E 171 -17.10 -5.42 2.79
CA ALA E 171 -17.46 -6.28 3.90
C ALA E 171 -18.15 -7.53 3.40
N VAL E 172 -17.91 -8.61 4.10
CA VAL E 172 -18.67 -9.87 3.83
C VAL E 172 -20.05 -9.76 4.52
N THR E 173 -21.14 -9.84 3.80
CA THR E 173 -22.46 -9.69 4.55
C THR E 173 -22.87 -10.90 5.34
N GLY E 174 -23.95 -10.80 6.12
CA GLY E 174 -24.39 -11.86 7.06
C GLY E 174 -25.28 -12.90 6.41
N LEU E 175 -24.95 -13.37 5.22
CA LEU E 175 -25.63 -14.38 4.55
C LEU E 175 -24.63 -15.30 3.82
N TYR E 176 -24.67 -16.56 4.13
CA TYR E 176 -23.62 -17.54 3.69
C TYR E 176 -24.34 -18.84 3.23
N PHE E 177 -23.85 -19.39 2.15
CA PHE E 177 -24.30 -20.64 1.56
C PHE E 177 -23.15 -21.70 1.68
N TYR E 178 -23.45 -22.87 2.29
CA TYR E 178 -22.51 -23.90 2.41
C TYR E 178 -22.94 -25.30 1.85
N ASP E 179 -21.92 -26.07 1.48
CA ASP E 179 -22.11 -27.45 1.16
C ASP E 179 -21.99 -28.34 2.35
N GLN E 180 -22.02 -29.65 2.12
CA GLN E 180 -21.87 -30.60 3.23
C GLN E 180 -20.60 -30.55 4.09
N GLN E 181 -19.59 -29.82 3.67
CA GLN E 181 -18.34 -29.78 4.42
C GLN E 181 -18.39 -28.86 5.63
N VAL E 182 -19.42 -28.05 5.74
CA VAL E 182 -19.35 -26.99 6.69
C VAL E 182 -19.28 -27.42 8.13
N VAL E 183 -19.99 -28.48 8.44
CA VAL E 183 -19.98 -28.93 9.90
C VAL E 183 -18.59 -29.33 10.38
N ASP E 184 -17.88 -30.16 9.60
CA ASP E 184 -16.53 -30.63 10.03
C ASP E 184 -15.49 -29.50 10.04
N ILE E 185 -15.64 -28.52 9.12
CA ILE E 185 -14.80 -27.39 9.19
C ILE E 185 -15.00 -26.67 10.54
N ALA E 186 -16.27 -26.51 10.92
CA ALA E 186 -16.55 -25.78 12.14
C ALA E 186 -16.06 -26.61 13.33
N ARG E 187 -16.10 -27.93 13.19
CA ARG E 187 -15.70 -28.80 14.28
C ARG E 187 -14.22 -28.74 14.50
N ASP E 188 -13.48 -28.30 13.47
CA ASP E 188 -12.06 -28.23 13.52
C ASP E 188 -11.46 -26.82 13.73
N LEU E 189 -12.28 -25.79 13.93
CA LEU E 189 -11.75 -24.40 14.10
C LEU E 189 -11.02 -24.04 15.43
N LYS E 190 -10.33 -22.89 15.43
CA LYS E 190 -9.60 -22.41 16.60
C LYS E 190 -10.03 -20.99 17.12
N PRO E 191 -10.60 -20.91 18.33
CA PRO E 191 -11.07 -19.63 18.90
C PRO E 191 -10.13 -18.41 18.82
N SER E 192 -10.51 -17.58 17.88
CA SER E 192 -9.86 -16.32 17.66
C SER E 192 -9.31 -15.66 18.94
N PRO E 193 -8.41 -14.70 18.71
CA PRO E 193 -7.95 -13.82 19.79
C PRO E 193 -9.20 -13.06 20.28
N ARG E 194 -10.06 -12.55 19.40
CA ARG E 194 -11.30 -11.92 19.86
C ARG E 194 -11.84 -12.83 20.99
N GLY E 195 -11.81 -14.15 20.74
CA GLY E 195 -12.25 -15.18 21.68
C GLY E 195 -13.53 -15.92 21.21
N GLU E 196 -13.78 -15.91 19.91
CA GLU E 196 -14.96 -16.56 19.39
C GLU E 196 -14.65 -17.71 18.35
N LEU E 197 -15.72 -18.37 17.94
CA LEU E 197 -15.64 -19.37 16.92
C LEU E 197 -16.16 -18.57 15.69
N GLU E 198 -15.24 -18.07 14.88
CA GLU E 198 -15.42 -17.12 13.77
C GLU E 198 -15.96 -17.62 12.42
N ILE E 199 -17.09 -17.05 11.95
CA ILE E 199 -17.61 -17.46 10.65
C ILE E 199 -16.45 -17.06 9.62
N THR E 200 -15.70 -16.01 9.87
CA THR E 200 -14.59 -15.63 8.95
C THR E 200 -13.60 -16.84 8.78
N ASP E 201 -13.39 -17.55 9.84
CA ASP E 201 -12.43 -18.70 9.77
C ASP E 201 -13.00 -19.85 8.94
N VAL E 202 -14.29 -20.04 9.04
CA VAL E 202 -14.99 -20.99 8.26
C VAL E 202 -14.86 -20.65 6.72
N ASN E 203 -15.23 -19.41 6.38
CA ASN E 203 -15.11 -18.92 5.04
C ASN E 203 -13.67 -19.08 4.48
N ARG E 204 -12.71 -18.74 5.33
CA ARG E 204 -11.33 -18.86 4.92
C ARG E 204 -10.90 -20.30 4.61
N ALA E 205 -11.42 -21.19 5.41
CA ALA E 205 -11.15 -22.64 5.21
C ALA E 205 -11.56 -23.06 3.78
N TYR E 206 -12.73 -22.54 3.27
CA TYR E 206 -13.13 -22.76 1.92
C TYR E 206 -12.20 -22.05 0.93
N LEU E 207 -11.82 -20.81 1.26
CA LEU E 207 -11.01 -20.02 0.42
C LEU E 207 -9.64 -20.71 0.13
N GLU E 208 -9.09 -21.31 1.18
CA GLU E 208 -7.76 -21.91 1.13
C GLU E 208 -7.74 -23.26 0.34
N ARG E 209 -8.94 -23.78 0.06
CA ARG E 209 -9.19 -24.96 -0.83
C ARG E 209 -9.66 -24.53 -2.20
N GLY E 210 -9.69 -23.21 -2.46
CA GLY E 210 -10.16 -22.72 -3.73
C GLY E 210 -11.66 -22.99 -3.93
N GLN E 211 -12.42 -23.13 -2.85
CA GLN E 211 -13.84 -23.46 -2.97
C GLN E 211 -14.75 -22.40 -2.42
N LEU E 212 -14.24 -21.16 -2.37
CA LEU E 212 -15.06 -20.05 -1.97
C LEU E 212 -15.45 -19.20 -3.17
N SER E 213 -16.71 -18.97 -3.32
N SER E 213 -16.73 -18.99 -3.32
CA SER E 213 -17.17 -18.05 -4.34
CA SER E 213 -17.18 -18.06 -4.34
C SER E 213 -17.58 -16.81 -3.60
C SER E 213 -17.59 -16.81 -3.59
N VAL E 214 -17.07 -15.70 -4.03
CA VAL E 214 -17.41 -14.36 -3.45
C VAL E 214 -18.20 -13.55 -4.56
N GLU E 215 -19.53 -13.41 -4.41
CA GLU E 215 -20.40 -12.61 -5.31
C GLU E 215 -20.52 -11.14 -4.78
N ILE E 216 -20.45 -10.19 -5.67
CA ILE E 216 -20.59 -8.77 -5.28
C ILE E 216 -22.05 -8.49 -5.16
N MET E 217 -22.49 -7.93 -4.05
CA MET E 217 -23.84 -7.48 -3.90
C MET E 217 -23.66 -5.99 -4.20
N GLY E 218 -24.08 -5.65 -5.38
CA GLY E 218 -23.94 -4.28 -5.93
C GLY E 218 -24.52 -3.14 -5.14
N ARG E 219 -24.14 -1.94 -5.49
CA ARG E 219 -24.50 -0.78 -4.61
C ARG E 219 -25.98 -0.39 -4.89
N GLY E 220 -26.56 -1.04 -5.84
CA GLY E 220 -28.01 -0.99 -6.13
C GLY E 220 -28.90 -1.75 -5.16
N TYR E 221 -28.30 -2.56 -4.31
CA TYR E 221 -28.90 -3.14 -3.16
C TYR E 221 -28.60 -2.29 -1.90
N ALA E 222 -29.55 -2.25 -0.98
CA ALA E 222 -29.39 -1.66 0.31
C ALA E 222 -29.15 -2.84 1.29
N TRP E 223 -28.04 -2.83 2.02
CA TRP E 223 -27.80 -3.86 3.06
C TRP E 223 -27.70 -2.96 4.26
N LEU E 224 -28.70 -2.99 5.12
CA LEU E 224 -28.73 -2.22 6.38
C LEU E 224 -28.51 -3.04 7.63
N ASP E 225 -27.86 -2.47 8.58
CA ASP E 225 -27.50 -3.16 9.82
C ASP E 225 -28.32 -2.42 10.92
N THR E 226 -28.95 -3.16 11.79
CA THR E 226 -29.89 -2.63 12.70
C THR E 226 -29.46 -2.90 14.10
N GLY E 227 -28.19 -2.96 14.34
CA GLY E 227 -27.76 -3.22 15.68
C GLY E 227 -27.21 -2.01 16.48
N THR E 228 -27.49 -0.75 16.07
CA THR E 228 -27.25 0.41 16.95
C THR E 228 -28.54 1.22 16.95
N HIS E 229 -28.76 2.00 18.00
CA HIS E 229 -29.90 2.91 18.11
C HIS E 229 -30.04 3.77 16.86
N ASP E 230 -28.91 4.26 16.37
CA ASP E 230 -28.92 5.18 15.21
C ASP E 230 -29.31 4.40 13.97
N SER E 231 -28.67 3.27 13.76
CA SER E 231 -28.87 2.37 12.59
C SER E 231 -30.31 1.94 12.45
N LEU E 232 -30.96 1.48 13.54
CA LEU E 232 -32.31 1.05 13.54
C LEU E 232 -33.25 2.20 13.19
N LEU E 233 -32.93 3.42 13.57
CA LEU E 233 -33.82 4.51 13.22
C LEU E 233 -33.75 4.74 11.65
N GLU E 234 -32.54 4.65 11.11
CA GLU E 234 -32.36 4.80 9.70
C GLU E 234 -33.03 3.70 8.95
N ALA E 235 -32.97 2.50 9.49
CA ALA E 235 -33.58 1.44 8.79
C ALA E 235 -35.08 1.59 8.73
N GLY E 236 -35.70 1.89 9.88
CA GLY E 236 -37.11 2.11 9.99
C GLY E 236 -37.60 3.14 8.93
N GLN E 237 -36.93 4.28 8.85
CA GLN E 237 -37.25 5.40 7.98
C GLN E 237 -37.12 4.86 6.59
N PHE E 238 -36.08 4.07 6.37
CA PHE E 238 -35.90 3.54 5.01
C PHE E 238 -37.08 2.72 4.51
N ILE E 239 -37.47 1.70 5.30
CA ILE E 239 -38.60 0.88 5.01
C ILE E 239 -39.93 1.69 4.87
N ALA E 240 -40.08 2.67 5.75
CA ALA E 240 -41.25 3.52 5.83
C ALA E 240 -41.40 4.20 4.53
N THR E 241 -40.30 4.77 4.07
CA THR E 241 -40.32 5.52 2.81
C THR E 241 -40.66 4.67 1.60
N LEU E 242 -40.15 3.47 1.58
CA LEU E 242 -40.42 2.64 0.46
C LEU E 242 -41.86 2.15 0.53
N GLU E 243 -42.25 1.79 1.71
CA GLU E 243 -43.65 1.17 1.86
C GLU E 243 -44.76 2.21 1.60
N ASN E 244 -44.50 3.44 2.07
CA ASN E 244 -45.47 4.43 1.89
C ASN E 244 -45.55 4.91 0.44
N ARG E 245 -44.43 4.87 -0.22
CA ARG E 245 -44.37 5.26 -1.63
C ARG E 245 -45.10 4.24 -2.59
N GLN E 246 -44.88 2.96 -2.35
CA GLN E 246 -45.37 1.90 -3.23
C GLN E 246 -46.74 1.42 -2.86
N GLY E 247 -47.11 1.68 -1.60
CA GLY E 247 -48.24 0.99 -0.94
C GLY E 247 -48.10 -0.58 -0.94
N LEU E 248 -46.87 -1.06 -0.92
CA LEU E 248 -46.53 -2.46 -0.87
C LEU E 248 -45.59 -2.62 0.35
N LYS E 249 -45.47 -3.84 0.88
CA LYS E 249 -44.56 -4.12 1.93
C LYS E 249 -43.29 -4.78 1.54
N VAL E 250 -42.28 -4.50 2.34
CA VAL E 250 -40.99 -5.10 2.12
C VAL E 250 -40.87 -6.21 3.12
N ALA E 251 -40.58 -7.44 2.66
CA ALA E 251 -40.30 -8.59 3.54
C ALA E 251 -41.45 -9.03 4.37
N CYS E 252 -42.60 -9.16 3.71
CA CYS E 252 -43.79 -9.63 4.31
C CYS E 252 -43.86 -11.16 4.02
N PRO E 253 -43.61 -11.97 5.00
CA PRO E 253 -43.49 -13.42 4.77
C PRO E 253 -44.76 -14.09 4.24
N GLU E 254 -45.93 -13.67 4.74
CA GLU E 254 -47.17 -14.23 4.23
C GLU E 254 -47.21 -14.00 2.75
N GLU E 255 -46.89 -12.78 2.34
CA GLU E 255 -46.93 -12.41 0.90
C GLU E 255 -45.99 -13.22 0.11
N ILE E 256 -44.77 -13.36 0.64
CA ILE E 256 -43.77 -14.16 -0.04
C ILE E 256 -44.17 -15.63 -0.16
N ALA E 257 -44.72 -16.20 0.93
CA ALA E 257 -45.15 -17.57 0.93
C ALA E 257 -46.29 -17.85 -0.17
N TYR E 258 -47.18 -16.90 -0.27
CA TYR E 258 -48.25 -16.95 -1.24
C TYR E 258 -47.81 -16.90 -2.70
N ARG E 259 -46.87 -15.99 -2.97
N ARG E 259 -46.88 -15.99 -2.98
CA ARG E 259 -46.35 -15.83 -4.31
CA ARG E 259 -46.35 -15.82 -4.32
C ARG E 259 -45.58 -17.06 -4.75
C ARG E 259 -45.59 -17.04 -4.77
N GLN E 260 -45.06 -17.79 -3.76
N GLN E 260 -45.07 -17.76 -3.79
CA GLN E 260 -44.24 -18.96 -4.00
CA GLN E 260 -44.24 -18.95 -4.01
C GLN E 260 -45.09 -20.22 -4.00
C GLN E 260 -45.10 -20.22 -4.00
N LYS E 261 -46.42 -20.07 -3.88
CA LYS E 261 -47.30 -21.21 -3.86
C LYS E 261 -47.11 -22.21 -2.74
N TRP E 262 -46.57 -21.73 -1.62
CA TRP E 262 -46.36 -22.52 -0.41
C TRP E 262 -47.63 -22.48 0.43
N ILE E 263 -48.44 -21.46 0.27
CA ILE E 263 -49.80 -21.42 0.91
C ILE E 263 -50.73 -20.99 -0.22
N ASP E 264 -52.04 -21.24 -0.15
CA ASP E 264 -52.93 -20.78 -1.27
C ASP E 264 -53.80 -19.60 -0.82
N ALA E 265 -54.73 -19.22 -1.69
CA ALA E 265 -55.57 -18.07 -1.43
C ALA E 265 -56.36 -18.24 -0.16
N ALA E 266 -56.82 -19.47 0.05
CA ALA E 266 -57.71 -19.69 1.17
C ALA E 266 -56.92 -19.55 2.45
N GLN E 267 -55.68 -20.03 2.38
CA GLN E 267 -54.75 -20.00 3.48
C GLN E 267 -54.36 -18.57 3.82
N LEU E 268 -54.09 -17.77 2.80
CA LEU E 268 -53.75 -16.40 3.03
C LEU E 268 -54.90 -15.64 3.66
N GLU E 269 -56.10 -15.91 3.24
CA GLU E 269 -57.29 -15.20 3.77
C GLU E 269 -57.43 -15.54 5.24
N LYS E 270 -57.16 -16.80 5.56
CA LYS E 270 -57.19 -17.23 6.99
C LYS E 270 -56.17 -16.41 7.84
N LEU E 271 -54.99 -16.10 7.28
CA LEU E 271 -53.97 -15.33 8.00
C LEU E 271 -54.39 -13.90 8.10
N ALA E 272 -55.12 -13.41 7.12
CA ALA E 272 -55.61 -12.03 7.14
C ALA E 272 -56.66 -11.73 8.25
N ALA E 273 -57.52 -12.70 8.52
CA ALA E 273 -58.64 -12.55 9.51
C ALA E 273 -58.27 -11.86 10.84
N PRO E 274 -57.40 -12.42 11.63
CA PRO E 274 -57.05 -11.80 12.92
C PRO E 274 -56.39 -10.47 12.82
N LEU E 275 -55.91 -10.08 11.66
CA LEU E 275 -55.23 -8.82 11.56
C LEU E 275 -56.11 -7.80 10.87
N ALA E 276 -57.34 -8.21 10.60
CA ALA E 276 -58.26 -7.42 9.78
C ALA E 276 -58.46 -5.99 10.26
N LYS E 277 -58.45 -5.79 11.56
CA LYS E 277 -58.70 -4.45 12.06
C LYS E 277 -57.54 -3.45 11.88
N ASN E 278 -56.40 -3.97 11.46
CA ASN E 278 -55.21 -3.21 11.24
C ASN E 278 -54.67 -3.28 9.81
N GLY E 279 -53.76 -2.36 9.56
CA GLY E 279 -53.17 -2.21 8.23
C GLY E 279 -52.46 -3.43 7.71
N TYR E 280 -51.96 -4.29 8.57
CA TYR E 280 -51.17 -5.41 8.03
C TYR E 280 -52.15 -6.44 7.43
N GLY E 281 -53.23 -6.68 8.17
CA GLY E 281 -54.26 -7.60 7.69
C GLY E 281 -54.94 -7.08 6.46
N GLN E 282 -55.18 -5.78 6.47
CA GLN E 282 -55.81 -5.09 5.31
C GLN E 282 -54.96 -5.33 4.06
N TYR E 283 -53.65 -5.18 4.23
CA TYR E 283 -52.70 -5.52 3.12
C TYR E 283 -52.80 -6.92 2.64
N LEU E 284 -52.79 -7.86 3.55
CA LEU E 284 -52.79 -9.24 3.12
C LEU E 284 -54.05 -9.52 2.33
N LYS E 285 -55.15 -8.93 2.76
CA LYS E 285 -56.45 -9.14 2.05
C LYS E 285 -56.42 -8.64 0.61
N ARG E 286 -55.83 -7.46 0.45
CA ARG E 286 -55.71 -6.86 -0.87
C ARG E 286 -54.88 -7.72 -1.86
N LEU E 287 -53.91 -8.46 -1.35
CA LEU E 287 -53.06 -9.25 -2.22
C LEU E 287 -53.81 -10.33 -2.91
N LEU E 288 -54.98 -10.63 -2.36
CA LEU E 288 -55.79 -11.64 -2.91
C LEU E 288 -56.49 -11.20 -4.24
N THR E 289 -56.68 -9.91 -4.39
CA THR E 289 -57.39 -9.43 -5.55
C THR E 289 -56.60 -8.44 -6.44
N GLU E 290 -55.37 -8.19 -6.08
CA GLU E 290 -54.51 -7.36 -6.86
C GLU E 290 -53.41 -8.16 -7.54
N THR E 291 -53.20 -7.84 -8.81
CA THR E 291 -52.06 -8.39 -9.55
C THR E 291 -50.86 -7.46 -9.31
N VAL E 292 -49.81 -7.95 -8.65
CA VAL E 292 -48.65 -7.12 -8.37
C VAL E 292 -47.47 -7.77 -9.12
N TYR E 293 -46.80 -7.05 -10.06
CA TYR E 293 -45.74 -7.59 -10.84
C TYR E 293 -44.39 -7.69 -10.10
N MET F 1 -50.70 18.04 50.75
CA MET F 1 -50.99 16.61 50.83
C MET F 1 -50.18 15.74 49.80
N LYS F 2 -49.99 14.47 50.08
CA LYS F 2 -49.25 13.53 49.16
C LYS F 2 -50.02 13.17 47.85
N ARG F 3 -49.33 13.20 46.71
CA ARG F 3 -49.94 12.80 45.40
C ARG F 3 -49.23 11.55 44.89
N LYS F 4 -49.98 10.54 44.59
CA LYS F 4 -49.53 9.27 44.06
C LYS F 4 -49.72 9.29 42.52
N GLY F 5 -48.91 8.58 41.81
CA GLY F 5 -48.97 8.49 40.41
C GLY F 5 -49.34 7.16 39.82
N ILE F 6 -49.97 7.21 38.63
CA ILE F 6 -50.38 5.99 37.96
C ILE F 6 -49.87 6.17 36.55
N ILE F 7 -49.25 5.12 35.98
CA ILE F 7 -48.95 5.10 34.53
C ILE F 7 -49.90 4.06 33.96
N LEU F 8 -50.63 4.39 32.88
CA LEU F 8 -51.48 3.38 32.27
C LEU F 8 -50.80 2.82 31.13
N ALA F 9 -50.29 1.58 31.28
CA ALA F 9 -49.48 1.04 30.21
C ALA F 9 -50.01 -0.28 29.75
N GLY F 10 -51.27 -0.33 29.43
CA GLY F 10 -51.81 -1.64 29.13
C GLY F 10 -52.23 -1.61 27.70
N GLY F 11 -53.26 -2.39 27.36
CA GLY F 11 -54.02 -2.14 26.14
C GLY F 11 -53.71 -3.00 25.00
N SER F 12 -54.39 -2.59 23.93
CA SER F 12 -54.36 -3.16 22.63
C SER F 12 -53.00 -3.04 22.04
N GLY F 13 -52.75 -4.02 21.20
CA GLY F 13 -51.61 -4.07 20.33
C GLY F 13 -52.25 -4.20 18.93
N THR F 14 -53.48 -4.81 18.88
CA THR F 14 -54.18 -5.16 17.64
C THR F 14 -53.93 -4.23 16.50
N ARG F 15 -53.85 -2.93 16.80
CA ARG F 15 -53.39 -1.95 15.82
C ARG F 15 -52.02 -2.41 15.37
N LEU F 16 -51.02 -2.15 16.25
CA LEU F 16 -49.54 -2.21 16.02
C LEU F 16 -48.98 -3.58 15.65
N HIS F 17 -49.85 -4.58 15.53
CA HIS F 17 -49.37 -5.89 15.11
C HIS F 17 -49.05 -5.85 13.62
N PRO F 18 -48.27 -6.83 13.19
CA PRO F 18 -47.64 -7.84 14.07
C PRO F 18 -46.44 -7.28 14.82
N ALA F 19 -46.05 -6.05 14.50
CA ALA F 19 -44.91 -5.38 15.08
C ALA F 19 -44.77 -5.65 16.57
N THR F 20 -45.89 -5.68 17.29
CA THR F 20 -45.87 -5.94 18.72
C THR F 20 -46.29 -7.30 19.12
N LEU F 21 -46.05 -8.32 18.30
CA LEU F 21 -46.53 -9.63 18.75
C LEU F 21 -45.70 -10.15 19.94
N ALA F 22 -44.40 -9.83 19.93
CA ALA F 22 -43.37 -10.30 20.89
C ALA F 22 -43.10 -9.32 22.06
N ILE F 23 -43.25 -8.02 21.74
CA ILE F 23 -43.04 -6.96 22.69
C ILE F 23 -44.23 -6.01 22.61
N SER F 24 -44.84 -5.83 23.76
CA SER F 24 -45.95 -4.92 23.92
C SER F 24 -45.44 -3.43 23.85
N LYS F 25 -46.26 -2.49 23.40
CA LYS F 25 -45.84 -1.14 22.94
C LYS F 25 -45.00 -0.40 23.93
N GLN F 26 -45.36 -0.47 25.24
CA GLN F 26 -44.69 0.37 26.25
C GLN F 26 -43.34 -0.12 26.71
N LEU F 27 -43.02 -1.32 26.24
CA LEU F 27 -41.69 -1.91 26.46
C LEU F 27 -40.77 -1.75 25.24
N LEU F 28 -41.31 -1.27 24.12
CA LEU F 28 -40.50 -0.99 22.91
C LEU F 28 -39.62 0.24 23.14
N PRO F 29 -38.39 0.35 22.65
CA PRO F 29 -37.61 1.60 22.92
C PRO F 29 -38.03 2.73 22.00
N VAL F 30 -37.96 3.93 22.55
CA VAL F 30 -38.05 5.16 21.78
C VAL F 30 -36.59 5.68 21.71
N TYR F 31 -35.95 5.44 20.55
CA TYR F 31 -34.47 5.71 20.39
C TYR F 31 -33.64 4.88 21.34
N ASP F 32 -33.35 5.28 22.55
CA ASP F 32 -32.37 4.60 23.31
C ASP F 32 -32.80 4.13 24.67
N LYS F 33 -34.08 4.18 24.98
CA LYS F 33 -34.55 3.73 26.24
C LYS F 33 -36.01 3.29 26.10
N PRO F 34 -36.46 2.43 27.01
CA PRO F 34 -37.83 1.89 26.87
C PRO F 34 -38.86 3.05 27.01
N MET F 35 -39.91 2.91 26.26
N MET F 35 -39.92 2.90 26.26
CA MET F 35 -40.99 3.87 26.19
CA MET F 35 -40.99 3.87 26.18
C MET F 35 -41.48 4.32 27.55
C MET F 35 -41.48 4.32 27.54
N ILE F 36 -41.69 3.38 28.43
CA ILE F 36 -42.17 3.68 29.78
C ILE F 36 -41.29 4.67 30.61
N TYR F 37 -39.98 4.79 30.28
CA TYR F 37 -39.11 5.61 31.02
C TYR F 37 -39.62 7.07 30.78
N TYR F 38 -40.33 7.31 29.67
CA TYR F 38 -40.67 8.71 29.38
C TYR F 38 -41.80 9.27 30.33
N PRO F 39 -42.95 8.62 30.32
CA PRO F 39 -43.99 8.98 31.26
C PRO F 39 -43.56 8.84 32.76
N LEU F 40 -42.73 7.84 33.12
CA LEU F 40 -42.13 7.77 34.42
C LEU F 40 -41.41 9.02 34.75
N SER F 41 -40.55 9.45 33.83
N SER F 41 -40.55 9.45 33.83
CA SER F 41 -39.75 10.63 34.03
CA SER F 41 -39.77 10.64 34.04
C SER F 41 -40.68 11.83 34.29
C SER F 41 -40.68 11.83 34.29
N THR F 42 -41.74 11.94 33.52
CA THR F 42 -42.72 13.03 33.69
C THR F 42 -43.33 13.05 35.15
N LEU F 43 -43.76 11.92 35.66
CA LEU F 43 -44.21 11.84 37.02
C LEU F 43 -43.10 12.24 38.02
N MET F 44 -41.89 11.78 37.78
CA MET F 44 -40.79 12.16 38.65
C MET F 44 -40.50 13.66 38.68
N LEU F 45 -40.65 14.29 37.52
CA LEU F 45 -40.47 15.72 37.34
C LEU F 45 -41.54 16.50 38.04
N ALA F 46 -42.74 15.91 38.21
CA ALA F 46 -43.87 16.47 38.96
C ALA F 46 -43.72 16.26 40.49
N GLY F 47 -42.65 15.61 40.92
CA GLY F 47 -42.29 15.38 42.26
C GLY F 47 -42.90 14.16 42.85
N ILE F 48 -43.38 13.21 42.02
CA ILE F 48 -44.12 12.06 42.50
C ILE F 48 -43.22 10.81 42.57
N ARG F 49 -43.16 10.19 43.74
CA ARG F 49 -42.22 9.08 44.00
C ARG F 49 -42.95 7.74 44.20
N GLU F 50 -44.27 7.78 44.41
CA GLU F 50 -45.06 6.61 44.59
C GLU F 50 -46.00 6.42 43.40
N ILE F 51 -45.69 5.37 42.63
CA ILE F 51 -46.20 5.15 41.41
C ILE F 51 -46.66 3.79 41.14
N LEU F 52 -47.85 3.73 40.56
CA LEU F 52 -48.54 2.45 40.13
C LEU F 52 -48.41 2.28 38.64
N ILE F 53 -47.91 1.12 38.23
CA ILE F 53 -47.74 0.72 36.84
C ILE F 53 -48.88 -0.26 36.47
N ILE F 54 -49.88 0.19 35.68
CA ILE F 54 -50.90 -0.65 35.26
C ILE F 54 -50.55 -1.29 33.86
N SER F 55 -50.58 -2.58 33.76
CA SER F 55 -50.32 -3.27 32.52
C SER F 55 -51.16 -4.52 32.39
N THR F 56 -51.09 -5.21 31.25
CA THR F 56 -51.82 -6.47 31.06
C THR F 56 -51.21 -7.47 32.02
N PRO F 57 -51.92 -8.55 32.43
CA PRO F 57 -51.30 -9.55 33.33
C PRO F 57 -50.06 -10.18 32.81
N GLN F 58 -50.05 -10.41 31.49
CA GLN F 58 -48.90 -10.98 30.88
C GLN F 58 -47.69 -10.05 30.83
N ASP F 59 -47.87 -8.73 30.78
CA ASP F 59 -46.76 -7.84 30.82
C ASP F 59 -46.23 -7.49 32.28
N THR F 60 -47.06 -7.65 33.34
CA THR F 60 -46.52 -7.43 34.64
C THR F 60 -45.17 -7.95 34.97
N PRO F 61 -44.85 -9.23 34.80
CA PRO F 61 -43.48 -9.69 35.16
C PRO F 61 -42.41 -8.95 34.36
N ARG F 62 -42.77 -8.61 33.12
CA ARG F 62 -41.86 -7.95 32.22
C ARG F 62 -41.60 -6.48 32.68
N PHE F 63 -42.62 -5.76 33.00
CA PHE F 63 -42.35 -4.40 33.53
C PHE F 63 -41.63 -4.51 34.90
N GLN F 64 -41.96 -5.55 35.68
CA GLN F 64 -41.39 -5.74 37.04
C GLN F 64 -39.92 -6.12 36.87
N GLN F 65 -39.62 -6.91 35.86
CA GLN F 65 -38.20 -7.22 35.53
C GLN F 65 -37.41 -6.00 35.20
N LEU F 66 -38.05 -5.11 34.50
CA LEU F 66 -37.42 -3.87 34.12
C LEU F 66 -37.20 -2.79 35.19
N LEU F 67 -38.24 -2.52 35.97
CA LEU F 67 -38.29 -1.44 36.92
C LEU F 67 -38.20 -1.78 38.40
N GLY F 68 -38.29 -3.03 38.76
CA GLY F 68 -38.27 -3.50 40.13
C GLY F 68 -39.24 -2.83 41.04
N ASP F 69 -38.86 -2.62 42.25
CA ASP F 69 -39.73 -1.97 43.16
C ASP F 69 -39.44 -0.44 43.26
N GLY F 70 -38.51 0.07 42.47
CA GLY F 70 -38.25 1.49 42.41
C GLY F 70 -37.14 2.00 43.28
N SER F 71 -36.80 1.17 44.26
CA SER F 71 -35.88 1.50 45.33
C SER F 71 -34.53 1.90 44.83
N ASN F 72 -34.04 1.26 43.80
CA ASN F 72 -32.83 1.69 43.16
C ASN F 72 -32.84 3.10 42.66
N TRP F 73 -34.01 3.69 42.42
CA TRP F 73 -34.13 5.06 41.85
C TRP F 73 -34.78 6.02 42.81
N GLY F 74 -34.82 5.68 44.08
CA GLY F 74 -35.52 6.52 45.07
C GLY F 74 -37.09 6.52 45.01
N LEU F 75 -37.66 5.53 44.35
CA LEU F 75 -39.10 5.52 44.09
C LEU F 75 -39.73 4.39 44.85
N ASP F 76 -41.05 4.38 44.89
CA ASP F 76 -41.81 3.22 45.44
C ASP F 76 -42.84 2.82 44.35
N LEU F 77 -42.48 1.78 43.59
CA LEU F 77 -43.27 1.24 42.52
C LEU F 77 -44.11 0.03 42.82
N GLN F 78 -45.38 0.11 42.42
CA GLN F 78 -46.25 -1.05 42.65
C GLN F 78 -46.90 -1.40 41.29
N TYR F 79 -47.45 -2.60 41.15
CA TYR F 79 -48.04 -3.13 39.96
C TYR F 79 -49.49 -3.49 40.04
N ALA F 80 -50.21 -3.30 38.89
CA ALA F 80 -51.67 -3.57 38.79
C ALA F 80 -52.04 -3.96 37.39
N VAL F 81 -53.18 -4.57 37.22
CA VAL F 81 -53.50 -5.21 35.98
C VAL F 81 -54.79 -4.66 35.38
N GLN F 82 -54.82 -4.65 34.07
CA GLN F 82 -55.92 -4.27 33.27
C GLN F 82 -55.92 -5.30 32.09
N PRO F 83 -56.68 -6.34 32.21
CA PRO F 83 -56.70 -7.39 31.18
C PRO F 83 -57.12 -6.82 29.81
N SER F 84 -58.14 -6.01 29.87
CA SER F 84 -58.78 -5.49 28.68
C SER F 84 -58.81 -4.03 28.63
N PRO F 85 -58.54 -3.50 27.46
CA PRO F 85 -58.49 -2.05 27.27
C PRO F 85 -59.91 -1.50 27.29
N ASP F 86 -60.50 -1.37 28.48
CA ASP F 86 -61.90 -1.02 28.53
C ASP F 86 -62.11 0.49 28.88
N GLY F 87 -61.10 1.30 28.72
CA GLY F 87 -61.19 2.75 28.96
C GLY F 87 -60.23 3.25 29.97
N LEU F 88 -59.75 4.47 29.79
CA LEU F 88 -58.69 4.95 30.57
C LEU F 88 -59.18 5.18 31.99
N ALA F 89 -60.44 5.53 32.15
CA ALA F 89 -61.03 5.78 33.52
C ALA F 89 -60.98 4.63 34.44
N GLN F 90 -60.97 3.44 33.85
CA GLN F 90 -60.76 2.24 34.63
C GLN F 90 -59.58 2.32 35.54
N ALA F 91 -58.58 3.19 35.19
CA ALA F 91 -57.38 3.22 35.94
C ALA F 91 -57.60 3.61 37.40
N PHE F 92 -58.67 4.32 37.56
CA PHE F 92 -59.06 4.83 38.89
C PHE F 92 -59.75 3.72 39.73
N LEU F 93 -60.40 2.80 39.08
CA LEU F 93 -60.97 1.69 39.79
C LEU F 93 -59.87 0.63 40.11
N ILE F 94 -59.03 0.39 39.09
CA ILE F 94 -57.91 -0.53 39.15
C ILE F 94 -57.05 -0.04 40.24
N GLY F 95 -56.94 1.28 40.35
CA GLY F 95 -56.03 1.88 41.28
C GLY F 95 -56.64 2.26 42.59
N GLU F 96 -57.95 2.04 42.77
CA GLU F 96 -58.61 2.44 44.07
C GLU F 96 -57.75 2.17 45.40
N SER F 97 -57.32 0.93 45.57
CA SER F 97 -56.57 0.61 46.75
C SER F 97 -55.23 1.32 46.88
N PHE F 98 -54.62 1.66 45.75
CA PHE F 98 -53.33 2.23 45.72
C PHE F 98 -53.50 3.73 46.03
N ILE F 99 -54.56 4.33 45.59
CA ILE F 99 -54.67 5.81 45.77
C ILE F 99 -55.04 6.11 47.23
N GLY F 100 -55.85 5.21 47.82
CA GLY F 100 -56.40 5.45 49.15
C GLY F 100 -57.14 6.75 49.24
N ASN F 101 -56.72 7.55 50.21
CA ASN F 101 -57.28 8.83 50.45
C ASN F 101 -56.32 9.93 49.95
N ASP F 102 -55.47 9.63 48.98
CA ASP F 102 -54.55 10.65 48.55
C ASP F 102 -54.92 11.37 47.24
N LEU F 103 -54.24 12.46 46.99
CA LEU F 103 -54.26 13.07 45.60
C LEU F 103 -53.63 12.10 44.64
N SER F 104 -53.84 12.36 43.34
CA SER F 104 -53.28 11.51 42.35
C SER F 104 -53.03 12.22 41.03
N ALA F 105 -52.27 11.51 40.24
CA ALA F 105 -51.95 11.86 38.85
C ALA F 105 -51.87 10.62 37.98
N LEU F 106 -52.40 10.73 36.75
CA LEU F 106 -52.39 9.73 35.77
C LEU F 106 -51.67 10.17 34.55
N VAL F 107 -50.79 9.34 34.08
CA VAL F 107 -50.22 9.56 32.75
C VAL F 107 -50.33 8.33 31.88
N LEU F 108 -50.46 8.59 30.56
CA LEU F 108 -50.55 7.51 29.62
C LEU F 108 -49.21 6.97 29.24
N GLY F 109 -49.12 5.67 29.01
CA GLY F 109 -47.84 5.05 28.89
C GLY F 109 -47.05 5.25 27.61
N ASP F 110 -47.70 5.73 26.59
CA ASP F 110 -47.11 5.95 25.27
C ASP F 110 -47.05 7.48 24.93
N ASN F 111 -47.31 8.33 25.91
CA ASN F 111 -47.09 9.82 25.77
C ASN F 111 -45.68 10.32 26.23
N LEU F 112 -45.12 11.23 25.42
CA LEU F 112 -43.85 11.70 25.66
C LEU F 112 -43.99 13.23 25.65
N TYR F 113 -43.40 13.86 26.59
CA TYR F 113 -43.41 15.28 26.82
C TYR F 113 -42.00 15.89 26.86
N TYR F 114 -41.81 16.99 26.11
CA TYR F 114 -40.45 17.68 26.13
C TYR F 114 -40.65 19.17 26.10
N GLY F 115 -39.79 19.89 26.82
CA GLY F 115 -39.68 21.34 26.78
C GLY F 115 -39.27 22.11 28.00
N HIS F 116 -39.01 23.40 27.85
CA HIS F 116 -38.50 24.20 28.89
C HIS F 116 -39.43 24.54 30.03
N ASP F 117 -38.88 24.41 31.26
CA ASP F 117 -39.64 24.67 32.47
C ASP F 117 -40.88 23.76 32.66
N PHE F 118 -40.78 22.51 32.23
CA PHE F 118 -41.86 21.53 32.25
C PHE F 118 -42.00 21.21 33.67
N HIS F 119 -40.93 21.47 34.38
CA HIS F 119 -40.89 21.17 35.76
C HIS F 119 -41.87 22.09 36.50
N GLU F 120 -41.88 23.33 36.08
CA GLU F 120 -42.76 24.33 36.57
C GLU F 120 -44.16 24.26 35.95
N LEU F 121 -44.33 23.86 34.66
CA LEU F 121 -45.69 23.69 34.16
C LEU F 121 -46.43 22.62 35.02
N LEU F 122 -45.73 21.62 35.50
CA LEU F 122 -46.34 20.53 36.29
C LEU F 122 -46.66 20.96 37.74
N GLY F 123 -45.62 21.50 38.41
CA GLY F 123 -45.69 21.89 39.79
C GLY F 123 -46.98 22.64 40.14
N SER F 124 -47.50 23.45 39.25
CA SER F 124 -48.72 24.21 39.63
C SER F 124 -50.06 23.42 39.59
N ALA F 125 -50.15 22.40 38.71
CA ALA F 125 -51.28 21.48 38.74
C ALA F 125 -51.04 20.65 39.94
N SER F 126 -49.80 20.45 40.22
CA SER F 126 -49.40 19.67 41.34
C SER F 126 -49.90 20.31 42.66
N GLN F 127 -49.96 21.65 42.71
CA GLN F 127 -50.13 22.37 43.95
C GLN F 127 -51.62 22.45 44.39
N ARG F 128 -52.51 22.48 43.40
CA ARG F 128 -53.95 22.52 43.66
C ARG F 128 -54.40 21.30 44.40
N GLN F 129 -54.92 21.52 45.58
CA GLN F 129 -55.33 20.45 46.40
C GLN F 129 -56.82 20.11 46.26
N THR F 130 -57.54 20.90 45.50
CA THR F 130 -58.94 20.69 45.22
C THR F 130 -59.20 20.77 43.69
N GLY F 131 -60.08 19.88 43.24
CA GLY F 131 -60.47 19.76 41.85
C GLY F 131 -59.47 18.93 41.08
N ALA F 132 -59.53 19.13 39.77
CA ALA F 132 -58.67 18.47 38.82
C ALA F 132 -58.01 19.48 37.83
N SER F 133 -56.84 19.09 37.26
CA SER F 133 -56.15 19.87 36.29
C SER F 133 -55.69 18.96 35.12
N VAL F 134 -55.87 19.48 33.93
CA VAL F 134 -55.51 18.88 32.69
C VAL F 134 -54.89 19.92 31.74
N PHE F 135 -54.26 19.45 30.66
CA PHE F 135 -53.57 20.33 29.79
C PHE F 135 -54.14 20.19 28.40
N ALA F 136 -54.15 21.33 27.68
CA ALA F 136 -54.73 21.40 26.33
C ALA F 136 -53.56 21.76 25.39
N TYR F 137 -53.58 21.12 24.25
CA TYR F 137 -52.50 21.19 23.25
C TYR F 137 -53.04 21.14 21.81
N HIS F 138 -52.69 22.18 21.04
CA HIS F 138 -53.11 22.38 19.70
C HIS F 138 -52.51 21.25 18.87
N VAL F 139 -53.40 20.56 18.17
CA VAL F 139 -53.04 19.42 17.31
C VAL F 139 -53.60 19.53 15.96
N LEU F 140 -53.01 18.83 14.97
CA LEU F 140 -53.57 18.76 13.63
C LEU F 140 -54.85 17.86 13.59
N ASP F 141 -54.92 16.89 14.44
CA ASP F 141 -56.01 15.88 14.33
C ASP F 141 -56.89 15.73 15.63
N PRO F 142 -57.56 16.78 16.07
CA PRO F 142 -58.29 16.80 17.40
C PRO F 142 -59.24 15.65 17.61
N GLU F 143 -59.72 15.10 16.47
CA GLU F 143 -60.77 14.10 16.52
C GLU F 143 -60.37 12.77 17.06
N ARG F 144 -59.08 12.53 17.14
CA ARG F 144 -58.51 11.40 17.76
C ARG F 144 -58.40 11.41 19.29
N TYR F 145 -58.75 12.55 19.84
CA TYR F 145 -58.57 12.83 21.24
C TYR F 145 -59.84 13.37 21.92
N GLY F 146 -59.69 13.55 23.21
CA GLY F 146 -60.49 14.31 24.05
C GLY F 146 -60.27 15.77 23.63
N VAL F 147 -61.31 16.48 23.27
CA VAL F 147 -61.24 17.82 22.77
C VAL F 147 -61.88 18.89 23.67
N VAL F 148 -61.13 20.00 23.92
CA VAL F 148 -61.63 21.06 24.77
C VAL F 148 -62.03 22.33 24.01
N GLU F 149 -63.24 22.76 24.13
CA GLU F 149 -63.75 24.01 23.61
C GLU F 149 -63.60 25.14 24.67
N PHE F 150 -63.20 26.31 24.21
CA PHE F 150 -63.00 27.48 25.05
C PHE F 150 -64.00 28.56 24.48
N ASP F 151 -64.42 29.46 25.33
CA ASP F 151 -65.26 30.66 24.91
C ASP F 151 -64.31 31.79 24.52
N GLN F 152 -64.86 32.94 24.11
CA GLN F 152 -64.05 34.06 23.60
C GLN F 152 -63.02 34.53 24.52
N GLY F 153 -63.22 34.38 25.83
CA GLY F 153 -62.18 34.69 26.86
C GLY F 153 -61.24 33.58 27.24
N GLY F 154 -61.23 32.49 26.47
CA GLY F 154 -60.29 31.41 26.74
C GLY F 154 -60.61 30.48 27.92
N LYS F 155 -61.85 30.58 28.45
CA LYS F 155 -62.16 29.66 29.52
C LYS F 155 -62.70 28.41 28.87
N ALA F 156 -62.38 27.24 29.44
CA ALA F 156 -62.84 25.98 28.94
C ALA F 156 -64.37 25.81 29.18
N ILE F 157 -65.13 25.47 28.18
CA ILE F 157 -66.59 25.32 28.37
C ILE F 157 -67.14 23.97 28.00
N SER F 158 -66.39 23.15 27.26
CA SER F 158 -66.91 21.79 26.94
C SER F 158 -65.84 20.83 26.67
N LEU F 159 -66.14 19.54 26.88
CA LEU F 159 -65.25 18.54 26.49
C LEU F 159 -66.11 17.55 25.63
N GLU F 160 -65.53 16.98 24.58
N GLU F 160 -65.51 16.97 24.59
CA GLU F 160 -66.06 15.86 23.81
CA GLU F 160 -66.09 15.89 23.81
C GLU F 160 -65.02 14.90 23.47
C GLU F 160 -65.02 14.90 23.48
N GLU F 161 -65.31 13.62 23.65
CA GLU F 161 -64.39 12.55 23.32
C GLU F 161 -64.46 12.16 21.80
N LYS F 162 -63.36 12.30 21.10
CA LYS F 162 -63.25 11.91 19.69
C LYS F 162 -64.44 12.36 18.85
N PRO F 163 -64.69 13.66 18.83
CA PRO F 163 -65.87 14.18 18.14
C PRO F 163 -65.69 14.08 16.63
N LEU F 164 -66.78 13.80 15.94
CA LEU F 164 -66.81 13.89 14.47
C LEU F 164 -66.54 15.31 13.95
N GLU F 165 -67.10 16.32 14.61
CA GLU F 165 -66.93 17.74 14.25
C GLU F 165 -66.36 18.56 15.47
N PRO F 166 -65.06 18.47 15.65
CA PRO F 166 -64.39 19.06 16.78
C PRO F 166 -64.62 20.47 16.81
N LYS F 167 -64.90 20.93 18.00
CA LYS F 167 -65.18 22.35 18.19
C LYS F 167 -63.98 23.18 18.27
N SER F 168 -62.83 22.54 18.40
CA SER F 168 -61.59 23.27 18.33
C SER F 168 -60.47 22.34 17.90
N ASN F 169 -59.24 22.89 17.84
CA ASN F 169 -58.09 22.08 17.57
C ASN F 169 -57.27 21.71 18.86
N TYR F 170 -57.85 21.94 20.01
CA TYR F 170 -57.14 21.76 21.28
C TYR F 170 -57.53 20.35 21.86
N ALA F 171 -56.54 19.46 21.85
CA ALA F 171 -56.68 18.19 22.51
C ALA F 171 -56.28 18.24 24.00
N VAL F 172 -56.96 17.42 24.77
CA VAL F 172 -56.55 17.18 26.16
C VAL F 172 -55.46 16.15 26.16
N THR F 173 -54.31 16.51 26.67
CA THR F 173 -53.17 15.61 26.64
C THR F 173 -53.33 14.41 27.57
N GLY F 174 -52.42 13.49 27.52
CA GLY F 174 -52.50 12.32 28.38
C GLY F 174 -51.81 12.36 29.78
N LEU F 175 -52.01 13.47 30.47
CA LEU F 175 -51.47 13.74 31.80
C LEU F 175 -52.57 14.46 32.57
N TYR F 176 -52.89 14.01 33.73
CA TYR F 176 -54.13 14.44 34.43
C TYR F 176 -53.81 14.40 35.95
N PHE F 177 -54.32 15.41 36.68
CA PHE F 177 -54.08 15.63 38.11
C PHE F 177 -55.47 15.66 38.81
N TYR F 178 -55.68 14.83 39.86
CA TYR F 178 -56.91 14.79 40.55
C TYR F 178 -56.80 14.85 42.05
N ASP F 179 -57.85 15.42 42.61
CA ASP F 179 -58.12 15.38 44.06
C ASP F 179 -58.71 14.08 44.50
N GLN F 180 -59.17 13.99 45.77
CA GLN F 180 -59.83 12.76 46.25
C GLN F 180 -61.18 12.41 45.72
N GLN F 181 -61.76 13.23 44.87
CA GLN F 181 -63.05 12.89 44.38
C GLN F 181 -63.01 11.92 43.21
N VAL F 182 -61.84 11.71 42.57
CA VAL F 182 -61.83 10.98 41.31
C VAL F 182 -62.33 9.53 41.40
N VAL F 183 -61.99 8.83 42.48
CA VAL F 183 -62.43 7.40 42.52
C VAL F 183 -63.99 7.36 42.52
N ASP F 184 -64.63 8.18 43.38
CA ASP F 184 -66.08 8.14 43.44
C ASP F 184 -66.71 8.57 42.14
N ILE F 185 -66.05 9.52 41.45
CA ILE F 185 -66.63 9.88 40.14
C ILE F 185 -66.52 8.71 39.14
N ALA F 186 -65.38 8.05 39.05
CA ALA F 186 -65.23 6.94 38.19
C ALA F 186 -66.21 5.78 38.54
N ARG F 187 -66.38 5.47 39.82
CA ARG F 187 -67.25 4.33 40.23
C ARG F 187 -68.71 4.53 39.77
N ASP F 188 -69.16 5.79 39.72
CA ASP F 188 -70.41 6.15 39.18
C ASP F 188 -70.53 6.21 37.66
N LEU F 189 -69.46 6.02 36.91
CA LEU F 189 -69.66 6.10 35.46
C LEU F 189 -70.18 4.83 34.83
N LYS F 190 -70.75 4.98 33.63
CA LYS F 190 -71.19 3.86 32.79
C LYS F 190 -70.46 3.90 31.48
N PRO F 191 -70.15 2.73 30.95
CA PRO F 191 -69.47 2.64 29.68
C PRO F 191 -70.20 3.36 28.55
N SER F 192 -69.41 4.02 27.74
CA SER F 192 -69.91 4.68 26.57
C SER F 192 -70.30 3.66 25.51
N PRO F 193 -70.88 4.15 24.41
CA PRO F 193 -71.26 3.32 23.26
C PRO F 193 -70.05 2.63 22.57
N ARG F 194 -68.87 3.22 22.60
CA ARG F 194 -67.75 2.49 22.03
C ARG F 194 -67.26 1.46 23.06
N GLY F 195 -68.01 1.33 24.18
CA GLY F 195 -67.72 0.38 25.28
C GLY F 195 -66.60 0.76 26.28
N GLU F 196 -66.53 2.02 26.63
CA GLU F 196 -65.41 2.34 27.46
C GLU F 196 -65.77 3.31 28.56
N LEU F 197 -65.05 3.12 29.69
CA LEU F 197 -65.13 4.02 30.81
C LEU F 197 -64.24 5.21 30.42
N GLU F 198 -64.86 6.32 30.12
CA GLU F 198 -64.20 7.49 29.54
C GLU F 198 -63.47 8.47 30.45
N ILE F 199 -62.18 8.72 30.22
CA ILE F 199 -61.43 9.76 31.09
C ILE F 199 -62.09 11.11 30.79
N THR F 200 -62.61 11.26 29.59
CA THR F 200 -63.25 12.53 29.25
C THR F 200 -64.53 12.71 30.14
N ASP F 201 -65.13 11.62 30.49
CA ASP F 201 -66.37 11.69 31.33
C ASP F 201 -66.01 12.13 32.77
N VAL F 202 -64.93 11.62 33.38
CA VAL F 202 -64.40 12.04 34.68
C VAL F 202 -64.07 13.55 34.65
N ASN F 203 -63.34 13.96 33.61
CA ASN F 203 -62.95 15.38 33.45
C ASN F 203 -64.18 16.28 33.31
N ARG F 204 -65.18 15.81 32.54
CA ARG F 204 -66.44 16.56 32.45
C ARG F 204 -67.17 16.65 33.80
N ALA F 205 -67.05 15.64 34.61
CA ALA F 205 -67.74 15.66 35.89
C ALA F 205 -67.14 16.80 36.79
N TYR F 206 -65.82 17.05 36.64
CA TYR F 206 -65.13 18.14 37.31
C TYR F 206 -65.50 19.50 36.69
N LEU F 207 -65.61 19.53 35.38
CA LEU F 207 -65.94 20.73 34.67
C LEU F 207 -67.37 21.16 35.11
N GLU F 208 -68.29 20.20 35.19
CA GLU F 208 -69.71 20.51 35.49
C GLU F 208 -69.88 21.02 36.93
N ARG F 209 -68.84 20.77 37.77
CA ARG F 209 -68.84 21.31 39.11
C ARG F 209 -68.00 22.53 39.26
N GLY F 210 -67.37 22.98 38.18
CA GLY F 210 -66.65 24.16 38.15
C GLY F 210 -65.26 23.93 38.82
N GLN F 211 -64.85 22.69 38.76
CA GLN F 211 -63.61 22.31 39.48
C GLN F 211 -62.55 21.71 38.53
N LEU F 212 -62.65 22.02 37.25
CA LEU F 212 -61.63 21.64 36.23
C LEU F 212 -60.80 22.79 35.84
N SER F 213 -59.52 22.69 36.00
CA SER F 213 -58.64 23.73 35.52
C SER F 213 -58.05 23.17 34.19
N VAL F 214 -58.05 23.96 33.18
CA VAL F 214 -57.50 23.55 31.92
C VAL F 214 -56.36 24.51 31.59
N GLU F 215 -55.10 24.05 31.74
CA GLU F 215 -53.95 24.82 31.39
C GLU F 215 -53.51 24.58 29.96
N ILE F 216 -53.11 25.65 29.27
CA ILE F 216 -52.53 25.57 27.89
C ILE F 216 -51.10 25.06 27.93
N MET F 217 -50.83 24.00 27.15
CA MET F 217 -49.47 23.56 27.01
C MET F 217 -49.13 24.12 25.65
N GLY F 218 -48.40 25.20 25.69
CA GLY F 218 -47.88 25.92 24.57
C GLY F 218 -47.17 25.05 23.46
N ARG F 219 -47.15 25.68 22.32
CA ARG F 219 -46.61 25.04 21.09
C ARG F 219 -45.04 24.91 21.24
N GLY F 220 -44.50 25.62 22.20
CA GLY F 220 -43.10 25.42 22.64
C GLY F 220 -42.67 24.10 23.23
N TYR F 221 -43.66 23.35 23.62
CA TYR F 221 -43.53 21.95 24.15
C TYR F 221 -43.92 21.03 23.05
N ALA F 222 -43.29 19.85 23.09
CA ALA F 222 -43.59 18.78 22.26
C ALA F 222 -44.29 17.74 23.11
N TRP F 223 -45.49 17.41 22.67
CA TRP F 223 -46.29 16.36 23.22
C TRP F 223 -46.43 15.40 22.10
N LEU F 224 -45.82 14.22 22.25
CA LEU F 224 -45.85 13.23 21.21
C LEU F 224 -46.45 11.95 21.72
N ASP F 225 -47.11 11.25 20.83
CA ASP F 225 -47.50 9.90 21.26
C ASP F 225 -47.06 8.85 20.27
N THR F 226 -46.80 7.66 20.79
CA THR F 226 -46.05 6.72 20.03
C THR F 226 -46.82 5.49 19.73
N GLY F 227 -48.12 5.62 19.58
CA GLY F 227 -49.01 4.50 19.46
C GLY F 227 -49.18 3.99 18.05
N THR F 228 -48.47 4.51 16.99
CA THR F 228 -48.58 4.11 15.57
C THR F 228 -47.13 3.90 15.09
N HIS F 229 -47.01 3.19 14.00
CA HIS F 229 -45.70 2.83 13.38
C HIS F 229 -45.00 4.11 13.06
N ASP F 230 -45.74 4.96 12.37
CA ASP F 230 -45.27 6.29 12.06
C ASP F 230 -44.86 7.17 13.22
N SER F 231 -45.74 7.32 14.21
CA SER F 231 -45.51 8.21 15.32
C SER F 231 -44.35 7.66 16.25
N LEU F 232 -44.14 6.35 16.33
CA LEU F 232 -43.06 5.83 17.08
C LEU F 232 -41.73 6.14 16.40
N LEU F 233 -41.74 6.09 15.06
CA LEU F 233 -40.46 6.38 14.31
C LEU F 233 -40.14 7.92 14.49
N GLU F 234 -41.15 8.78 14.36
CA GLU F 234 -40.94 10.28 14.48
C GLU F 234 -40.45 10.64 15.87
N ALA F 235 -40.98 9.95 16.89
CA ALA F 235 -40.60 10.17 18.20
C ALA F 235 -39.10 9.75 18.44
N GLY F 236 -38.73 8.56 17.98
CA GLY F 236 -37.34 8.17 18.03
C GLY F 236 -36.36 9.19 17.41
N GLN F 237 -36.74 9.66 16.23
CA GLN F 237 -35.92 10.66 15.45
C GLN F 237 -35.79 11.97 16.22
N PHE F 238 -36.89 12.33 16.89
CA PHE F 238 -37.02 13.60 17.63
C PHE F 238 -35.99 13.50 18.80
N ILE F 239 -36.12 12.45 19.61
CA ILE F 239 -35.27 12.25 20.74
C ILE F 239 -33.75 12.15 20.26
N ALA F 240 -33.50 11.45 19.19
CA ALA F 240 -32.15 11.21 18.67
C ALA F 240 -31.54 12.60 18.33
N THR F 241 -32.33 13.44 17.70
CA THR F 241 -31.86 14.76 17.28
C THR F 241 -31.43 15.65 18.45
N LEU F 242 -32.24 15.71 19.45
CA LEU F 242 -31.99 16.45 20.64
C LEU F 242 -30.76 15.89 21.41
N GLU F 243 -30.77 14.57 21.65
CA GLU F 243 -29.71 13.98 22.51
C GLU F 243 -28.35 14.07 21.81
N ASN F 244 -28.34 13.82 20.50
CA ASN F 244 -27.11 13.93 19.74
C ASN F 244 -26.57 15.40 19.60
N ARG F 245 -27.44 16.39 19.60
CA ARG F 245 -27.03 17.79 19.50
C ARG F 245 -26.42 18.23 20.90
N GLN F 246 -27.08 17.81 21.99
CA GLN F 246 -26.84 18.25 23.34
C GLN F 246 -25.74 17.43 24.06
N GLY F 247 -25.67 16.19 23.68
CA GLY F 247 -24.89 15.15 24.28
C GLY F 247 -25.44 15.01 25.72
N LEU F 248 -26.71 15.19 25.92
CA LEU F 248 -27.49 15.03 27.20
C LEU F 248 -28.70 14.16 26.85
N LYS F 249 -29.26 13.42 27.81
CA LYS F 249 -30.35 12.58 27.57
C LYS F 249 -31.70 13.19 28.00
N VAL F 250 -32.73 12.88 27.22
CA VAL F 250 -34.12 13.23 27.57
C VAL F 250 -34.74 12.12 28.37
N ALA F 251 -35.26 12.46 29.53
CA ALA F 251 -36.06 11.49 30.32
C ALA F 251 -35.26 10.27 30.82
N CYS F 252 -34.08 10.53 31.36
CA CYS F 252 -33.28 9.50 32.00
C CYS F 252 -33.67 9.50 33.51
N PRO F 253 -34.37 8.45 33.96
CA PRO F 253 -34.84 8.35 35.34
C PRO F 253 -33.74 8.43 36.36
N GLU F 254 -32.62 7.80 36.09
CA GLU F 254 -31.48 7.90 37.05
C GLU F 254 -30.99 9.31 37.30
N GLU F 255 -30.87 10.04 36.20
CA GLU F 255 -30.49 11.44 36.22
C GLU F 255 -31.48 12.26 37.00
N ILE F 256 -32.77 12.14 36.68
CA ILE F 256 -33.81 12.88 37.42
C ILE F 256 -33.78 12.52 38.91
N ALA F 257 -33.65 11.26 39.24
CA ALA F 257 -33.63 10.86 40.62
C ALA F 257 -32.40 11.49 41.45
N TYR F 258 -31.23 11.55 40.81
CA TYR F 258 -30.06 12.14 41.35
C TYR F 258 -30.15 13.65 41.44
N ARG F 259 -30.67 14.28 40.39
CA ARG F 259 -30.89 15.73 40.45
C ARG F 259 -31.82 16.15 41.61
N GLN F 260 -32.84 15.34 41.88
CA GLN F 260 -33.94 15.58 42.87
C GLN F 260 -33.46 15.22 44.27
N LYS F 261 -32.27 14.66 44.37
CA LYS F 261 -31.66 14.27 45.57
C LYS F 261 -32.32 13.06 46.14
N TRP F 262 -32.99 12.29 45.29
CA TRP F 262 -33.66 11.09 45.73
C TRP F 262 -32.73 9.92 45.86
N ILE F 263 -31.68 9.87 45.09
CA ILE F 263 -30.60 8.86 45.29
C ILE F 263 -29.34 9.73 45.45
N ASP F 264 -28.28 9.24 46.13
CA ASP F 264 -27.03 10.05 46.24
C ASP F 264 -25.96 9.52 45.28
N ALA F 265 -24.80 10.18 45.31
CA ALA F 265 -23.73 9.91 44.37
C ALA F 265 -23.27 8.47 44.36
N ALA F 266 -23.25 7.86 45.52
CA ALA F 266 -22.73 6.51 45.62
C ALA F 266 -23.71 5.56 44.98
N GLN F 267 -24.99 5.87 45.14
CA GLN F 267 -26.04 5.10 44.54
C GLN F 267 -26.01 5.13 42.99
N LEU F 268 -25.88 6.31 42.42
CA LEU F 268 -25.79 6.44 40.96
C LEU F 268 -24.60 5.75 40.49
N GLU F 269 -23.55 5.96 41.21
CA GLU F 269 -22.32 5.33 40.77
C GLU F 269 -22.58 3.84 40.72
N LYS F 270 -23.32 3.32 41.70
CA LYS F 270 -23.66 1.87 41.67
C LYS F 270 -24.58 1.50 40.51
N LEU F 271 -25.40 2.44 40.04
CA LEU F 271 -26.27 2.13 38.92
C LEU F 271 -25.52 2.14 37.62
N ALA F 272 -24.47 2.94 37.60
CA ALA F 272 -23.67 3.06 36.40
C ALA F 272 -22.86 1.78 36.07
N ALA F 273 -22.33 1.10 37.08
CA ALA F 273 -21.45 -0.09 36.91
C ALA F 273 -21.79 -1.08 35.82
N PRO F 274 -22.89 -1.78 35.99
CA PRO F 274 -23.26 -2.82 35.06
C PRO F 274 -23.60 -2.30 33.73
N LEU F 275 -23.70 -1.00 33.59
CA LEU F 275 -23.97 -0.51 32.27
C LEU F 275 -22.74 0.15 31.71
N ALA F 276 -21.64 0.02 32.42
CA ALA F 276 -20.41 0.75 32.10
C ALA F 276 -19.91 0.68 30.66
N LYS F 277 -20.18 -0.43 29.98
CA LYS F 277 -19.60 -0.69 28.65
C LYS F 277 -20.32 0.04 27.55
N ASN F 278 -21.57 0.46 27.79
CA ASN F 278 -22.28 1.26 26.80
C ASN F 278 -22.42 2.74 27.12
N GLY F 279 -23.02 3.45 26.18
CA GLY F 279 -23.24 4.88 26.24
C GLY F 279 -24.02 5.37 27.43
N TYR F 280 -25.00 4.57 27.84
CA TYR F 280 -25.93 4.98 28.95
C TYR F 280 -25.17 4.93 30.24
N GLY F 281 -24.40 3.87 30.44
CA GLY F 281 -23.58 3.80 31.64
C GLY F 281 -22.60 4.92 31.62
N GLN F 282 -22.04 5.19 30.46
CA GLN F 282 -21.02 6.23 30.39
C GLN F 282 -21.66 7.59 30.74
N TYR F 283 -22.90 7.77 30.31
CA TYR F 283 -23.61 8.99 30.61
C TYR F 283 -23.82 9.13 32.09
N LEU F 284 -24.23 8.09 32.74
CA LEU F 284 -24.51 8.21 34.12
C LEU F 284 -23.27 8.57 34.95
N LYS F 285 -22.11 7.93 34.60
CA LYS F 285 -20.85 8.23 35.21
C LYS F 285 -20.48 9.70 35.03
N ARG F 286 -20.69 10.25 33.83
CA ARG F 286 -20.36 11.67 33.60
C ARG F 286 -21.16 12.66 34.47
N LEU F 287 -22.41 12.32 34.84
CA LEU F 287 -23.22 13.17 35.69
C LEU F 287 -22.66 13.46 37.06
N LEU F 288 -21.84 12.56 37.53
CA LEU F 288 -21.16 12.79 38.81
C LEU F 288 -20.12 13.90 38.72
N THR F 289 -19.55 14.17 37.55
CA THR F 289 -18.53 15.13 37.52
C THR F 289 -18.79 16.39 36.72
N GLU F 290 -19.85 16.44 35.97
CA GLU F 290 -20.13 17.56 35.18
C GLU F 290 -21.21 18.44 35.73
N THR F 291 -21.02 19.75 35.80
CA THR F 291 -22.13 20.61 36.17
C THR F 291 -23.00 20.93 34.94
N VAL F 292 -24.27 20.63 34.98
CA VAL F 292 -25.18 20.84 33.84
C VAL F 292 -26.35 21.70 34.42
N TYR F 293 -26.57 22.89 33.82
CA TYR F 293 -27.51 23.85 34.30
C TYR F 293 -28.89 23.63 33.75
N LYS G 2 -35.83 50.94 21.40
CA LYS G 2 -35.44 50.51 19.94
C LYS G 2 -34.13 49.67 19.81
N ARG G 3 -34.22 48.53 19.18
CA ARG G 3 -33.00 47.80 18.91
C ARG G 3 -33.00 47.39 17.44
N LYS G 4 -31.94 47.70 16.80
CA LYS G 4 -31.73 47.28 15.42
C LYS G 4 -31.12 45.89 15.20
N GLY G 5 -31.57 45.16 14.18
CA GLY G 5 -31.11 43.80 13.99
C GLY G 5 -30.29 43.61 12.75
N ILE G 6 -29.31 42.71 12.82
CA ILE G 6 -28.49 42.31 11.65
C ILE G 6 -28.60 40.77 11.52
N ILE G 7 -28.82 40.28 10.28
CA ILE G 7 -28.72 38.87 10.00
C ILE G 7 -27.49 38.76 9.15
N LEU G 8 -26.55 37.98 9.61
CA LEU G 8 -25.43 37.78 8.76
C LEU G 8 -25.59 36.42 8.04
N ALA G 9 -25.77 36.51 6.73
CA ALA G 9 -26.16 35.32 5.92
C ALA G 9 -25.18 35.19 4.89
N GLY G 10 -23.97 35.06 5.29
CA GLY G 10 -22.91 35.10 4.31
C GLY G 10 -22.12 33.80 4.42
N GLY G 11 -20.85 33.80 4.04
CA GLY G 11 -20.08 32.57 4.21
C GLY G 11 -20.26 31.88 2.87
N SER G 12 -19.59 30.73 2.67
CA SER G 12 -19.49 30.08 1.33
C SER G 12 -20.43 28.87 1.07
N GLY G 13 -20.57 28.00 2.08
CA GLY G 13 -21.33 26.78 1.93
C GLY G 13 -20.42 25.58 1.61
N THR G 14 -19.12 25.76 1.87
CA THR G 14 -18.15 24.69 1.63
C THR G 14 -18.69 23.34 2.17
N ARG G 15 -18.92 23.31 3.48
CA ARG G 15 -19.50 22.11 4.10
C ARG G 15 -20.79 21.70 3.31
N LEU G 16 -21.36 22.65 2.55
CA LEU G 16 -22.52 22.36 1.69
C LEU G 16 -22.19 22.19 0.17
N HIS G 17 -21.11 21.52 -0.14
CA HIS G 17 -20.84 21.35 -1.55
C HIS G 17 -21.18 19.94 -2.01
N PRO G 18 -21.65 19.83 -3.28
CA PRO G 18 -21.85 20.93 -4.24
C PRO G 18 -23.37 21.27 -4.29
N ALA G 19 -24.03 20.95 -3.22
CA ALA G 19 -25.43 21.21 -3.04
C ALA G 19 -25.70 22.68 -3.22
N THR G 20 -24.88 23.54 -2.61
CA THR G 20 -25.10 25.01 -2.67
C THR G 20 -24.58 25.72 -3.90
N LEU G 21 -23.75 25.11 -4.69
CA LEU G 21 -23.28 25.79 -5.91
C LEU G 21 -24.35 26.69 -6.62
N ALA G 22 -25.59 26.21 -6.63
CA ALA G 22 -26.75 26.87 -7.27
C ALA G 22 -27.56 27.86 -6.38
N ILE G 23 -27.62 27.57 -5.10
CA ILE G 23 -28.36 28.40 -4.17
C ILE G 23 -27.59 28.47 -2.80
N SER G 24 -27.55 29.63 -2.15
CA SER G 24 -26.90 29.86 -0.79
C SER G 24 -27.57 29.03 0.32
N LYS G 25 -26.84 28.73 1.38
CA LYS G 25 -27.23 27.80 2.45
C LYS G 25 -28.38 28.33 3.19
N GLN G 26 -28.40 29.66 3.40
CA GLN G 26 -29.54 30.32 4.06
C GLN G 26 -30.75 30.47 3.16
N LEU G 27 -30.70 30.17 1.90
CA LEU G 27 -31.90 30.08 1.04
C LEU G 27 -32.46 28.70 0.86
N LEU G 28 -31.77 27.67 1.32
CA LEU G 28 -32.27 26.30 1.23
C LEU G 28 -33.42 26.07 2.22
N PRO G 29 -34.39 25.24 1.93
CA PRO G 29 -35.45 25.04 2.91
C PRO G 29 -35.11 24.23 4.14
N VAL G 30 -35.73 24.64 5.27
CA VAL G 30 -35.72 23.74 6.42
C VAL G 30 -37.16 23.25 6.48
N TYR G 31 -37.36 22.04 5.92
CA TYR G 31 -38.65 21.45 5.76
C TYR G 31 -39.52 22.21 4.75
N ASP G 32 -40.17 23.28 5.14
CA ASP G 32 -41.22 23.92 4.39
C ASP G 32 -41.06 25.42 4.14
N LYS G 33 -39.96 26.01 4.58
CA LYS G 33 -39.80 27.44 4.39
C LYS G 33 -38.26 27.68 4.35
N PRO G 34 -37.88 28.79 3.80
CA PRO G 34 -36.43 29.04 3.58
C PRO G 34 -35.69 29.23 4.95
N MET G 35 -34.44 28.77 5.12
N MET G 35 -34.45 28.76 5.10
CA MET G 35 -33.69 28.83 6.36
CA MET G 35 -33.69 28.81 6.34
C MET G 35 -33.69 30.16 6.99
C MET G 35 -33.70 30.16 6.99
N ILE G 36 -33.55 31.22 6.18
CA ILE G 36 -33.55 32.62 6.68
C ILE G 36 -34.80 33.05 7.39
N TYR G 37 -35.96 32.49 7.06
CA TYR G 37 -37.16 32.68 7.87
C TYR G 37 -36.94 32.46 9.45
N TYR G 38 -36.14 31.45 9.86
CA TYR G 38 -35.91 31.07 11.19
C TYR G 38 -35.19 32.21 12.01
N PRO G 39 -34.00 32.69 11.63
CA PRO G 39 -33.37 33.76 12.35
C PRO G 39 -34.17 35.05 12.17
N LEU G 40 -34.83 35.24 11.07
CA LEU G 40 -35.74 36.41 10.93
C LEU G 40 -36.83 36.41 12.00
N SER G 41 -37.47 35.26 12.14
N SER G 41 -37.48 35.26 12.13
CA SER G 41 -38.52 35.11 13.09
CA SER G 41 -38.52 35.11 13.10
C SER G 41 -37.94 35.33 14.49
C SER G 41 -37.94 35.34 14.50
N THR G 42 -36.71 34.85 14.75
CA THR G 42 -36.11 35.07 16.02
C THR G 42 -35.99 36.59 16.42
N LEU G 43 -35.47 37.39 15.48
CA LEU G 43 -35.35 38.83 15.67
C LEU G 43 -36.77 39.46 15.93
N MET G 44 -37.74 39.01 15.10
CA MET G 44 -39.10 39.51 15.27
C MET G 44 -39.69 39.19 16.70
N LEU G 45 -39.48 37.96 17.14
CA LEU G 45 -39.77 37.55 18.52
C LEU G 45 -39.08 38.35 19.61
N ALA G 46 -37.95 38.92 19.29
CA ALA G 46 -37.26 39.87 20.14
C ALA G 46 -37.84 41.28 20.14
N GLY G 47 -38.85 41.58 19.33
CA GLY G 47 -39.34 42.89 19.23
C GLY G 47 -38.71 43.73 18.11
N ILE G 48 -37.83 43.14 17.34
CA ILE G 48 -36.98 43.89 16.33
C ILE G 48 -37.67 43.94 14.97
N ARG G 49 -37.86 45.17 14.43
CA ARG G 49 -38.54 45.35 13.18
C ARG G 49 -37.67 45.91 12.08
N GLU G 50 -36.54 46.47 12.46
CA GLU G 50 -35.64 47.11 11.49
C GLU G 50 -34.44 46.26 11.45
N ILE G 51 -34.29 45.61 10.31
CA ILE G 51 -33.25 44.61 10.13
C ILE G 51 -32.42 44.79 8.86
N LEU G 52 -31.11 44.68 8.99
CA LEU G 52 -30.11 44.68 7.88
C LEU G 52 -29.63 43.23 7.61
N ILE G 53 -29.89 42.73 6.39
CA ILE G 53 -29.49 41.46 5.93
C ILE G 53 -28.18 41.60 5.13
N ILE G 54 -27.14 41.01 5.66
CA ILE G 54 -25.80 41.04 5.06
C ILE G 54 -25.48 39.72 4.46
N SER G 55 -25.04 39.76 3.22
CA SER G 55 -24.74 38.52 2.49
C SER G 55 -23.60 38.68 1.41
N THR G 56 -23.37 37.67 0.63
CA THR G 56 -22.28 37.74 -0.32
C THR G 56 -22.81 38.62 -1.51
N PRO G 57 -21.90 39.10 -2.38
CA PRO G 57 -22.38 39.78 -3.57
C PRO G 57 -23.39 38.98 -4.38
N GLN G 58 -23.17 37.67 -4.51
CA GLN G 58 -24.12 36.98 -5.38
C GLN G 58 -25.50 36.69 -4.71
N ASP G 59 -25.48 36.49 -3.41
CA ASP G 59 -26.68 36.13 -2.70
C ASP G 59 -27.60 37.28 -2.35
N THR G 60 -27.06 38.47 -2.19
CA THR G 60 -27.87 39.57 -1.75
C THR G 60 -29.09 39.79 -2.60
N PRO G 61 -28.97 39.78 -3.90
CA PRO G 61 -30.15 39.88 -4.73
C PRO G 61 -31.21 38.83 -4.53
N ARG G 62 -30.75 37.63 -4.15
CA ARG G 62 -31.63 36.57 -3.98
C ARG G 62 -32.41 36.73 -2.65
N PHE G 63 -31.74 37.20 -1.58
CA PHE G 63 -32.51 37.50 -0.38
C PHE G 63 -33.55 38.61 -0.64
N GLN G 64 -33.10 39.64 -1.38
CA GLN G 64 -33.91 40.77 -1.72
C GLN G 64 -35.11 40.37 -2.57
N GLN G 65 -34.90 39.45 -3.47
CA GLN G 65 -36.01 38.92 -4.24
C GLN G 65 -37.01 38.13 -3.36
N LEU G 66 -36.48 37.41 -2.40
CA LEU G 66 -37.39 36.62 -1.55
C LEU G 66 -38.17 37.49 -0.57
N LEU G 67 -37.49 38.41 0.05
CA LEU G 67 -38.08 39.14 1.23
C LEU G 67 -38.50 40.60 1.04
N GLY G 68 -38.03 41.18 -0.08
CA GLY G 68 -38.33 42.55 -0.33
C GLY G 68 -37.86 43.51 0.73
N ASP G 69 -38.54 44.68 0.82
CA ASP G 69 -38.19 45.73 1.82
C ASP G 69 -38.84 45.43 3.21
N GLY G 70 -39.60 44.37 3.28
CA GLY G 70 -40.29 44.01 4.50
C GLY G 70 -41.63 44.64 4.85
N SER G 71 -41.93 45.69 4.12
CA SER G 71 -43.13 46.48 4.34
C SER G 71 -44.37 45.60 4.36
N ASN G 72 -44.37 44.54 3.62
CA ASN G 72 -45.59 43.68 3.58
C ASN G 72 -45.78 42.96 4.92
N TRP G 73 -44.70 42.75 5.63
CA TRP G 73 -44.77 42.13 6.95
C TRP G 73 -44.53 43.07 8.14
N GLY G 74 -44.79 44.34 7.92
CA GLY G 74 -44.57 45.37 8.91
C GLY G 74 -43.16 45.56 9.41
N LEU G 75 -42.19 45.19 8.60
CA LEU G 75 -40.79 45.33 8.92
C LEU G 75 -40.15 46.39 7.96
N ASP G 76 -38.95 46.78 8.37
CA ASP G 76 -38.04 47.62 7.60
C ASP G 76 -36.75 46.80 7.36
N LEU G 77 -36.73 46.16 6.19
CA LEU G 77 -35.64 45.29 5.76
C LEU G 77 -34.73 46.06 4.77
N GLN G 78 -33.45 46.10 5.12
CA GLN G 78 -32.32 46.69 4.29
C GLN G 78 -31.25 45.66 4.03
N TYR G 79 -30.44 45.90 2.96
CA TYR G 79 -29.47 44.90 2.51
C TYR G 79 -28.12 45.48 2.31
N ALA G 80 -27.08 44.69 2.62
CA ALA G 80 -25.69 45.04 2.36
C ALA G 80 -24.85 43.85 2.09
N VAL G 81 -23.72 44.11 1.44
CA VAL G 81 -22.82 43.07 1.01
C VAL G 81 -21.57 42.98 1.87
N GLN G 82 -21.17 41.71 2.12
CA GLN G 82 -19.84 41.35 2.67
C GLN G 82 -19.11 40.79 1.53
N PRO G 83 -18.20 41.53 0.95
CA PRO G 83 -17.53 41.11 -0.28
C PRO G 83 -16.60 39.89 -0.16
N SER G 84 -16.01 39.67 1.01
CA SER G 84 -15.39 38.34 1.31
C SER G 84 -15.54 37.99 2.78
N PRO G 85 -15.61 36.71 3.10
CA PRO G 85 -15.95 36.30 4.46
C PRO G 85 -14.80 36.55 5.40
N ASP G 86 -14.66 37.79 5.81
CA ASP G 86 -13.64 38.13 6.70
C ASP G 86 -14.10 38.26 8.15
N GLY G 87 -15.10 37.49 8.57
CA GLY G 87 -15.51 37.38 9.99
C GLY G 87 -16.91 37.92 10.29
N LEU G 88 -17.56 37.32 11.26
CA LEU G 88 -18.85 37.76 11.65
C LEU G 88 -18.72 39.17 12.18
N ALA G 89 -17.61 39.52 12.81
CA ALA G 89 -17.56 40.81 13.44
C ALA G 89 -17.51 41.98 12.48
N GLN G 90 -17.25 41.75 11.19
CA GLN G 90 -17.35 42.82 10.19
C GLN G 90 -18.77 43.27 10.07
N ALA G 91 -19.75 42.49 10.56
CA ALA G 91 -21.13 42.97 10.43
C ALA G 91 -21.26 44.39 11.05
N PHE G 92 -20.46 44.66 12.03
CA PHE G 92 -20.63 45.92 12.68
C PHE G 92 -19.98 47.11 12.00
N LEU G 93 -18.98 46.87 11.19
CA LEU G 93 -18.34 47.85 10.37
C LEU G 93 -19.20 48.12 9.12
N ILE G 94 -19.63 47.05 8.47
CA ILE G 94 -20.64 47.09 7.42
C ILE G 94 -21.90 47.79 7.85
N GLY G 95 -22.43 47.41 9.00
CA GLY G 95 -23.64 48.03 9.50
C GLY G 95 -23.42 49.22 10.38
N GLU G 96 -22.24 49.87 10.31
CA GLU G 96 -21.97 50.96 11.28
C GLU G 96 -23.01 52.11 11.21
N SER G 97 -23.32 52.56 10.03
CA SER G 97 -24.28 53.69 9.97
C SER G 97 -25.71 53.22 10.13
N PHE G 98 -26.01 51.98 9.74
CA PHE G 98 -27.35 51.36 9.96
C PHE G 98 -27.68 51.35 11.40
N ILE G 99 -26.71 51.02 12.23
CA ILE G 99 -26.92 50.96 13.67
C ILE G 99 -27.05 52.34 14.28
N GLY G 100 -26.24 53.21 13.80
CA GLY G 100 -26.10 54.55 14.30
C GLY G 100 -25.84 54.53 15.80
N ASN G 101 -26.64 55.26 16.55
CA ASN G 101 -26.43 55.29 18.03
C ASN G 101 -27.52 54.50 18.71
N ASP G 102 -27.75 53.28 18.26
CA ASP G 102 -28.82 52.51 18.88
C ASP G 102 -28.23 51.20 19.38
N LEU G 103 -28.97 50.50 20.22
CA LEU G 103 -28.71 49.09 20.70
C LEU G 103 -28.87 48.24 19.41
N SER G 104 -28.22 47.09 19.40
CA SER G 104 -28.31 46.20 18.27
C SER G 104 -28.31 44.73 18.73
N ALA G 105 -28.62 43.90 17.73
CA ALA G 105 -28.64 42.44 17.85
C ALA G 105 -28.14 41.82 16.54
N LEU G 106 -27.38 40.77 16.69
CA LEU G 106 -26.83 40.15 15.47
C LEU G 106 -27.19 38.64 15.59
N VAL G 107 -27.72 38.06 14.54
CA VAL G 107 -28.05 36.66 14.44
C VAL G 107 -27.50 36.03 13.21
N LEU G 108 -27.06 34.77 13.30
CA LEU G 108 -26.52 34.08 12.14
C LEU G 108 -27.66 33.49 11.32
N GLY G 109 -27.49 33.53 10.00
CA GLY G 109 -28.55 33.16 9.06
C GLY G 109 -28.85 31.64 9.08
N ASP G 110 -28.00 30.82 9.73
CA ASP G 110 -28.21 29.35 9.69
C ASP G 110 -28.55 28.83 11.11
N ASN G 111 -28.91 29.67 12.01
CA ASN G 111 -29.27 28.98 13.35
C ASN G 111 -30.77 28.93 13.47
N LEU G 112 -31.34 27.86 14.04
CA LEU G 112 -32.73 27.75 14.28
C LEU G 112 -32.93 27.53 15.81
N TYR G 113 -33.91 28.19 16.37
CA TYR G 113 -34.24 27.97 17.74
C TYR G 113 -35.72 27.61 17.89
N TYR G 114 -35.98 26.77 18.89
CA TYR G 114 -37.35 26.40 19.22
C TYR G 114 -37.50 26.16 20.68
N GLY G 115 -38.63 26.56 21.23
CA GLY G 115 -38.99 26.22 22.61
C GLY G 115 -39.90 27.12 23.38
N HIS G 116 -40.36 26.70 24.51
CA HIS G 116 -41.35 27.38 25.38
C HIS G 116 -40.84 28.65 26.07
N ASP G 117 -41.57 29.76 25.84
CA ASP G 117 -41.25 31.10 26.39
C ASP G 117 -39.98 31.73 25.77
N PHE G 118 -39.59 31.33 24.59
CA PHE G 118 -38.39 31.82 23.90
C PHE G 118 -38.68 33.27 23.70
N HIS G 119 -39.95 33.49 23.51
CA HIS G 119 -40.40 34.83 23.42
C HIS G 119 -39.94 35.63 24.60
N GLU G 120 -40.09 35.13 25.85
CA GLU G 120 -39.61 35.82 27.08
C GLU G 120 -38.07 35.80 27.36
N LEU G 121 -37.41 34.70 26.95
CA LEU G 121 -35.95 34.59 26.99
C LEU G 121 -35.25 35.67 26.07
N LEU G 122 -35.78 35.86 24.90
CA LEU G 122 -35.35 36.88 23.97
C LEU G 122 -35.67 38.29 24.48
N GLY G 123 -36.94 38.54 24.75
CA GLY G 123 -37.44 39.82 25.17
C GLY G 123 -36.58 40.36 26.30
N SER G 124 -36.29 39.48 27.23
CA SER G 124 -35.37 39.79 28.31
C SER G 124 -34.01 40.35 27.95
N ALA G 125 -33.23 39.63 27.12
CA ALA G 125 -31.90 40.12 26.71
C ALA G 125 -32.11 41.41 25.95
N SER G 126 -33.15 41.48 25.14
CA SER G 126 -33.39 42.62 24.25
C SER G 126 -33.76 43.92 24.86
N GLN G 127 -34.47 43.84 25.93
CA GLN G 127 -34.98 44.95 26.69
C GLN G 127 -33.93 45.50 27.68
N ARG G 128 -32.82 44.81 27.85
CA ARG G 128 -31.75 45.41 28.57
C ARG G 128 -31.18 46.58 27.74
N GLN G 129 -30.54 47.56 28.39
CA GLN G 129 -30.07 48.77 27.69
C GLN G 129 -28.58 48.98 27.88
N THR G 130 -27.89 47.94 28.31
CA THR G 130 -26.48 48.02 28.63
C THR G 130 -25.78 46.66 28.49
N GLY G 131 -24.49 46.77 28.26
CA GLY G 131 -23.58 45.69 28.09
C GLY G 131 -23.94 44.83 26.83
N ALA G 132 -23.51 43.60 26.89
CA ALA G 132 -23.76 42.61 25.85
C ALA G 132 -24.43 41.36 26.53
N SER G 133 -25.28 40.66 25.78
CA SER G 133 -25.87 39.43 26.15
C SER G 133 -25.69 38.35 25.07
N VAL G 134 -25.37 37.13 25.55
CA VAL G 134 -25.21 35.94 24.81
C VAL G 134 -25.86 34.74 25.57
N PHE G 135 -26.09 33.67 24.82
CA PHE G 135 -26.74 32.47 25.35
C PHE G 135 -25.78 31.34 25.21
N ALA G 136 -25.70 30.56 26.28
CA ALA G 136 -24.85 29.41 26.35
C ALA G 136 -25.74 28.16 26.38
N TYR G 137 -25.35 27.17 25.61
CA TYR G 137 -26.15 25.92 25.44
C TYR G 137 -25.25 24.69 25.47
N HIS G 138 -25.67 23.70 26.18
CA HIS G 138 -24.97 22.40 26.33
C HIS G 138 -24.98 21.64 25.02
N VAL G 139 -23.80 21.41 24.41
CA VAL G 139 -23.70 20.58 23.18
C VAL G 139 -22.73 19.40 23.31
N LEU G 140 -22.84 18.43 22.39
CA LEU G 140 -21.89 17.35 22.39
C LEU G 140 -20.53 17.74 21.82
N ASP G 141 -20.51 18.76 20.94
N ASP G 141 -20.50 18.76 20.95
CA ASP G 141 -19.28 19.11 20.22
CA ASP G 141 -19.27 19.12 20.21
C ASP G 141 -18.92 20.59 20.35
C ASP G 141 -18.93 20.60 20.35
N PRO G 142 -18.54 20.98 21.57
CA PRO G 142 -18.22 22.37 21.84
C PRO G 142 -17.09 22.93 21.01
N GLU G 143 -16.22 22.08 20.56
CA GLU G 143 -15.03 22.55 19.86
C GLU G 143 -15.32 23.26 18.55
N ARG G 144 -16.50 23.10 18.06
CA ARG G 144 -16.96 23.75 16.86
C ARG G 144 -17.46 25.19 17.05
N TYR G 145 -17.52 25.65 18.27
CA TYR G 145 -18.14 26.93 18.59
C TYR G 145 -17.27 27.79 19.49
N GLY G 146 -17.78 28.96 19.77
CA GLY G 146 -17.28 29.68 20.90
C GLY G 146 -17.68 29.00 22.18
N VAL G 147 -16.77 28.86 23.12
CA VAL G 147 -16.97 28.04 24.34
C VAL G 147 -16.83 28.92 25.57
N VAL G 148 -17.79 28.85 26.48
CA VAL G 148 -17.79 29.62 27.69
C VAL G 148 -17.59 28.71 28.90
N GLU G 149 -16.64 29.10 29.70
CA GLU G 149 -16.31 28.48 31.02
C GLU G 149 -16.86 29.34 32.13
N PHE G 150 -17.42 28.64 33.09
CA PHE G 150 -17.97 29.14 34.33
C PHE G 150 -17.15 28.73 35.56
N ASP G 151 -17.13 29.63 36.53
CA ASP G 151 -16.53 29.28 37.87
C ASP G 151 -17.58 28.44 38.65
N GLN G 152 -17.21 28.03 39.85
CA GLN G 152 -18.05 27.16 40.69
C GLN G 152 -19.29 27.88 41.09
N GLY G 153 -19.25 29.19 41.05
CA GLY G 153 -20.45 29.99 41.32
C GLY G 153 -21.39 30.20 40.18
N GLY G 154 -21.04 29.76 38.97
CA GLY G 154 -21.89 29.77 37.78
C GLY G 154 -21.67 31.04 36.96
N LYS G 155 -20.68 31.77 37.41
CA LYS G 155 -20.26 32.99 36.71
C LYS G 155 -19.24 32.75 35.52
N ALA G 156 -19.51 33.34 34.37
CA ALA G 156 -18.57 33.22 33.21
C ALA G 156 -17.22 33.84 33.46
N ILE G 157 -16.13 33.08 33.29
CA ILE G 157 -14.83 33.52 33.49
C ILE G 157 -13.95 33.55 32.27
N SER G 158 -14.28 32.78 31.24
CA SER G 158 -13.50 32.91 29.99
C SER G 158 -14.28 32.47 28.70
N LEU G 159 -13.81 32.92 27.55
CA LEU G 159 -14.28 32.52 26.25
C LEU G 159 -13.15 32.15 25.32
N GLU G 160 -13.33 31.03 24.60
CA GLU G 160 -12.38 30.60 23.61
C GLU G 160 -13.10 30.26 22.34
N GLU G 161 -12.50 30.61 21.19
CA GLU G 161 -13.03 30.31 19.90
C GLU G 161 -12.51 28.98 19.37
N LYS G 162 -13.41 28.04 19.20
CA LYS G 162 -13.11 26.67 18.73
C LYS G 162 -11.91 26.04 19.37
N PRO G 163 -11.91 25.91 20.68
CA PRO G 163 -10.77 25.33 21.40
C PRO G 163 -10.63 23.88 21.05
N LEU G 164 -9.41 23.43 20.87
CA LEU G 164 -9.16 22.00 20.72
C LEU G 164 -9.51 21.24 22.01
N GLU G 165 -9.29 21.86 23.13
CA GLU G 165 -9.65 21.25 24.37
C GLU G 165 -10.64 22.22 25.06
N PRO G 166 -11.93 22.13 24.78
CA PRO G 166 -12.91 22.96 25.49
C PRO G 166 -12.95 22.77 26.95
N LYS G 167 -13.03 23.93 27.61
CA LYS G 167 -13.07 24.04 29.03
C LYS G 167 -14.46 23.71 29.55
N SER G 168 -15.48 23.60 28.65
CA SER G 168 -16.75 23.20 29.11
C SER G 168 -17.54 22.64 27.93
N ASN G 169 -18.76 22.13 28.17
CA ASN G 169 -19.51 21.75 27.00
C ASN G 169 -20.53 22.83 26.62
N TYR G 170 -20.33 24.05 27.08
CA TYR G 170 -21.31 25.13 26.82
C TYR G 170 -20.84 26.00 25.65
N ALA G 171 -21.51 25.89 24.53
CA ALA G 171 -21.30 26.75 23.38
C ALA G 171 -22.11 28.00 23.43
N VAL G 172 -21.55 29.07 22.91
CA VAL G 172 -22.20 30.34 22.69
C VAL G 172 -23.01 30.22 21.41
N THR G 173 -24.25 30.53 21.50
CA THR G 173 -25.06 30.36 20.30
C THR G 173 -24.92 31.53 19.39
N GLY G 174 -25.55 31.48 18.20
CA GLY G 174 -25.30 32.49 17.23
C GLY G 174 -26.29 33.67 17.33
N LEU G 175 -26.54 34.10 18.55
CA LEU G 175 -27.49 35.21 18.76
C LEU G 175 -26.77 36.15 19.77
N TYR G 176 -26.67 37.42 19.41
CA TYR G 176 -25.88 38.33 20.21
C TYR G 176 -26.68 39.62 20.35
N PHE G 177 -26.67 40.20 21.56
CA PHE G 177 -27.28 41.50 21.84
C PHE G 177 -26.19 42.50 22.33
N TYR G 178 -26.18 43.77 21.81
CA TYR G 178 -25.21 44.78 22.17
C TYR G 178 -25.74 46.13 22.43
N ASP G 179 -25.00 46.84 23.29
CA ASP G 179 -25.18 48.24 23.53
C ASP G 179 -24.43 49.11 22.58
N GLN G 180 -24.36 50.43 22.85
CA GLN G 180 -23.65 51.30 21.92
C GLN G 180 -22.14 51.14 21.88
N GLN G 181 -21.57 50.28 22.66
CA GLN G 181 -20.16 50.12 22.65
C GLN G 181 -19.57 49.21 21.51
N VAL G 182 -20.40 48.50 20.80
CA VAL G 182 -19.94 47.39 19.95
C VAL G 182 -19.27 47.92 18.67
N VAL G 183 -19.79 48.94 18.07
CA VAL G 183 -19.15 49.35 16.81
C VAL G 183 -17.69 49.78 17.03
N ASP G 184 -17.41 50.47 18.16
CA ASP G 184 -16.04 50.94 18.49
C ASP G 184 -15.10 49.79 18.93
N ILE G 185 -15.60 48.87 19.75
CA ILE G 185 -14.94 47.61 19.97
C ILE G 185 -14.59 46.87 18.70
N ALA G 186 -15.52 46.73 17.75
CA ALA G 186 -15.25 46.05 16.46
C ALA G 186 -14.14 46.74 15.62
N ARG G 187 -14.18 48.06 15.60
CA ARG G 187 -13.22 48.88 14.83
C ARG G 187 -11.78 48.71 15.23
N ASP G 188 -11.59 48.27 16.47
CA ASP G 188 -10.28 47.95 17.06
C ASP G 188 -9.89 46.45 16.92
N LEU G 189 -10.79 45.57 16.50
CA LEU G 189 -10.36 44.21 16.27
C LEU G 189 -9.28 44.03 15.18
N LYS G 190 -8.39 43.05 15.41
CA LYS G 190 -7.40 42.55 14.43
C LYS G 190 -7.79 41.14 14.01
N PRO G 191 -7.49 40.78 12.77
CA PRO G 191 -7.77 39.42 12.29
C PRO G 191 -7.06 38.43 13.15
N SER G 192 -7.73 37.30 13.34
CA SER G 192 -7.22 36.25 14.19
C SER G 192 -6.22 35.47 13.37
N PRO G 193 -5.56 34.51 14.03
CA PRO G 193 -4.70 33.56 13.32
C PRO G 193 -5.56 32.83 12.30
N ARG G 194 -6.84 32.57 12.66
N ARG G 194 -6.83 32.56 12.67
CA ARG G 194 -7.86 31.93 11.80
CA ARG G 194 -7.82 31.94 11.79
C ARG G 194 -8.07 32.83 10.58
C ARG G 194 -8.07 32.83 10.58
N GLY G 195 -7.65 34.10 10.70
CA GLY G 195 -7.89 35.08 9.66
C GLY G 195 -9.34 35.64 9.56
N GLU G 196 -9.85 36.27 10.61
CA GLU G 196 -11.19 36.83 10.53
C GLU G 196 -11.36 37.86 11.67
N LEU G 197 -12.28 38.80 11.57
CA LEU G 197 -12.65 39.59 12.74
C LEU G 197 -13.71 38.71 13.48
N GLU G 198 -13.34 38.24 14.68
CA GLU G 198 -14.04 37.31 15.47
C GLU G 198 -15.03 37.88 16.48
N ILE G 199 -16.22 37.35 16.43
CA ILE G 199 -17.26 37.78 17.41
C ILE G 199 -16.84 37.39 18.86
N THR G 200 -16.09 36.27 18.99
CA THR G 200 -15.65 35.92 20.29
C THR G 200 -14.72 37.00 20.93
N ASP G 201 -13.93 37.69 20.12
CA ASP G 201 -13.10 38.78 20.62
C ASP G 201 -13.97 39.94 21.11
N VAL G 202 -15.03 40.33 20.34
CA VAL G 202 -15.96 41.39 20.76
C VAL G 202 -16.52 40.95 22.20
N ASN G 203 -16.99 39.70 22.32
CA ASN G 203 -17.59 39.19 23.53
C ASN G 203 -16.62 39.23 24.75
N ARG G 204 -15.38 38.80 24.57
CA ARG G 204 -14.36 38.92 25.61
C ARG G 204 -14.11 40.35 26.00
N ALA G 205 -14.30 41.29 25.09
CA ALA G 205 -14.03 42.66 25.42
C ALA G 205 -15.05 43.18 26.45
N TYR G 206 -16.31 42.72 26.28
CA TYR G 206 -17.29 42.99 27.28
C TYR G 206 -17.04 42.22 28.61
N LEU G 207 -16.56 40.98 28.50
CA LEU G 207 -16.44 40.16 29.67
C LEU G 207 -15.32 40.80 30.50
N GLU G 208 -14.32 41.29 29.84
CA GLU G 208 -13.25 41.98 30.58
C GLU G 208 -13.75 43.21 31.36
N ARG G 209 -14.74 43.88 30.84
CA ARG G 209 -15.25 45.09 31.60
C ARG G 209 -16.32 44.76 32.53
N GLY G 210 -16.54 43.47 32.66
CA GLY G 210 -17.64 43.04 33.53
C GLY G 210 -19.01 43.35 32.94
N GLN G 211 -19.13 43.32 31.60
CA GLN G 211 -20.34 43.77 30.99
C GLN G 211 -20.97 42.78 30.03
N LEU G 212 -20.56 41.52 30.11
CA LEU G 212 -21.12 40.45 29.35
C LEU G 212 -22.06 39.57 30.19
N SER G 213 -23.32 39.57 29.81
CA SER G 213 -24.33 38.76 30.44
C SER G 213 -24.44 37.41 29.64
N VAL G 214 -24.13 36.38 30.31
CA VAL G 214 -24.26 35.04 29.73
C VAL G 214 -25.49 34.32 30.39
N GLU G 215 -26.53 34.07 29.58
CA GLU G 215 -27.69 33.39 30.01
C GLU G 215 -27.62 32.01 29.49
N ILE G 216 -28.06 31.08 30.33
CA ILE G 216 -28.17 29.66 29.94
C ILE G 216 -29.48 29.51 29.13
N MET G 217 -29.37 28.95 27.96
CA MET G 217 -30.49 28.40 27.26
C MET G 217 -30.61 26.94 27.60
N GLY G 218 -31.63 26.57 28.39
CA GLY G 218 -31.77 25.21 28.94
C GLY G 218 -32.04 24.15 27.89
N ARG G 219 -31.88 22.97 28.28
CA ARG G 219 -31.98 21.76 27.50
C ARG G 219 -33.37 21.63 26.91
N GLY G 220 -34.37 22.24 27.57
CA GLY G 220 -35.78 22.30 27.09
C GLY G 220 -35.99 23.13 25.85
N TYR G 221 -34.96 23.87 25.42
CA TYR G 221 -34.91 24.46 24.11
C TYR G 221 -34.07 23.64 23.15
N ALA G 222 -34.42 23.74 21.87
CA ALA G 222 -33.63 23.21 20.84
C ALA G 222 -33.01 24.33 20.04
N TRP G 223 -31.71 24.25 19.98
CA TRP G 223 -30.85 25.04 19.17
C TRP G 223 -30.23 24.10 18.19
N LEU G 224 -30.54 24.31 16.94
CA LEU G 224 -30.07 23.45 15.91
C LEU G 224 -29.30 24.29 14.89
N ASP G 225 -28.19 23.82 14.48
CA ASP G 225 -27.60 24.45 13.25
C ASP G 225 -27.64 23.56 12.02
N THR G 226 -27.83 24.24 10.93
CA THR G 226 -28.16 23.63 9.72
C THR G 226 -27.05 23.71 8.75
N GLY G 227 -25.84 23.84 9.23
CA GLY G 227 -24.72 23.99 8.33
C GLY G 227 -24.03 22.81 7.64
N THR G 228 -24.44 21.54 7.89
CA THR G 228 -23.99 20.43 7.16
C THR G 228 -25.12 19.76 6.43
N HIS G 229 -24.82 18.94 5.44
CA HIS G 229 -25.92 18.20 4.78
C HIS G 229 -26.68 17.35 5.86
N ASP G 230 -25.96 16.63 6.73
CA ASP G 230 -26.62 15.77 7.76
C ASP G 230 -27.45 16.58 8.71
N SER G 231 -26.93 17.71 9.20
CA SER G 231 -27.68 18.61 10.09
C SER G 231 -28.96 19.25 9.48
N LEU G 232 -28.86 19.71 8.25
CA LEU G 232 -30.01 20.25 7.54
C LEU G 232 -31.11 19.21 7.53
N LEU G 233 -30.77 17.97 7.18
CA LEU G 233 -31.78 16.92 7.23
C LEU G 233 -32.41 16.69 8.60
N GLU G 234 -31.60 16.64 9.63
CA GLU G 234 -32.17 16.48 11.01
C GLU G 234 -33.11 17.63 11.42
N ALA G 235 -32.76 18.89 11.10
CA ALA G 235 -33.54 20.04 11.40
C ALA G 235 -34.83 20.02 10.60
N GLY G 236 -34.74 19.48 9.43
CA GLY G 236 -35.95 19.47 8.63
C GLY G 236 -36.96 18.48 9.19
N GLN G 237 -36.44 17.34 9.53
CA GLN G 237 -37.30 16.36 10.15
C GLN G 237 -37.87 16.83 11.56
N PHE G 238 -37.07 17.49 12.34
CA PHE G 238 -37.53 18.01 13.64
C PHE G 238 -38.72 18.94 13.43
N ILE G 239 -38.56 19.92 12.50
CA ILE G 239 -39.57 20.78 12.19
C ILE G 239 -40.81 20.08 11.60
N ALA G 240 -40.66 19.09 10.70
CA ALA G 240 -41.73 18.42 10.14
C ALA G 240 -42.57 17.71 11.29
N THR G 241 -41.87 17.11 12.22
CA THR G 241 -42.55 16.38 13.32
C THR G 241 -43.43 17.30 14.18
N LEU G 242 -42.89 18.46 14.56
CA LEU G 242 -43.60 19.39 15.35
C LEU G 242 -44.82 19.91 14.53
N GLU G 243 -44.59 20.38 13.34
CA GLU G 243 -45.64 20.97 12.49
C GLU G 243 -46.76 20.01 12.15
N ASN G 244 -46.45 18.79 11.79
CA ASN G 244 -47.48 17.85 11.45
C ASN G 244 -48.26 17.34 12.69
N ARG G 245 -47.59 17.35 13.84
CA ARG G 245 -48.24 17.03 15.14
C ARG G 245 -49.21 18.15 15.52
N GLN G 246 -48.72 19.39 15.41
CA GLN G 246 -49.46 20.53 15.95
C GLN G 246 -50.54 21.15 15.04
N GLY G 247 -50.27 21.04 13.73
CA GLY G 247 -51.00 21.77 12.69
C GLY G 247 -50.75 23.30 12.84
N LEU G 248 -49.60 23.67 13.41
CA LEU G 248 -49.04 25.03 13.57
C LEU G 248 -47.62 25.03 12.93
N LYS G 249 -47.17 26.21 12.47
CA LYS G 249 -45.93 26.37 11.87
C LYS G 249 -44.92 26.97 12.90
N VAL G 250 -43.67 26.53 12.77
CA VAL G 250 -42.57 27.15 13.43
C VAL G 250 -42.01 28.23 12.62
N ALA G 251 -41.82 29.38 13.27
CA ALA G 251 -41.11 30.53 12.58
C ALA G 251 -41.80 31.03 11.29
N CYS G 252 -43.12 31.21 11.33
CA CYS G 252 -43.89 31.76 10.20
C CYS G 252 -43.90 33.28 10.39
N PRO G 253 -43.12 33.99 9.62
CA PRO G 253 -43.03 35.47 9.84
C PRO G 253 -44.39 36.14 9.74
N GLU G 254 -45.24 35.80 8.75
CA GLU G 254 -46.47 36.43 8.59
C GLU G 254 -47.33 36.30 9.88
N GLU G 255 -47.31 35.11 10.44
CA GLU G 255 -47.91 34.84 11.71
C GLU G 255 -47.46 35.70 12.85
N ILE G 256 -46.16 35.80 12.98
CA ILE G 256 -45.60 36.52 14.02
C ILE G 256 -45.93 38.04 13.90
N ALA G 257 -45.83 38.59 12.69
CA ALA G 257 -46.11 40.00 12.42
C ALA G 257 -47.62 40.29 12.81
N TYR G 258 -48.52 39.38 12.50
CA TYR G 258 -49.89 39.46 12.82
C TYR G 258 -50.15 39.43 14.33
N ARG G 259 -49.50 38.50 15.05
CA ARG G 259 -49.59 38.38 16.50
C ARG G 259 -49.10 39.60 17.30
N GLN G 260 -48.07 40.24 16.81
CA GLN G 260 -47.55 41.45 17.42
C GLN G 260 -48.18 42.69 16.98
N LYS G 261 -49.16 42.55 16.08
CA LYS G 261 -49.90 43.69 15.58
C LYS G 261 -49.12 44.55 14.62
N TRP G 262 -48.04 44.03 14.01
CA TRP G 262 -47.31 44.78 12.99
C TRP G 262 -48.08 44.91 11.67
N ILE G 263 -48.90 43.92 11.40
CA ILE G 263 -49.83 43.99 10.25
C ILE G 263 -51.22 43.61 10.84
N ASP G 264 -52.28 44.07 10.15
CA ASP G 264 -53.66 43.74 10.53
C ASP G 264 -54.24 42.56 9.72
N ALA G 265 -55.46 42.20 10.10
CA ALA G 265 -56.17 41.10 9.42
C ALA G 265 -56.30 41.30 7.92
N ALA G 266 -56.64 42.46 7.52
CA ALA G 266 -56.79 42.78 6.12
C ALA G 266 -55.43 42.64 5.39
N GLN G 267 -54.37 43.11 6.01
CA GLN G 267 -53.02 42.93 5.43
C GLN G 267 -52.74 41.38 5.34
N LEU G 268 -53.04 40.63 6.40
CA LEU G 268 -52.80 39.20 6.35
C LEU G 268 -53.53 38.49 5.28
N GLU G 269 -54.80 38.79 5.16
CA GLU G 269 -55.57 38.13 4.15
C GLU G 269 -54.96 38.40 2.74
N LYS G 270 -54.45 39.61 2.55
CA LYS G 270 -53.79 39.99 1.25
C LYS G 270 -52.55 39.12 0.99
N LEU G 271 -51.84 38.77 2.03
CA LEU G 271 -50.64 37.97 1.98
C LEU G 271 -50.93 36.53 1.64
N ALA G 272 -52.03 36.01 2.14
CA ALA G 272 -52.45 34.64 1.86
C ALA G 272 -52.92 34.36 0.45
N ALA G 273 -53.58 35.33 -0.14
CA ALA G 273 -54.20 35.24 -1.45
C ALA G 273 -53.31 34.64 -2.49
N PRO G 274 -52.13 35.16 -2.71
CA PRO G 274 -51.23 34.57 -3.71
C PRO G 274 -50.70 33.23 -3.39
N LEU G 275 -50.85 32.82 -2.13
CA LEU G 275 -50.37 31.58 -1.64
C LEU G 275 -51.49 30.53 -1.39
N ALA G 276 -52.72 30.91 -1.69
CA ALA G 276 -53.93 30.07 -1.40
C ALA G 276 -53.92 28.66 -1.99
N LYS G 277 -53.09 28.39 -2.97
CA LYS G 277 -53.16 27.08 -3.61
C LYS G 277 -52.34 26.05 -2.88
N ASN G 278 -51.49 26.51 -1.97
CA ASN G 278 -50.67 25.57 -1.24
C ASN G 278 -51.01 25.68 0.23
N GLY G 279 -50.42 24.82 1.02
CA GLY G 279 -50.69 24.76 2.42
C GLY G 279 -50.26 25.94 3.24
N TYR G 280 -49.24 26.63 2.76
CA TYR G 280 -48.74 27.75 3.51
C TYR G 280 -49.79 28.80 3.43
N GLY G 281 -50.35 29.02 2.24
CA GLY G 281 -51.34 30.10 2.08
C GLY G 281 -52.64 29.76 2.88
N GLN G 282 -52.94 28.48 2.96
CA GLN G 282 -54.15 27.94 3.65
C GLN G 282 -53.97 28.22 5.14
N TYR G 283 -52.74 28.06 5.58
CA TYR G 283 -52.40 28.28 6.92
C TYR G 283 -52.55 29.75 7.33
N LEU G 284 -52.04 30.64 6.50
CA LEU G 284 -52.28 31.99 6.86
C LEU G 284 -53.80 32.33 6.91
N LYS G 285 -54.58 31.78 6.00
CA LYS G 285 -56.03 32.00 6.03
C LYS G 285 -56.66 31.53 7.35
N ARG G 286 -56.23 30.36 7.80
CA ARG G 286 -56.74 29.76 9.01
C ARG G 286 -56.45 30.66 10.26
N LEU G 287 -55.26 31.21 10.34
CA LEU G 287 -54.95 32.17 11.42
C LEU G 287 -55.99 33.35 11.56
N LEU G 288 -56.69 33.65 10.47
CA LEU G 288 -57.58 34.78 10.53
C LEU G 288 -58.79 34.51 11.44
N THR G 289 -59.21 33.27 11.53
CA THR G 289 -60.38 33.00 12.27
C THR G 289 -60.20 31.94 13.33
N GLU G 290 -58.99 31.65 13.78
CA GLU G 290 -58.78 30.64 14.82
C GLU G 290 -58.00 31.28 15.86
N THR G 291 -58.36 31.14 17.06
CA THR G 291 -57.60 31.76 18.10
C THR G 291 -56.48 30.71 18.49
N VAL G 292 -55.20 31.08 18.42
CA VAL G 292 -54.16 30.15 18.90
C VAL G 292 -53.47 30.68 20.18
N TYR G 293 -53.45 29.90 21.29
CA TYR G 293 -52.87 30.36 22.55
C TYR G 293 -51.37 30.19 22.70
N LYS H 2 -27.25 7.09 -32.01
CA LYS H 2 -27.24 7.83 -30.72
C LYS H 2 -28.60 8.30 -30.34
N ARG H 3 -28.80 8.52 -29.06
CA ARG H 3 -30.06 9.14 -28.64
C ARG H 3 -29.78 10.45 -27.98
N LYS H 4 -30.60 11.48 -28.21
CA LYS H 4 -30.51 12.77 -27.55
C LYS H 4 -31.44 12.90 -26.31
N GLY H 5 -31.04 13.62 -25.29
CA GLY H 5 -31.82 13.72 -24.02
C GLY H 5 -32.34 15.12 -23.83
N ILE H 6 -33.55 15.22 -23.25
CA ILE H 6 -34.09 16.42 -22.69
C ILE H 6 -34.42 16.28 -21.20
N ILE H 7 -33.98 17.25 -20.38
CA ILE H 7 -34.44 17.41 -19.05
C ILE H 7 -35.45 18.54 -18.95
N LEU H 8 -36.69 18.25 -18.58
CA LEU H 8 -37.57 19.37 -18.44
C LEU H 8 -37.58 19.78 -16.99
N ALA H 9 -36.99 20.93 -16.71
CA ALA H 9 -36.79 21.35 -15.33
C ALA H 9 -37.46 22.57 -15.14
N GLY H 10 -38.73 22.66 -15.45
CA GLY H 10 -39.41 23.95 -15.42
C GLY H 10 -40.42 23.98 -14.26
N GLY H 11 -41.59 24.59 -14.49
CA GLY H 11 -42.66 24.56 -13.48
C GLY H 11 -42.57 25.65 -12.39
N SER H 12 -43.69 25.80 -11.66
CA SER H 12 -43.92 26.88 -10.67
C SER H 12 -43.28 26.56 -9.32
N GLY H 13 -43.16 25.27 -9.05
CA GLY H 13 -42.69 24.81 -7.76
C GLY H 13 -43.63 25.33 -6.66
N THR H 14 -44.92 25.56 -6.95
CA THR H 14 -45.90 26.10 -5.96
C THR H 14 -46.12 25.23 -4.73
N ARG H 15 -46.19 23.92 -4.91
CA ARG H 15 -46.33 23.01 -3.78
C ARG H 15 -45.18 23.27 -2.79
N LEU H 16 -44.06 23.80 -3.31
CA LEU H 16 -42.92 24.07 -2.47
C LEU H 16 -42.85 25.53 -1.99
N HIS H 17 -43.93 26.25 -2.06
CA HIS H 17 -43.85 27.60 -1.52
C HIS H 17 -43.86 27.46 0.05
N PRO H 18 -43.23 28.40 0.72
CA PRO H 18 -42.54 29.55 0.13
C PRO H 18 -41.04 29.11 -0.02
N ALA H 19 -40.80 27.83 0.26
CA ALA H 19 -39.47 27.25 0.20
C ALA H 19 -38.83 27.54 -1.15
N THR H 20 -39.60 27.42 -2.24
CA THR H 20 -39.07 27.75 -3.55
C THR H 20 -39.37 29.17 -3.96
N LEU H 21 -39.88 29.99 -3.08
CA LEU H 21 -40.23 31.34 -3.44
C LEU H 21 -39.19 32.06 -4.23
N ALA H 22 -37.92 32.03 -3.82
CA ALA H 22 -36.93 32.71 -4.68
C ALA H 22 -36.13 31.78 -5.63
N ILE H 23 -36.37 30.47 -5.59
CA ILE H 23 -35.61 29.56 -6.43
C ILE H 23 -36.23 28.18 -6.69
N SER H 24 -35.95 27.74 -7.90
CA SER H 24 -36.49 26.51 -8.40
C SER H 24 -36.21 25.24 -7.59
N LYS H 25 -37.26 24.44 -7.55
CA LYS H 25 -37.33 23.15 -7.01
C LYS H 25 -36.05 22.45 -7.47
N GLN H 26 -35.77 22.50 -8.77
CA GLN H 26 -34.73 21.63 -9.32
C GLN H 26 -33.35 22.06 -8.99
N LEU H 27 -33.24 23.25 -8.41
CA LEU H 27 -31.96 23.78 -7.95
C LEU H 27 -31.82 23.42 -6.52
N LEU H 28 -32.88 23.05 -5.87
CA LEU H 28 -32.73 22.63 -4.46
C LEU H 28 -31.87 21.35 -4.41
N PRO H 29 -31.02 21.20 -3.40
CA PRO H 29 -30.40 19.91 -3.21
C PRO H 29 -31.25 18.81 -2.64
N VAL H 30 -30.89 17.60 -3.06
CA VAL H 30 -31.43 16.43 -2.44
C VAL H 30 -30.25 15.81 -1.73
N TYR H 31 -30.23 15.88 -0.38
CA TYR H 31 -29.13 15.55 0.54
C TYR H 31 -27.87 16.38 0.27
N ASP H 32 -27.03 15.98 -0.64
CA ASP H 32 -25.74 16.55 -0.87
C ASP H 32 -25.44 17.05 -2.22
N LYS H 33 -26.40 17.04 -3.18
CA LYS H 33 -26.04 17.53 -4.52
C LYS H 33 -27.33 18.12 -5.12
N PRO H 34 -27.25 19.00 -6.13
CA PRO H 34 -28.45 19.60 -6.67
C PRO H 34 -29.42 18.60 -7.36
N MET H 35 -30.75 18.77 -7.20
CA MET H 35 -31.81 17.82 -7.60
C MET H 35 -31.58 17.42 -9.09
N ILE H 36 -31.15 18.35 -9.88
CA ILE H 36 -30.88 18.14 -11.32
C ILE H 36 -29.82 17.13 -11.61
N TYR H 37 -28.85 16.93 -10.68
CA TYR H 37 -27.88 15.87 -10.81
C TYR H 37 -28.50 14.43 -11.04
N TYR H 38 -29.70 14.20 -10.47
CA TYR H 38 -30.30 12.86 -10.43
C TYR H 38 -30.85 12.45 -11.81
N PRO H 39 -31.71 13.25 -12.44
CA PRO H 39 -32.18 13.02 -13.81
C PRO H 39 -31.02 13.20 -14.81
N LEU H 40 -30.05 14.10 -14.58
CA LEU H 40 -28.90 14.18 -15.49
C LEU H 40 -28.15 12.81 -15.45
N SER H 41 -28.02 12.19 -14.27
CA SER H 41 -27.23 11.01 -14.14
C SER H 41 -28.01 9.81 -14.76
N THR H 42 -29.36 9.85 -14.65
CA THR H 42 -30.22 8.89 -15.24
C THR H 42 -30.00 8.89 -16.78
N LEU H 43 -29.92 10.05 -17.39
CA LEU H 43 -29.61 10.13 -18.82
C LEU H 43 -28.24 9.61 -19.14
N MET H 44 -27.26 10.03 -18.35
CA MET H 44 -25.91 9.56 -18.59
C MET H 44 -25.89 8.04 -18.42
N LEU H 45 -26.71 7.45 -17.55
CA LEU H 45 -26.65 6.00 -17.35
C LEU H 45 -27.25 5.31 -18.57
N ALA H 46 -28.18 5.92 -19.25
CA ALA H 46 -28.76 5.44 -20.52
C ALA H 46 -27.84 5.67 -21.75
N GLY H 47 -26.64 6.11 -21.55
CA GLY H 47 -25.68 6.33 -22.64
C GLY H 47 -25.78 7.67 -23.36
N ILE H 48 -26.54 8.57 -22.75
CA ILE H 48 -26.88 9.86 -23.46
C ILE H 48 -25.94 10.97 -23.08
N ARG H 49 -25.32 11.57 -24.09
CA ARG H 49 -24.34 12.60 -23.83
C ARG H 49 -24.74 14.00 -24.22
N GLU H 50 -25.71 14.14 -25.09
CA GLU H 50 -26.06 15.38 -25.71
C GLU H 50 -27.45 15.58 -25.24
N ILE H 51 -27.56 16.54 -24.34
CA ILE H 51 -28.80 16.77 -23.62
C ILE H 51 -29.22 18.23 -23.62
N LEU H 52 -30.50 18.50 -23.86
CA LEU H 52 -31.07 19.92 -23.77
C LEU H 52 -31.82 20.07 -22.46
N ILE H 53 -31.51 21.13 -21.73
CA ILE H 53 -32.10 21.42 -20.43
C ILE H 53 -33.08 22.57 -20.72
N ILE H 54 -34.33 22.29 -20.41
CA ILE H 54 -35.44 23.22 -20.61
C ILE H 54 -35.93 23.64 -19.27
N SER H 55 -36.07 24.94 -19.11
CA SER H 55 -36.58 25.50 -17.91
C SER H 55 -37.20 26.88 -18.12
N THR H 56 -37.56 27.55 -17.03
CA THR H 56 -38.18 28.86 -17.14
C THR H 56 -37.19 29.90 -17.51
N PRO H 57 -37.70 31.03 -18.02
CA PRO H 57 -36.81 32.15 -18.39
C PRO H 57 -35.95 32.52 -17.20
N GLN H 58 -36.52 32.52 -16.01
CA GLN H 58 -35.66 32.87 -14.89
C GLN H 58 -34.67 31.74 -14.45
N ASP H 59 -34.99 30.45 -14.61
CA ASP H 59 -34.09 29.39 -14.04
C ASP H 59 -33.05 28.85 -15.05
N THR H 60 -33.24 29.14 -16.30
CA THR H 60 -32.29 28.69 -17.36
C THR H 60 -30.89 29.24 -17.21
N PRO H 61 -30.81 30.50 -17.00
CA PRO H 61 -29.51 31.09 -16.72
C PRO H 61 -28.87 30.47 -15.54
N ARG H 62 -29.70 30.12 -14.55
CA ARG H 62 -29.19 29.51 -13.32
C ARG H 62 -28.65 28.04 -13.63
N PHE H 63 -29.37 27.29 -14.47
CA PHE H 63 -28.91 25.95 -14.75
C PHE H 63 -27.57 26.02 -15.54
N GLN H 64 -27.53 27.02 -16.41
CA GLN H 64 -26.42 27.24 -17.31
C GLN H 64 -25.24 27.63 -16.45
N GLN H 65 -25.51 28.39 -15.39
CA GLN H 65 -24.45 28.81 -14.45
C GLN H 65 -23.85 27.58 -13.79
N LEU H 66 -24.71 26.73 -13.23
CA LEU H 66 -24.26 25.51 -12.59
C LEU H 66 -23.60 24.46 -13.43
N LEU H 67 -24.07 24.24 -14.66
CA LEU H 67 -23.62 23.06 -15.46
C LEU H 67 -22.69 23.30 -16.65
N GLY H 68 -22.76 24.51 -17.14
CA GLY H 68 -21.94 24.99 -18.21
C GLY H 68 -22.28 24.27 -19.47
N ASP H 69 -21.27 24.11 -20.33
CA ASP H 69 -21.61 23.48 -21.56
C ASP H 69 -21.53 21.90 -21.47
N GLY H 70 -21.06 21.41 -20.33
CA GLY H 70 -20.90 19.99 -20.11
C GLY H 70 -19.59 19.35 -20.41
N SER H 71 -18.74 20.10 -21.07
CA SER H 71 -17.44 19.61 -21.45
C SER H 71 -16.64 19.06 -20.33
N ASN H 72 -16.79 19.61 -19.13
CA ASN H 72 -16.04 19.12 -18.04
C ASN H 72 -16.38 17.73 -17.64
N TRP H 73 -17.59 17.27 -18.02
CA TRP H 73 -18.02 15.94 -17.72
C TRP H 73 -18.14 15.12 -18.97
N GLY H 74 -17.60 15.55 -20.11
CA GLY H 74 -17.78 14.76 -21.36
C GLY H 74 -19.11 14.82 -22.08
N LEU H 75 -19.91 15.79 -21.70
CA LEU H 75 -21.20 16.00 -22.18
C LEU H 75 -21.24 17.20 -23.10
N ASP H 76 -22.36 17.31 -23.80
CA ASP H 76 -22.65 18.48 -24.63
C ASP H 76 -24.04 18.88 -24.20
N LEU H 77 -24.14 19.91 -23.38
CA LEU H 77 -25.40 20.38 -22.85
C LEU H 77 -25.71 21.66 -23.59
N GLN H 78 -26.95 21.84 -23.90
CA GLN H 78 -27.42 23.06 -24.46
C GLN H 78 -28.63 23.41 -23.60
N TYR H 79 -29.14 24.60 -23.80
CA TYR H 79 -30.21 25.10 -22.97
C TYR H 79 -31.30 25.76 -23.80
N ALA H 80 -32.54 25.72 -23.31
CA ALA H 80 -33.68 26.42 -23.86
C ALA H 80 -34.73 26.75 -22.85
N VAL H 81 -35.51 27.78 -23.17
CA VAL H 81 -36.53 28.28 -22.25
C VAL H 81 -37.93 27.82 -22.66
N GLN H 82 -38.77 27.59 -21.67
CA GLN H 82 -40.19 27.44 -21.85
C GLN H 82 -40.83 28.60 -21.05
N PRO H 83 -41.44 29.49 -21.77
CA PRO H 83 -42.07 30.70 -21.22
C PRO H 83 -43.23 30.47 -20.22
N SER H 84 -44.16 29.55 -20.51
CA SER H 84 -45.19 29.21 -19.53
C SER H 84 -45.23 27.72 -19.27
N PRO H 85 -45.57 27.27 -18.07
CA PRO H 85 -45.65 25.81 -17.76
C PRO H 85 -46.88 25.21 -18.42
N ASP H 86 -46.75 25.09 -19.73
CA ASP H 86 -47.80 24.68 -20.62
C ASP H 86 -47.88 23.20 -20.99
N GLY H 87 -47.18 22.32 -20.24
CA GLY H 87 -47.19 20.86 -20.43
C GLY H 87 -45.84 20.24 -20.81
N LEU H 88 -45.56 19.03 -20.31
CA LEU H 88 -44.30 18.34 -20.55
C LEU H 88 -44.09 18.10 -21.99
N ALA H 89 -45.18 17.98 -22.75
CA ALA H 89 -45.11 17.67 -24.14
C ALA H 89 -44.64 18.78 -25.03
N GLN H 90 -44.66 20.03 -24.56
CA GLN H 90 -44.03 21.14 -25.30
C GLN H 90 -42.53 20.95 -25.43
N ALA H 91 -41.90 20.08 -24.60
CA ALA H 91 -40.42 19.83 -24.69
C ALA H 91 -40.00 19.47 -26.10
N PHE H 92 -40.90 18.78 -26.79
CA PHE H 92 -40.68 18.27 -28.18
C PHE H 92 -40.84 19.44 -29.25
N LEU H 93 -41.69 20.41 -28.98
CA LEU H 93 -41.81 21.58 -29.83
C LEU H 93 -40.60 22.47 -29.56
N ILE H 94 -40.31 22.72 -28.30
CA ILE H 94 -39.17 23.55 -27.90
C ILE H 94 -37.87 22.91 -28.37
N GLY H 95 -37.80 21.57 -28.32
CA GLY H 95 -36.59 20.83 -28.62
C GLY H 95 -36.54 20.28 -30.01
N GLU H 96 -37.44 20.76 -30.87
CA GLU H 96 -37.57 20.21 -32.23
C GLU H 96 -36.27 20.26 -32.99
N SER H 97 -35.68 21.47 -33.01
CA SER H 97 -34.48 21.64 -33.72
C SER H 97 -33.35 20.86 -33.03
N PHE H 98 -33.39 20.73 -31.69
CA PHE H 98 -32.31 20.09 -30.96
C PHE H 98 -32.29 18.63 -31.33
N ILE H 99 -33.44 18.05 -31.47
CA ILE H 99 -33.60 16.66 -31.73
C ILE H 99 -33.30 16.31 -33.14
N GLY H 100 -33.74 17.17 -34.02
CA GLY H 100 -33.56 16.91 -35.43
C GLY H 100 -34.13 15.55 -35.77
N ASN H 101 -33.34 14.75 -36.44
CA ASN H 101 -33.85 13.45 -36.90
C ASN H 101 -33.42 12.28 -36.03
N ASP H 102 -33.14 12.57 -34.80
CA ASP H 102 -32.61 11.50 -33.96
C ASP H 102 -33.66 10.90 -32.99
N LEU H 103 -33.31 9.73 -32.40
CA LEU H 103 -34.09 9.17 -31.27
C LEU H 103 -33.96 10.10 -30.07
N SER H 104 -34.92 10.10 -29.17
CA SER H 104 -34.75 11.01 -28.01
C SER H 104 -35.24 10.36 -26.71
N ALA H 105 -34.96 11.08 -25.60
CA ALA H 105 -35.49 10.70 -24.30
C ALA H 105 -35.72 11.95 -23.47
N LEU H 106 -36.84 11.97 -22.76
CA LEU H 106 -37.23 13.08 -21.89
C LEU H 106 -37.33 12.57 -20.43
N VAL H 107 -36.71 13.26 -19.51
CA VAL H 107 -36.84 13.05 -18.08
C VAL H 107 -37.28 14.28 -17.33
N LEU H 108 -38.14 14.09 -16.35
CA LEU H 108 -38.55 15.24 -15.46
C LEU H 108 -37.39 15.56 -14.45
N GLY H 109 -37.15 16.86 -14.27
CA GLY H 109 -36.10 17.37 -13.30
C GLY H 109 -36.18 17.03 -11.87
N ASP H 110 -37.35 16.61 -11.39
CA ASP H 110 -37.50 16.26 -10.02
C ASP H 110 -37.71 14.75 -9.80
N ASN H 111 -37.34 13.92 -10.73
CA ASN H 111 -37.54 12.50 -10.52
C ASN H 111 -36.22 11.88 -10.15
N LEU H 112 -36.24 11.02 -9.20
CA LEU H 112 -35.00 10.29 -8.72
C LEU H 112 -35.24 8.80 -8.79
N TYR H 113 -34.30 8.05 -9.31
CA TYR H 113 -34.31 6.58 -9.41
C TYR H 113 -33.05 5.90 -8.74
N TYR H 114 -33.33 4.76 -8.08
CA TYR H 114 -32.28 4.02 -7.48
C TYR H 114 -32.50 2.58 -7.63
N GLY H 115 -31.42 1.82 -7.81
CA GLY H 115 -31.60 0.33 -7.76
C GLY H 115 -30.71 -0.53 -8.60
N HIS H 116 -30.71 -1.83 -8.34
CA HIS H 116 -29.73 -2.74 -8.95
C HIS H 116 -30.01 -2.99 -10.39
N ASP H 117 -28.97 -2.94 -11.21
CA ASP H 117 -29.18 -3.04 -12.67
C ASP H 117 -30.01 -1.93 -13.34
N PHE H 118 -30.16 -0.74 -12.73
CA PHE H 118 -30.90 0.37 -13.31
C PHE H 118 -30.15 0.64 -14.60
N HIS H 119 -28.86 0.42 -14.57
CA HIS H 119 -28.06 0.61 -15.75
C HIS H 119 -28.53 -0.17 -16.96
N GLU H 120 -28.75 -1.47 -16.81
CA GLU H 120 -29.26 -2.37 -17.83
C GLU H 120 -30.70 -2.14 -18.22
N LEU H 121 -31.49 -1.69 -17.26
CA LEU H 121 -32.89 -1.38 -17.49
C LEU H 121 -33.06 -0.17 -18.44
N LEU H 122 -32.30 0.88 -18.15
CA LEU H 122 -32.17 2.00 -19.04
C LEU H 122 -31.56 1.71 -20.47
N GLY H 123 -30.38 1.08 -20.51
CA GLY H 123 -29.72 0.77 -21.76
C GLY H 123 -30.62 -0.08 -22.69
N SER H 124 -31.40 -1.00 -22.11
CA SER H 124 -32.37 -1.74 -22.87
C SER H 124 -33.40 -0.87 -23.57
N ALA H 125 -34.01 0.07 -22.81
CA ALA H 125 -34.93 1.01 -23.39
C ALA H 125 -34.22 1.88 -24.41
N SER H 126 -33.05 2.38 -24.08
CA SER H 126 -32.34 3.35 -24.92
C SER H 126 -31.88 2.76 -26.22
N GLN H 127 -31.60 1.49 -26.19
CA GLN H 127 -30.99 0.86 -27.29
C GLN H 127 -32.06 0.40 -28.33
N ARG H 128 -33.32 0.36 -27.95
CA ARG H 128 -34.43 0.14 -28.86
C ARG H 128 -34.42 1.25 -29.95
N GLN H 129 -34.65 0.92 -31.25
CA GLN H 129 -34.66 1.89 -32.29
C GLN H 129 -36.06 2.27 -32.85
N THR H 130 -37.13 1.99 -32.16
CA THR H 130 -38.44 2.17 -32.64
C THR H 130 -39.45 2.28 -31.54
N GLY H 131 -40.53 2.93 -31.90
CA GLY H 131 -41.60 3.17 -30.93
C GLY H 131 -41.16 3.99 -29.71
N ALA H 132 -41.93 3.84 -28.65
CA ALA H 132 -41.69 4.54 -27.40
C ALA H 132 -41.57 3.53 -26.23
N SER H 133 -40.86 3.94 -25.18
CA SER H 133 -40.73 3.14 -23.98
C SER H 133 -40.96 4.01 -22.76
N VAL H 134 -41.74 3.43 -21.88
CA VAL H 134 -42.03 3.99 -20.56
C VAL H 134 -41.98 2.91 -19.51
N PHE H 135 -41.85 3.34 -18.25
CA PHE H 135 -41.84 2.40 -17.15
C PHE H 135 -43.04 2.63 -16.20
N ALA H 136 -43.58 1.52 -15.76
CA ALA H 136 -44.65 1.50 -14.86
C ALA H 136 -44.18 1.08 -13.47
N TYR H 137 -44.71 1.74 -12.46
CA TYR H 137 -44.23 1.45 -11.03
C TYR H 137 -45.41 1.51 -10.08
N HIS H 138 -45.48 0.44 -9.32
CA HIS H 138 -46.57 0.34 -8.32
C HIS H 138 -46.42 1.48 -7.27
N VAL H 139 -47.48 2.30 -7.01
CA VAL H 139 -47.53 3.36 -6.03
C VAL H 139 -48.87 3.31 -5.21
N LEU H 140 -48.80 3.96 -4.10
CA LEU H 140 -49.90 4.19 -3.21
C LEU H 140 -50.94 5.16 -3.78
N ASP H 141 -50.56 6.22 -4.49
CA ASP H 141 -51.50 7.26 -4.96
C ASP H 141 -51.38 7.48 -6.46
N PRO H 142 -51.85 6.53 -7.23
CA PRO H 142 -51.80 6.60 -8.68
C PRO H 142 -52.56 7.74 -9.27
N GLU H 143 -53.59 8.20 -8.55
CA GLU H 143 -54.32 9.33 -9.01
C GLU H 143 -53.45 10.53 -9.29
N ARG H 144 -52.24 10.57 -8.80
CA ARG H 144 -51.41 11.75 -9.03
C ARG H 144 -50.58 11.76 -10.30
N TYR H 145 -50.64 10.68 -11.06
CA TYR H 145 -49.73 10.44 -12.23
C TYR H 145 -50.50 9.95 -13.39
N GLY H 146 -49.81 9.72 -14.52
CA GLY H 146 -50.27 8.91 -15.60
C GLY H 146 -50.41 7.45 -15.14
N VAL H 147 -51.56 6.91 -15.38
CA VAL H 147 -51.89 5.55 -14.91
C VAL H 147 -52.07 4.54 -16.08
N VAL H 148 -51.37 3.41 -15.98
CA VAL H 148 -51.41 2.43 -17.00
C VAL H 148 -52.19 1.21 -16.48
N GLU H 149 -53.11 0.79 -17.29
CA GLU H 149 -53.89 -0.42 -17.01
C GLU H 149 -53.52 -1.60 -17.96
N PHE H 150 -53.46 -2.81 -17.38
CA PHE H 150 -53.01 -4.03 -18.07
C PHE H 150 -54.15 -5.01 -18.13
N ASP H 151 -54.24 -5.73 -19.25
CA ASP H 151 -55.17 -6.80 -19.35
C ASP H 151 -54.63 -7.99 -18.53
N GLN H 152 -55.34 -9.10 -18.58
CA GLN H 152 -55.01 -10.30 -17.84
C GLN H 152 -53.75 -10.98 -18.26
N GLY H 153 -53.28 -10.75 -19.44
CA GLY H 153 -52.00 -11.30 -19.81
C GLY H 153 -50.81 -10.38 -19.63
N GLY H 154 -50.99 -9.25 -18.93
CA GLY H 154 -49.90 -8.30 -18.72
C GLY H 154 -49.63 -7.30 -19.81
N LYS H 155 -50.54 -7.21 -20.75
CA LYS H 155 -50.48 -6.30 -21.91
C LYS H 155 -51.21 -4.92 -21.59
N ALA H 156 -50.50 -3.84 -21.76
CA ALA H 156 -51.06 -2.49 -21.54
C ALA H 156 -52.13 -2.18 -22.46
N ILE H 157 -53.30 -1.91 -21.92
CA ILE H 157 -54.43 -1.56 -22.69
C ILE H 157 -54.96 -0.08 -22.59
N SER H 158 -54.58 0.71 -21.57
CA SER H 158 -55.13 2.11 -21.49
C SER H 158 -54.23 2.96 -20.69
N LEU H 159 -54.33 4.25 -20.93
CA LEU H 159 -53.61 5.19 -20.12
C LEU H 159 -54.55 6.34 -19.74
N GLU H 160 -54.53 6.76 -18.49
CA GLU H 160 -55.26 7.94 -18.09
C GLU H 160 -54.36 8.90 -17.36
N GLU H 161 -54.57 10.22 -17.59
CA GLU H 161 -53.83 11.21 -16.87
C GLU H 161 -54.57 11.57 -15.56
N LYS H 162 -53.94 11.33 -14.42
CA LYS H 162 -54.49 11.66 -13.07
C LYS H 162 -55.97 11.35 -12.95
N PRO H 163 -56.36 10.12 -13.19
CA PRO H 163 -57.77 9.74 -13.05
C PRO H 163 -58.21 9.83 -11.55
N LEU H 164 -59.45 10.29 -11.31
CA LEU H 164 -60.02 10.25 -9.97
C LEU H 164 -60.25 8.84 -9.53
N GLU H 165 -60.49 7.98 -10.49
CA GLU H 165 -60.70 6.55 -10.18
C GLU H 165 -59.68 5.67 -10.99
N PRO H 166 -58.43 5.62 -10.54
CA PRO H 166 -57.43 4.85 -11.30
C PRO H 166 -57.75 3.45 -11.57
N LYS H 167 -57.52 3.01 -12.80
CA LYS H 167 -57.82 1.64 -13.12
C LYS H 167 -56.81 0.62 -12.57
N SER H 168 -55.72 1.10 -11.95
CA SER H 168 -54.67 0.27 -11.46
C SER H 168 -53.83 1.12 -10.49
N ASN H 169 -52.82 0.49 -9.84
CA ASN H 169 -51.96 1.22 -8.99
C ASN H 169 -50.62 1.49 -9.78
N TYR H 170 -50.62 1.32 -11.04
CA TYR H 170 -49.35 1.41 -11.78
C TYR H 170 -49.23 2.79 -12.49
N ALA H 171 -48.39 3.64 -11.92
CA ALA H 171 -48.02 4.90 -12.49
C ALA H 171 -46.88 4.88 -13.53
N VAL H 172 -46.97 5.70 -14.50
CA VAL H 172 -45.94 5.98 -15.53
C VAL H 172 -44.95 6.91 -14.93
N THR H 173 -43.70 6.45 -14.88
CA THR H 173 -42.73 7.28 -14.23
C THR H 173 -42.31 8.43 -15.12
N GLY H 174 -41.58 9.40 -14.58
CA GLY H 174 -41.07 10.50 -15.44
C GLY H 174 -39.87 10.31 -16.37
N LEU H 175 -39.79 9.20 -17.08
CA LEU H 175 -38.69 8.90 -17.99
C LEU H 175 -39.32 8.27 -19.22
N TYR H 176 -39.01 8.83 -20.41
CA TYR H 176 -39.75 8.47 -21.59
C TYR H 176 -38.71 8.35 -22.64
N PHE H 177 -38.76 7.27 -23.39
CA PHE H 177 -37.93 7.14 -24.57
C PHE H 177 -38.82 7.19 -25.89
N TYR H 178 -38.38 7.93 -26.91
CA TYR H 178 -39.08 8.00 -28.20
C TYR H 178 -38.22 7.82 -29.47
N ASP H 179 -38.93 7.30 -30.47
CA ASP H 179 -38.35 7.19 -31.83
C ASP H 179 -38.62 8.58 -32.59
N GLN H 180 -38.38 8.60 -33.89
CA GLN H 180 -38.61 9.87 -34.67
C GLN H 180 -40.03 10.30 -34.88
N GLN H 181 -40.97 9.52 -34.42
CA GLN H 181 -42.35 9.84 -34.51
C GLN H 181 -42.87 10.94 -33.52
N VAL H 182 -42.12 11.29 -32.51
CA VAL H 182 -42.68 12.05 -31.43
C VAL H 182 -42.91 13.56 -31.77
N VAL H 183 -41.95 14.17 -32.43
CA VAL H 183 -42.06 15.61 -32.71
C VAL H 183 -43.40 15.83 -33.47
N ASP H 184 -43.63 15.07 -34.54
CA ASP H 184 -44.90 15.15 -35.27
C ASP H 184 -46.13 14.84 -34.53
N ILE H 185 -46.04 13.89 -33.62
CA ILE H 185 -47.17 13.57 -32.74
C ILE H 185 -47.41 14.79 -31.85
N ALA H 186 -46.33 15.37 -31.33
CA ALA H 186 -46.40 16.54 -30.43
C ALA H 186 -47.08 17.76 -31.06
N ARG H 187 -46.63 18.06 -32.26
CA ARG H 187 -47.20 19.10 -33.10
C ARG H 187 -48.70 19.00 -33.31
N ASP H 188 -49.27 17.80 -33.37
CA ASP H 188 -50.69 17.68 -33.56
C ASP H 188 -51.46 17.68 -32.24
N LEU H 189 -50.76 17.61 -31.12
CA LEU H 189 -51.44 17.67 -29.85
C LEU H 189 -52.18 19.02 -29.62
N LYS H 190 -53.30 18.92 -28.92
CA LYS H 190 -54.14 20.04 -28.50
C LYS H 190 -54.21 20.10 -26.99
N PRO H 191 -54.32 21.29 -26.42
CA PRO H 191 -54.37 21.46 -24.96
C PRO H 191 -55.50 20.68 -24.39
N SER H 192 -55.25 20.07 -23.22
CA SER H 192 -56.25 19.29 -22.52
C SER H 192 -57.13 20.21 -21.64
N PRO H 193 -58.20 19.64 -21.07
CA PRO H 193 -59.06 20.40 -20.15
C PRO H 193 -58.17 21.01 -19.09
N ARG H 194 -57.26 20.22 -18.50
CA ARG H 194 -56.25 20.66 -17.54
C ARG H 194 -55.53 21.93 -18.02
N GLY H 195 -55.42 22.12 -19.34
CA GLY H 195 -54.70 23.24 -19.91
C GLY H 195 -53.27 22.96 -20.45
N GLU H 196 -52.91 21.70 -20.63
CA GLU H 196 -51.51 21.44 -21.00
C GLU H 196 -51.35 20.54 -22.20
N LEU H 197 -50.21 20.60 -22.92
CA LEU H 197 -49.91 19.57 -23.92
C LEU H 197 -49.40 18.35 -23.09
N GLU H 198 -50.17 17.28 -23.09
CA GLU H 198 -49.95 16.14 -22.14
C GLU H 198 -49.05 15.03 -22.65
N ILE H 199 -48.10 14.66 -21.82
CA ILE H 199 -47.18 13.61 -22.24
C ILE H 199 -48.05 12.34 -22.42
N THR H 200 -49.03 12.15 -21.54
CA THR H 200 -49.87 11.01 -21.63
C THR H 200 -50.56 10.91 -22.95
N ASP H 201 -50.88 12.03 -23.60
CA ASP H 201 -51.51 11.94 -24.92
C ASP H 201 -50.52 11.43 -26.03
N VAL H 202 -49.25 11.82 -25.88
CA VAL H 202 -48.20 11.39 -26.77
C VAL H 202 -48.14 9.85 -26.59
N ASN H 203 -47.90 9.41 -25.35
CA ASN H 203 -47.92 7.97 -25.05
C ASN H 203 -49.14 7.15 -25.61
N ARG H 204 -50.37 7.61 -25.40
CA ARG H 204 -51.55 6.93 -25.90
C ARG H 204 -51.47 6.85 -27.48
N ALA H 205 -50.89 7.87 -28.11
CA ALA H 205 -50.81 7.82 -29.56
C ALA H 205 -49.88 6.64 -30.03
N TYR H 206 -48.81 6.38 -29.29
CA TYR H 206 -47.97 5.27 -29.55
C TYR H 206 -48.75 3.98 -29.26
N LEU H 207 -49.50 3.95 -28.14
CA LEU H 207 -50.19 2.77 -27.73
C LEU H 207 -51.20 2.37 -28.81
N GLU H 208 -51.86 3.35 -29.37
CA GLU H 208 -52.91 3.09 -30.38
C GLU H 208 -52.27 2.49 -31.65
N ARG H 209 -50.98 2.73 -31.84
CA ARG H 209 -50.32 2.18 -32.99
C ARG H 209 -49.64 0.87 -32.69
N GLY H 210 -49.80 0.32 -31.49
CA GLY H 210 -49.10 -0.89 -31.06
C GLY H 210 -47.61 -0.67 -30.87
N GLN H 211 -47.16 0.56 -30.59
CA GLN H 211 -45.73 0.83 -30.57
C GLN H 211 -45.25 1.45 -29.26
N LEU H 212 -46.03 1.25 -28.21
CA LEU H 212 -45.63 1.55 -26.85
C LEU H 212 -45.23 0.36 -26.05
N SER H 213 -43.99 0.34 -25.64
CA SER H 213 -43.48 -0.66 -24.77
C SER H 213 -43.56 -0.09 -23.33
N VAL H 214 -44.24 -0.77 -22.48
CA VAL H 214 -44.38 -0.44 -21.07
C VAL H 214 -43.67 -1.53 -20.34
N GLU H 215 -42.54 -1.17 -19.72
CA GLU H 215 -41.81 -2.10 -18.94
C GLU H 215 -42.12 -1.80 -17.46
N ILE H 216 -42.25 -2.85 -16.71
CA ILE H 216 -42.43 -2.79 -15.26
C ILE H 216 -41.12 -2.45 -14.58
N MET H 217 -41.12 -1.40 -13.76
CA MET H 217 -39.97 -1.18 -12.87
C MET H 217 -40.41 -1.81 -11.60
N GLY H 218 -39.72 -2.89 -11.19
CA GLY H 218 -40.02 -3.65 -10.00
C GLY H 218 -39.96 -2.88 -8.64
N ARG H 219 -40.51 -3.50 -7.62
CA ARG H 219 -40.53 -2.86 -6.34
C ARG H 219 -39.14 -2.83 -5.70
N GLY H 220 -38.23 -3.64 -6.21
CA GLY H 220 -36.81 -3.49 -5.84
C GLY H 220 -36.09 -2.27 -6.27
N TYR H 221 -36.72 -1.44 -7.05
CA TYR H 221 -36.20 -0.13 -7.36
C TYR H 221 -36.97 0.90 -6.56
N ALA H 222 -36.28 2.00 -6.24
CA ALA H 222 -36.88 3.19 -5.68
C ALA H 222 -37.06 4.27 -6.78
N TRP H 223 -38.31 4.70 -7.01
CA TRP H 223 -38.66 5.82 -7.73
C TRP H 223 -39.29 6.79 -6.76
N LEU H 224 -38.62 7.88 -6.54
CA LEU H 224 -39.09 8.95 -5.74
C LEU H 224 -39.26 10.23 -6.53
N ASP H 225 -40.27 10.95 -6.20
CA ASP H 225 -40.37 12.32 -6.73
C ASP H 225 -40.37 13.32 -5.50
N THR H 226 -39.81 14.48 -5.74
CA THR H 226 -39.52 15.46 -4.79
C THR H 226 -40.45 16.63 -4.91
N GLY H 227 -41.70 16.32 -5.16
CA GLY H 227 -42.67 17.35 -5.35
C GLY H 227 -43.29 18.02 -4.16
N THR H 228 -43.24 17.43 -2.96
CA THR H 228 -43.80 18.04 -1.82
C THR H 228 -42.72 18.25 -0.74
N HIS H 229 -43.03 19.05 0.24
CA HIS H 229 -42.03 19.26 1.31
C HIS H 229 -41.77 17.87 1.90
N ASP H 230 -42.82 17.10 2.16
CA ASP H 230 -42.59 15.77 2.77
C ASP H 230 -41.73 14.88 1.91
N SER H 231 -42.02 14.73 0.60
CA SER H 231 -41.23 13.86 -0.25
C SER H 231 -39.78 14.27 -0.45
N LEU H 232 -39.54 15.57 -0.45
CA LEU H 232 -38.20 16.03 -0.59
C LEU H 232 -37.42 15.62 0.64
N LEU H 233 -38.01 15.76 1.83
CA LEU H 233 -37.35 15.32 3.07
C LEU H 233 -37.05 13.82 3.03
N GLU H 234 -38.07 13.01 2.68
CA GLU H 234 -37.90 11.52 2.56
C GLU H 234 -36.87 11.13 1.56
N ALA H 235 -36.82 11.83 0.40
CA ALA H 235 -35.82 11.49 -0.63
C ALA H 235 -34.42 11.87 -0.07
N GLY H 236 -34.26 13.03 0.54
CA GLY H 236 -32.88 13.31 1.10
C GLY H 236 -32.46 12.31 2.19
N GLN H 237 -33.37 11.97 3.08
CA GLN H 237 -33.08 10.94 4.07
C GLN H 237 -32.68 9.59 3.48
N PHE H 238 -33.39 9.22 2.45
CA PHE H 238 -33.12 7.98 1.65
C PHE H 238 -31.72 7.97 1.03
N ILE H 239 -31.34 9.01 0.32
CA ILE H 239 -30.01 9.16 -0.24
C ILE H 239 -28.94 9.14 0.85
N ALA H 240 -29.21 9.79 2.02
CA ALA H 240 -28.26 9.92 3.05
C ALA H 240 -27.94 8.53 3.68
N THR H 241 -28.99 7.78 3.88
CA THR H 241 -28.87 6.48 4.43
C THR H 241 -28.01 5.54 3.56
N LEU H 242 -28.32 5.48 2.26
CA LEU H 242 -27.54 4.70 1.38
C LEU H 242 -26.05 5.15 1.40
N GLU H 243 -25.86 6.44 1.25
CA GLU H 243 -24.54 6.98 1.05
C GLU H 243 -23.64 6.86 2.27
N ASN H 244 -24.17 7.10 3.45
CA ASN H 244 -23.50 7.02 4.70
C ASN H 244 -23.19 5.52 5.00
N ARG H 245 -24.08 4.61 4.57
CA ARG H 245 -23.81 3.16 4.67
C ARG H 245 -22.69 2.67 3.75
N GLN H 246 -22.80 3.08 2.51
CA GLN H 246 -21.86 2.62 1.52
C GLN H 246 -20.46 3.21 1.42
N GLY H 247 -20.36 4.48 1.84
CA GLY H 247 -19.26 5.35 1.54
C GLY H 247 -19.15 5.60 0.05
N LEU H 248 -20.25 5.48 -0.69
CA LEU H 248 -20.35 5.77 -2.09
C LEU H 248 -21.48 6.79 -2.36
N LYS H 249 -21.47 7.39 -3.51
CA LYS H 249 -22.50 8.38 -3.79
C LYS H 249 -23.50 7.83 -4.81
N VAL H 250 -24.76 8.22 -4.67
CA VAL H 250 -25.79 8.01 -5.60
C VAL H 250 -25.90 9.13 -6.55
N ALA H 251 -25.86 8.82 -7.83
CA ALA H 251 -26.02 9.83 -8.92
C ALA H 251 -25.02 10.99 -8.98
N CYS H 252 -23.70 10.68 -8.87
CA CYS H 252 -22.62 11.59 -8.98
C CYS H 252 -22.19 11.64 -10.46
N PRO H 253 -22.50 12.70 -11.12
CA PRO H 253 -22.18 12.73 -12.62
C PRO H 253 -20.67 12.58 -12.88
N GLU H 254 -19.78 13.21 -12.09
CA GLU H 254 -18.35 13.08 -12.31
C GLU H 254 -17.97 11.63 -12.32
N GLU H 255 -18.44 10.90 -11.35
CA GLU H 255 -18.20 9.44 -11.29
C GLU H 255 -18.70 8.68 -12.48
N ILE H 256 -19.90 8.97 -12.87
CA ILE H 256 -20.46 8.26 -14.01
C ILE H 256 -19.66 8.54 -15.28
N ALA H 257 -19.41 9.80 -15.58
CA ALA H 257 -18.59 10.14 -16.73
C ALA H 257 -17.24 9.43 -16.73
N TYR H 258 -16.57 9.33 -15.59
CA TYR H 258 -15.32 8.60 -15.46
C TYR H 258 -15.48 7.09 -15.72
N ARG H 259 -16.52 6.51 -15.15
CA ARG H 259 -16.78 5.07 -15.36
C ARG H 259 -17.09 4.74 -16.88
N GLN H 260 -17.77 5.64 -17.55
CA GLN H 260 -18.12 5.42 -18.90
C GLN H 260 -16.97 5.79 -19.82
N LYS H 261 -15.84 6.20 -19.24
CA LYS H 261 -14.72 6.65 -20.08
C LYS H 261 -15.02 7.95 -20.88
N TRP H 262 -15.90 8.81 -20.39
CA TRP H 262 -16.17 10.06 -21.05
C TRP H 262 -15.17 11.14 -20.56
N ILE H 263 -14.49 10.90 -19.47
CA ILE H 263 -13.42 11.81 -19.07
C ILE H 263 -12.36 10.88 -18.53
N ASP H 264 -11.08 11.32 -18.53
CA ASP H 264 -9.99 10.49 -18.01
C ASP H 264 -9.51 10.87 -16.64
N ALA H 265 -8.50 10.12 -16.18
CA ALA H 265 -7.93 10.32 -14.85
C ALA H 265 -7.51 11.76 -14.57
N ALA H 266 -6.82 12.40 -15.51
CA ALA H 266 -6.37 13.75 -15.29
C ALA H 266 -7.52 14.66 -15.22
N GLN H 267 -8.46 14.45 -16.12
CA GLN H 267 -9.64 15.31 -16.12
C GLN H 267 -10.35 15.14 -14.78
N LEU H 268 -10.49 13.92 -14.29
CA LEU H 268 -11.20 13.83 -13.04
C LEU H 268 -10.46 14.50 -11.88
N GLU H 269 -9.17 14.31 -11.82
CA GLU H 269 -8.33 14.92 -10.78
C GLU H 269 -8.53 16.43 -10.79
N LYS H 270 -8.72 17.01 -11.97
CA LYS H 270 -8.87 18.47 -12.06
C LYS H 270 -10.23 18.90 -11.53
N LEU H 271 -11.21 18.04 -11.60
CA LEU H 271 -12.52 18.43 -11.18
C LEU H 271 -12.59 18.32 -9.71
N ALA H 272 -11.78 17.42 -9.14
CA ALA H 272 -11.77 17.19 -7.73
C ALA H 272 -11.18 18.34 -6.92
N ALA H 273 -10.08 18.88 -7.38
CA ALA H 273 -9.28 19.91 -6.68
C ALA H 273 -10.06 21.05 -6.06
N PRO H 274 -10.84 21.76 -6.86
CA PRO H 274 -11.66 22.88 -6.35
C PRO H 274 -12.59 22.45 -5.21
N LEU H 275 -12.87 21.16 -5.20
CA LEU H 275 -13.74 20.62 -4.20
C LEU H 275 -12.98 19.95 -3.06
N ALA H 276 -11.68 19.89 -3.17
CA ALA H 276 -10.82 19.15 -2.26
C ALA H 276 -11.06 19.38 -0.78
N LYS H 277 -11.51 20.58 -0.41
CA LYS H 277 -11.81 20.92 1.00
C LYS H 277 -13.05 20.21 1.56
N ASN H 278 -13.88 19.66 0.68
CA ASN H 278 -15.14 19.02 1.14
C ASN H 278 -15.20 17.54 0.83
N GLY H 279 -16.23 16.92 1.36
CA GLY H 279 -16.39 15.49 1.18
C GLY H 279 -16.54 15.11 -0.30
N TYR H 280 -17.14 15.99 -1.09
CA TYR H 280 -17.47 15.64 -2.50
C TYR H 280 -16.18 15.59 -3.29
N GLY H 281 -15.32 16.56 -3.08
CA GLY H 281 -14.04 16.61 -3.79
C GLY H 281 -13.20 15.40 -3.33
N GLN H 282 -13.32 15.07 -2.06
CA GLN H 282 -12.49 13.92 -1.54
C GLN H 282 -12.98 12.62 -2.15
N TYR H 283 -14.28 12.52 -2.37
CA TYR H 283 -14.91 11.36 -2.94
C TYR H 283 -14.40 11.23 -4.40
N LEU H 284 -14.32 12.30 -5.11
CA LEU H 284 -13.81 12.22 -6.46
C LEU H 284 -12.34 11.78 -6.54
N LYS H 285 -11.53 12.26 -5.64
CA LYS H 285 -10.15 11.87 -5.52
C LYS H 285 -10.00 10.41 -5.20
N ARG H 286 -10.76 9.94 -4.22
CA ARG H 286 -10.80 8.53 -3.91
C ARG H 286 -11.16 7.58 -5.09
N LEU H 287 -12.14 7.89 -5.88
CA LEU H 287 -12.39 7.08 -7.08
C LEU H 287 -11.11 6.83 -7.97
N LEU H 288 -10.09 7.65 -7.80
CA LEU H 288 -8.91 7.48 -8.69
C LEU H 288 -8.11 6.28 -8.30
N THR H 289 -8.09 5.96 -7.03
CA THR H 289 -7.28 4.89 -6.56
C THR H 289 -8.07 3.82 -5.87
N GLU H 290 -9.32 3.66 -6.22
CA GLU H 290 -10.19 2.62 -5.62
C GLU H 290 -10.96 1.86 -6.66
N THR H 291 -10.92 0.56 -6.67
CA THR H 291 -11.74 -0.15 -7.65
C THR H 291 -13.18 -0.32 -7.01
N VAL H 292 -14.25 0.00 -7.73
CA VAL H 292 -15.63 -0.19 -7.23
C VAL H 292 -16.42 -1.08 -8.19
N TYR H 293 -16.86 -2.27 -7.74
CA TYR H 293 -17.57 -3.11 -8.59
C TYR H 293 -19.01 -2.75 -8.72
S SO4 I . 60.48 -13.06 -10.65
O1 SO4 I . 59.83 -11.86 -10.93
O2 SO4 I . 61.58 -12.79 -9.74
O3 SO4 I . 59.71 -14.01 -9.98
O4 SO4 I . 61.02 -13.62 -11.86
S SO4 J . 71.61 -21.90 -2.33
O1 SO4 J . 70.28 -21.97 -2.88
O2 SO4 J . 72.60 -22.37 -3.30
O3 SO4 J . 71.97 -20.56 -1.86
O4 SO4 J . 71.57 -22.73 -1.13
S SO4 K . 12.32 -2.66 -12.21
O1 SO4 K . 13.38 -2.47 -13.17
O2 SO4 K . 11.25 -3.08 -13.01
O3 SO4 K . 12.59 -3.66 -11.26
O4 SO4 K . 11.95 -1.54 -11.49
S SO4 L . -2.53 -8.89 -8.54
O1 SO4 L . -3.48 -9.12 -9.59
O2 SO4 L . -1.53 -8.18 -9.24
O3 SO4 L . -2.99 -8.02 -7.46
O4 SO4 L . -2.18 -10.20 -8.11
S SO4 M . 55.31 -24.71 -15.69
O1 SO4 M . 54.21 -25.26 -15.13
O2 SO4 M . 55.48 -25.45 -16.88
O3 SO4 M . 55.15 -23.39 -16.14
O4 SO4 M . 56.40 -24.85 -14.81
S SO4 N . 72.01 -18.57 -33.68
O1 SO4 N . 70.59 -18.65 -34.06
O2 SO4 N . 72.85 -18.52 -34.88
O3 SO4 N . 72.35 -17.38 -32.88
O4 SO4 N . 72.32 -19.81 -32.99
S SO4 O . 41.84 13.31 -28.08
O1 SO4 O . 41.34 11.92 -28.14
O2 SO4 O . 43.00 13.30 -29.10
O3 SO4 O . 40.75 14.14 -28.60
O4 SO4 O . 42.17 13.75 -26.74
S SO4 P . 14.97 -1.86 1.22
O1 SO4 P . 15.77 -2.81 1.75
O2 SO4 P . 14.89 -0.97 2.28
O3 SO4 P . 15.61 -1.19 0.11
O4 SO4 P . 13.75 -2.42 0.82
S SO4 Q . 5.16 20.97 -3.57
O1 SO4 Q . 4.91 20.51 -4.98
O2 SO4 Q . 6.38 21.71 -3.59
O3 SO4 Q . 4.10 21.82 -3.03
O4 SO4 Q . 5.43 19.87 -2.68
S SO4 R . 15.71 14.25 19.45
O1 SO4 R . 14.40 13.65 19.24
O2 SO4 R . 15.59 15.29 18.42
O3 SO4 R . 15.97 14.94 20.69
O4 SO4 R . 16.73 13.22 19.19
S SO4 S . -25.57 -2.11 -9.22
O1 SO4 S . -25.22 -0.79 -9.04
O2 SO4 S . -24.30 -2.83 -9.40
O3 SO4 S . -26.19 -2.71 -8.08
O4 SO4 S . -26.28 -2.27 -10.41
S SO4 T . -41.33 -13.50 28.62
O1 SO4 T . -42.15 -13.80 29.77
O2 SO4 T . -40.67 -14.79 28.39
O3 SO4 T . -42.13 -13.04 27.46
O4 SO4 T . -40.26 -12.46 28.97
S SO4 U . -21.76 -27.47 -8.59
O1 SO4 U . -23.05 -27.40 -7.91
O2 SO4 U . -21.12 -28.81 -8.23
O3 SO4 U . -22.17 -27.40 -10.00
O4 SO4 U . -20.85 -26.39 -8.25
S SO4 V . -45.01 29.06 23.74
O1 SO4 V . -44.91 29.18 22.39
O2 SO4 V . -46.33 29.48 24.09
O3 SO4 V . -44.96 27.69 24.16
O4 SO4 V . -44.10 29.87 24.47
S SO4 W . -56.68 24.88 46.63
O1 SO4 W . -57.13 25.11 45.31
O2 SO4 W . -56.71 26.22 47.31
O3 SO4 W . -57.62 24.01 47.40
O4 SO4 W . -55.33 24.43 46.48
S SO4 X . -34.96 23.25 31.07
O1 SO4 X . -34.73 21.89 30.81
O2 SO4 X . -33.95 23.86 31.79
O3 SO4 X . -34.91 23.98 29.84
O4 SO4 X . -36.20 23.59 31.77
S SO4 Y . -29.27 34.48 -9.55
O1 SO4 Y . -30.60 34.22 -10.05
O2 SO4 Y . -28.90 35.69 -10.25
O3 SO4 Y . -29.33 34.90 -8.19
O4 SO4 Y . -28.31 33.38 -9.71
S SO4 Z . -29.84 38.31 35.11
O1 SO4 Z . -31.04 39.08 35.28
O2 SO4 Z . -28.67 39.00 34.55
O3 SO4 Z . -29.38 38.02 36.45
O4 SO4 Z . -30.17 37.19 34.33
S SO4 AA . -38.27 -6.90 -7.78
O1 SO4 AA . -38.88 -6.85 -6.52
O2 SO4 AA . -39.27 -7.30 -8.67
O3 SO4 AA . -37.86 -5.63 -8.18
O4 SO4 AA . -37.23 -7.83 -7.90
S SO4 BA . -46.04 22.66 -8.55
O1 SO4 BA . -47.38 22.12 -8.17
O2 SO4 BA . -46.09 24.01 -9.13
O3 SO4 BA . -45.15 22.79 -7.38
O4 SO4 BA . -45.53 21.71 -9.56
#